data_3ME6
#
_entry.id   3ME6
#
_cell.length_a   234.490
_cell.length_b   234.490
_cell.length_c   57.320
_cell.angle_alpha   90.000
_cell.angle_beta   90.000
_cell.angle_gamma   120.000
#
_symmetry.space_group_name_H-M   'P 3'
#
loop_
_entity.id
_entity.type
_entity.pdbx_description
1 polymer 'Cytochrome P450 2B4'
2 non-polymer 'PROTOPORPHYRIN IX CONTAINING FE'
3 non-polymer Clopidogrel
4 water water
#
_entity_poly.entity_id   1
_entity_poly.type   'polypeptide(L)'
_entity_poly.pdbx_seq_one_letter_code
;MAKKTSSKGKLPPGPSPLPVLGNLLQMDRKGLLRSFLRLREKYGDVFTVYLGSRPVVVLCGTDAIREALVDQAEAFSGRG
KIAVVDPIFQGYGVIFANGERWRALRRFSLATMRDFGMGKRSVEERIQEEARCLVEELRKSKGALLDNTLLFHSITSNII
CSIVFGKRFDYKDPVFLRLLDLFFQSFSLISSFSSQVFELFSGFLKYFPGTHRQIYRNLQEINTFIGQSVEKHRATLDPS
NPRDFIDVYLLRMEKDKSDPSSEFHHQNLILTVLSLFFAGTETTSTTLRYGFLLMLKYPHVTERVQKEIEQVIGSHRPPA
LDDRAKMPYTDAVIHEIQRLGDLIPFGVPHTVTKDTQFRGYVIPKNTEVFPVLSSALHDPRYFETPNTFNPGHFLDANGA
LKRNEGFMPFSLGKRICLGEGIARTELFLFFTTILQNFSIASPVPPEDIDLTPRESGVGNVPPSYQIRFLARHHHH
;
_entity_poly.pdbx_strand_id   A,B,C,D
#
loop_
_chem_comp.id
_chem_comp.type
_chem_comp.name
_chem_comp.formula
CGE non-polymer Clopidogrel 'C16 H16 Cl N O2 S'
HEM non-polymer 'PROTOPORPHYRIN IX CONTAINING FE' 'C34 H32 Fe N4 O4'
#
# COMPACT_ATOMS: atom_id res chain seq x y z
N GLY A 9 -52.58 23.90 23.58
CA GLY A 9 -51.75 22.67 23.49
C GLY A 9 -51.23 22.21 24.85
N LYS A 10 -50.52 21.08 24.85
CA LYS A 10 -50.07 20.46 26.10
C LYS A 10 -48.54 20.54 26.39
N LEU A 11 -48.19 20.52 27.69
CA LEU A 11 -46.82 20.19 28.15
C LEU A 11 -46.67 18.68 28.13
N PRO A 12 -45.45 18.18 27.85
CA PRO A 12 -45.29 16.73 27.81
C PRO A 12 -45.78 16.14 29.12
N PRO A 13 -45.93 14.80 29.19
CA PRO A 13 -46.44 14.04 30.33
C PRO A 13 -45.44 14.12 31.47
N GLY A 14 -45.78 13.67 32.68
CA GLY A 14 -44.79 13.64 33.75
C GLY A 14 -45.44 13.80 35.10
N PRO A 15 -44.70 13.54 36.19
CA PRO A 15 -45.34 13.46 37.49
C PRO A 15 -45.86 14.83 37.93
N SER A 16 -46.67 14.80 39.00
CA SER A 16 -47.46 15.93 39.49
C SER A 16 -46.74 16.79 40.55
N PRO A 17 -46.54 18.07 40.23
CA PRO A 17 -45.71 18.90 41.07
C PRO A 17 -46.43 19.46 42.31
N LEU A 18 -45.87 19.19 43.49
CA LEU A 18 -46.19 19.99 44.69
C LEU A 18 -45.58 21.40 44.45
N PRO A 19 -46.41 22.48 44.43
CA PRO A 19 -45.68 23.72 44.17
C PRO A 19 -44.70 24.12 45.28
N VAL A 20 -43.68 24.86 44.86
CA VAL A 20 -42.44 25.10 45.59
C VAL A 20 -41.49 23.85 45.59
N LEU A 21 -41.98 22.70 46.06
CA LEU A 21 -41.17 21.46 46.02
C LEU A 21 -41.06 20.71 44.68
N GLY A 22 -41.89 21.09 43.72
CA GLY A 22 -41.89 20.51 42.38
C GLY A 22 -42.00 19.00 42.37
N ASN A 23 -40.91 18.31 42.05
CA ASN A 23 -40.92 16.87 41.94
C ASN A 23 -39.89 16.20 42.79
N LEU A 24 -39.49 16.87 43.86
CA LEU A 24 -38.48 16.37 44.78
C LEU A 24 -38.69 14.89 45.15
N LEU A 25 -39.93 14.44 45.23
CA LEU A 25 -40.23 13.09 45.76
C LEU A 25 -40.25 12.00 44.69
N GLN A 26 -40.10 12.39 43.42
CA GLN A 26 -40.02 11.44 42.33
C GLN A 26 -38.59 11.35 41.77
N MET A 27 -37.65 11.95 42.50
CA MET A 27 -36.26 12.00 42.09
C MET A 27 -35.53 10.89 42.81
N ASP A 28 -34.22 10.84 42.67
CA ASP A 28 -33.45 9.75 43.19
C ASP A 28 -32.19 10.24 43.85
N ARG A 29 -31.88 9.67 45.02
CA ARG A 29 -30.76 10.12 45.85
C ARG A 29 -29.43 10.08 45.08
N LYS A 30 -29.39 9.33 43.97
CA LYS A 30 -28.17 9.25 43.12
C LYS A 30 -27.80 10.56 42.44
N GLY A 31 -28.66 11.06 41.55
CA GLY A 31 -28.43 12.38 41.00
C GLY A 31 -29.44 12.84 39.98
N LEU A 32 -29.12 13.92 39.29
CA LEU A 32 -30.01 14.45 38.30
C LEU A 32 -30.20 13.55 37.09
N LEU A 33 -29.18 12.73 36.81
CA LEU A 33 -29.18 11.91 35.59
C LEU A 33 -29.94 10.61 35.81
N ARG A 34 -29.66 9.98 36.96
CA ARG A 34 -30.36 8.79 37.38
C ARG A 34 -31.85 9.08 37.47
N SER A 35 -32.14 10.25 38.04
CA SER A 35 -33.47 10.73 38.25
C SER A 35 -34.19 10.84 36.95
N PHE A 36 -33.63 11.55 35.96
CA PHE A 36 -34.29 11.67 34.64
C PHE A 36 -34.47 10.32 33.96
N LEU A 37 -33.49 9.43 34.13
CA LEU A 37 -33.52 8.21 33.34
C LEU A 37 -34.52 7.27 33.95
N ARG A 38 -34.62 7.30 35.28
CA ARG A 38 -35.67 6.56 35.98
C ARG A 38 -37.10 7.01 35.60
N LEU A 39 -37.29 8.26 35.19
CA LEU A 39 -38.61 8.70 34.73
C LEU A 39 -38.79 8.37 33.27
N ARG A 40 -37.72 8.43 32.50
CA ARG A 40 -37.80 8.04 31.10
C ARG A 40 -38.59 6.73 31.01
N GLU A 41 -38.36 5.83 31.98
CA GLU A 41 -39.02 4.49 32.09
C GLU A 41 -40.54 4.55 31.97
N LYS A 42 -41.14 5.41 32.81
CA LYS A 42 -42.58 5.70 32.95
C LYS A 42 -43.17 6.57 31.82
N TYR A 43 -42.59 7.73 31.59
CA TYR A 43 -43.28 8.74 30.81
C TYR A 43 -42.88 8.85 29.32
N GLY A 44 -41.87 8.08 28.92
CA GLY A 44 -41.43 8.06 27.51
C GLY A 44 -40.14 8.80 27.27
N ASP A 45 -39.98 9.30 26.05
CA ASP A 45 -38.74 9.95 25.63
C ASP A 45 -38.70 11.46 25.82
N VAL A 46 -39.84 12.10 25.69
CA VAL A 46 -40.00 13.53 25.95
C VAL A 46 -40.86 13.64 27.18
N PHE A 47 -40.52 14.50 28.11
CA PHE A 47 -41.31 14.58 29.34
C PHE A 47 -40.93 15.75 30.22
N THR A 48 -41.74 15.98 31.24
CA THR A 48 -41.65 17.22 31.97
C THR A 48 -41.49 16.95 33.42
N VAL A 49 -40.62 17.73 34.06
CA VAL A 49 -40.34 17.54 35.46
C VAL A 49 -40.19 18.92 36.07
N TYR A 50 -40.26 18.96 37.39
CA TYR A 50 -40.33 20.20 38.14
C TYR A 50 -39.19 20.39 39.12
N LEU A 51 -38.26 21.22 38.70
CA LEU A 51 -37.11 21.46 39.50
C LEU A 51 -37.46 22.76 40.14
N GLY A 52 -37.70 22.71 41.46
CA GLY A 52 -38.30 23.83 42.19
C GLY A 52 -39.69 24.14 41.64
N SER A 53 -39.91 25.41 41.26
CA SER A 53 -41.20 25.81 40.64
C SER A 53 -41.12 25.84 39.12
N ARG A 54 -39.93 25.55 38.59
CA ARG A 54 -39.58 25.66 37.18
C ARG A 54 -39.87 24.37 36.41
N PRO A 55 -40.64 24.47 35.30
CA PRO A 55 -40.81 23.29 34.44
C PRO A 55 -39.64 23.13 33.42
N VAL A 56 -39.19 21.87 33.22
CA VAL A 56 -38.23 21.54 32.16
C VAL A 56 -38.70 20.37 31.32
N VAL A 57 -38.76 20.59 30.02
CA VAL A 57 -38.98 19.53 29.07
C VAL A 57 -37.65 18.75 28.98
N VAL A 58 -37.73 17.42 29.02
CA VAL A 58 -36.53 16.58 28.98
C VAL A 58 -36.48 15.63 27.80
N LEU A 59 -35.39 15.65 27.06
CA LEU A 59 -35.29 14.90 25.80
C LEU A 59 -34.36 13.69 25.90
N CYS A 60 -34.81 12.55 25.40
CA CYS A 60 -34.08 11.27 25.52
C CYS A 60 -33.95 10.41 24.29
N GLY A 61 -32.78 9.81 24.14
CA GLY A 61 -32.52 8.99 22.99
C GLY A 61 -32.14 9.86 21.81
N THR A 62 -31.39 9.25 20.91
CA THR A 62 -30.93 9.87 19.69
C THR A 62 -32.08 10.61 19.02
N ASP A 63 -33.19 9.91 18.80
CA ASP A 63 -34.30 10.38 17.92
C ASP A 63 -35.04 11.60 18.45
N ALA A 64 -35.47 11.57 19.72
CA ALA A 64 -35.92 12.80 20.39
C ALA A 64 -34.99 14.04 20.27
N ILE A 65 -33.72 13.90 20.69
CA ILE A 65 -32.75 14.99 20.66
C ILE A 65 -32.63 15.48 19.22
N ARG A 66 -32.52 14.57 18.27
CA ARG A 66 -32.23 15.00 16.91
C ARG A 66 -33.39 15.77 16.33
N GLU A 67 -34.60 15.32 16.65
CA GLU A 67 -35.84 15.98 16.20
C GLU A 67 -35.84 17.42 16.66
N ALA A 68 -35.59 17.62 17.96
CA ALA A 68 -35.51 18.94 18.53
C ALA A 68 -34.29 19.76 18.00
N LEU A 69 -33.06 19.35 18.32
CA LEU A 69 -31.92 20.20 18.05
C LEU A 69 -31.63 20.45 16.57
N VAL A 70 -31.99 19.50 15.71
CA VAL A 70 -31.64 19.62 14.26
C VAL A 70 -32.78 19.96 13.28
N ASP A 71 -33.96 19.41 13.57
CA ASP A 71 -35.18 19.64 12.80
C ASP A 71 -35.89 20.92 13.18
N GLN A 72 -35.67 21.39 14.41
CA GLN A 72 -36.27 22.64 14.86
C GLN A 72 -35.09 23.36 15.49
N ALA A 73 -34.14 23.63 14.58
CA ALA A 73 -32.84 24.19 14.86
C ALA A 73 -32.94 25.50 15.63
N GLU A 74 -33.60 26.49 15.02
CA GLU A 74 -33.69 27.82 15.63
C GLU A 74 -34.53 27.72 16.87
N ALA A 75 -35.67 27.04 16.74
CA ALA A 75 -36.58 26.91 17.86
C ALA A 75 -35.87 26.52 19.14
N PHE A 76 -34.83 25.71 19.02
CA PHE A 76 -34.22 25.13 20.21
C PHE A 76 -32.87 25.71 20.47
N SER A 77 -32.57 26.81 19.80
CA SER A 77 -31.26 27.42 19.89
C SER A 77 -30.96 28.20 21.18
N GLY A 78 -31.95 28.39 22.04
CA GLY A 78 -31.75 29.19 23.22
C GLY A 78 -31.03 28.47 24.34
N ARG A 79 -30.20 29.21 25.08
CA ARG A 79 -29.51 28.66 26.26
C ARG A 79 -30.27 28.85 27.60
N GLY A 80 -30.24 27.85 28.49
CA GLY A 80 -30.71 27.96 29.88
C GLY A 80 -29.59 28.41 30.78
N LYS A 81 -29.71 28.18 32.09
CA LYS A 81 -28.57 28.49 32.99
C LYS A 81 -28.25 27.48 34.14
N ILE A 82 -26.97 27.43 34.51
CA ILE A 82 -26.52 26.54 35.57
C ILE A 82 -26.60 27.38 36.84
N ALA A 83 -27.62 27.16 37.63
CA ALA A 83 -27.77 28.01 38.82
C ALA A 83 -26.48 28.28 39.62
N VAL A 84 -25.63 27.28 39.75
CA VAL A 84 -24.39 27.47 40.51
C VAL A 84 -23.44 28.50 39.91
N VAL A 85 -23.52 28.70 38.62
CA VAL A 85 -22.60 29.67 38.03
C VAL A 85 -23.28 30.87 37.40
N ASP A 86 -24.61 30.95 37.50
CA ASP A 86 -25.21 32.11 36.89
C ASP A 86 -24.92 33.44 37.61
N PRO A 87 -24.68 33.37 38.93
CA PRO A 87 -24.16 34.58 39.59
C PRO A 87 -22.97 35.19 38.83
N ILE A 88 -22.21 34.38 38.11
CA ILE A 88 -20.98 34.81 37.49
C ILE A 88 -21.25 35.37 36.13
N PHE A 89 -22.07 34.67 35.34
CA PHE A 89 -22.23 34.99 33.93
C PHE A 89 -23.42 35.91 33.67
N GLN A 90 -24.54 35.67 34.34
CA GLN A 90 -25.70 36.53 34.20
C GLN A 90 -26.03 36.88 32.76
N GLY A 91 -25.98 35.89 31.88
CA GLY A 91 -26.39 36.07 30.50
C GLY A 91 -25.29 36.70 29.66
N TYR A 92 -24.09 36.80 30.22
CA TYR A 92 -22.95 37.33 29.48
C TYR A 92 -21.91 36.30 29.02
N GLY A 93 -21.10 36.67 28.04
CA GLY A 93 -20.14 35.76 27.47
C GLY A 93 -20.87 34.80 26.54
N VAL A 94 -20.11 34.16 25.68
CA VAL A 94 -20.61 33.24 24.66
C VAL A 94 -21.40 31.99 25.07
N ILE A 95 -21.00 31.25 26.10
CA ILE A 95 -21.75 30.02 26.44
C ILE A 95 -23.21 30.38 26.74
N PHE A 96 -23.37 31.38 27.62
CA PHE A 96 -24.66 31.77 28.23
C PHE A 96 -25.42 32.99 27.65
N ALA A 97 -24.83 33.64 26.64
CA ALA A 97 -25.51 34.65 25.85
C ALA A 97 -26.75 34.05 25.22
N ASN A 98 -27.68 34.91 24.81
CA ASN A 98 -28.83 34.44 24.05
C ASN A 98 -29.29 35.46 23.06
N GLY A 99 -30.00 35.00 22.03
CA GLY A 99 -30.43 35.94 21.00
C GLY A 99 -29.22 36.67 20.40
N GLU A 100 -29.36 37.98 20.23
CA GLU A 100 -28.46 38.71 19.38
C GLU A 100 -27.03 38.67 19.87
N ARG A 101 -26.88 38.78 21.20
CA ARG A 101 -25.58 38.81 21.84
C ARG A 101 -24.89 37.50 21.52
N TRP A 102 -25.62 36.40 21.72
CA TRP A 102 -25.08 35.09 21.39
C TRP A 102 -24.68 35.05 19.91
N ARG A 103 -25.60 35.31 18.99
CA ARG A 103 -25.26 35.29 17.57
C ARG A 103 -23.99 36.02 17.32
N ALA A 104 -23.82 37.17 17.96
CA ALA A 104 -22.71 38.05 17.65
C ALA A 104 -21.45 37.40 18.15
N LEU A 105 -21.50 36.88 19.36
CA LEU A 105 -20.30 36.39 20.03
C LEU A 105 -19.86 35.06 19.48
N ARG A 106 -20.82 34.22 19.08
CA ARG A 106 -20.49 32.95 18.47
C ARG A 106 -19.80 33.23 17.13
N ARG A 107 -20.49 33.94 16.25
CA ARG A 107 -19.92 34.38 14.97
C ARG A 107 -18.46 34.85 15.13
N PHE A 108 -18.21 35.91 15.89
CA PHE A 108 -16.82 36.36 16.19
C PHE A 108 -15.95 35.25 16.74
N SER A 109 -16.52 34.38 17.57
CA SER A 109 -15.75 33.37 18.26
C SER A 109 -15.25 32.27 17.36
N LEU A 110 -16.08 31.75 16.45
CA LEU A 110 -15.59 30.86 15.39
C LEU A 110 -14.44 31.47 14.63
N ALA A 111 -14.71 32.62 14.00
CA ALA A 111 -13.70 33.28 13.17
C ALA A 111 -12.36 33.46 13.87
N THR A 112 -12.39 33.67 15.18
CA THR A 112 -11.19 34.14 15.85
C THR A 112 -10.31 33.00 16.29
N MET A 113 -10.89 31.87 16.60
CA MET A 113 -10.01 30.76 16.91
C MET A 113 -9.32 30.12 15.71
N ARG A 114 -10.04 29.95 14.61
CA ARG A 114 -9.39 29.54 13.37
C ARG A 114 -8.08 30.31 13.02
N ASP A 115 -8.05 31.65 13.08
CA ASP A 115 -6.91 32.43 12.45
C ASP A 115 -5.78 33.17 13.25
N PHE A 116 -6.13 34.00 14.25
CA PHE A 116 -5.16 34.96 14.87
C PHE A 116 -4.67 34.35 16.13
N GLY A 117 -3.36 34.40 16.36
CA GLY A 117 -2.76 33.77 17.58
C GLY A 117 -1.23 33.77 17.77
N MET A 118 -0.78 33.19 18.90
CA MET A 118 0.66 33.16 19.30
C MET A 118 1.64 32.52 18.26
N GLY A 119 2.54 33.35 17.74
CA GLY A 119 3.45 32.93 16.68
C GLY A 119 2.78 32.83 15.31
N LYS A 120 1.52 33.32 15.20
CA LYS A 120 0.67 33.20 13.97
C LYS A 120 0.90 31.78 13.40
N ARG A 121 0.70 30.80 14.29
CA ARG A 121 0.89 29.39 14.00
C ARG A 121 -0.53 28.84 13.99
N SER A 122 -0.78 27.73 13.30
CA SER A 122 -2.10 27.14 13.28
C SER A 122 -2.38 26.41 14.57
N VAL A 123 -3.65 26.32 14.94
CA VAL A 123 -4.03 25.52 16.11
C VAL A 123 -3.35 24.15 16.13
N GLU A 124 -3.37 23.43 15.00
CA GLU A 124 -2.62 22.18 14.88
C GLU A 124 -1.19 22.35 15.34
N GLU A 125 -0.38 23.12 14.59
CA GLU A 125 1.00 23.47 14.96
C GLU A 125 1.13 23.78 16.44
N ARG A 126 0.16 24.44 17.04
CA ARG A 126 0.27 24.75 18.47
C ARG A 126 0.11 23.57 19.36
N ILE A 127 -0.90 22.74 19.06
CA ILE A 127 -1.16 21.49 19.77
C ILE A 127 0.03 20.54 19.55
N GLN A 128 0.58 20.52 18.35
CA GLN A 128 1.83 19.82 18.13
C GLN A 128 2.88 20.24 19.16
N GLU A 129 3.17 21.54 19.24
CA GLU A 129 4.17 22.06 20.16
C GLU A 129 3.93 21.70 21.63
N GLU A 130 2.70 21.80 22.10
CA GLU A 130 2.34 21.40 23.43
C GLU A 130 2.66 19.94 23.65
N ALA A 131 2.34 19.13 22.65
CA ALA A 131 2.52 17.69 22.77
C ALA A 131 4.00 17.44 22.95
N ARG A 132 4.82 18.10 22.15
CA ARG A 132 6.26 18.02 22.27
C ARG A 132 6.75 18.41 23.66
N CYS A 133 6.02 19.26 24.36
CA CYS A 133 6.43 19.63 25.68
C CYS A 133 5.99 18.65 26.70
N LEU A 134 4.86 17.99 26.43
CA LEU A 134 4.34 16.92 27.30
C LEU A 134 5.29 15.74 27.29
N VAL A 135 5.83 15.42 26.12
CA VAL A 135 6.73 14.30 26.01
C VAL A 135 7.99 14.55 26.86
N GLU A 136 8.65 15.68 26.65
CA GLU A 136 9.87 16.03 27.37
C GLU A 136 9.60 16.03 28.88
N GLU A 137 8.54 16.70 29.32
CA GLU A 137 8.09 16.61 30.68
C GLU A 137 8.00 15.20 31.15
N LEU A 138 7.29 14.34 30.42
CA LEU A 138 7.03 12.95 30.88
C LEU A 138 8.29 12.17 30.99
N ARG A 139 9.20 12.33 30.01
CA ARG A 139 10.52 11.68 30.07
C ARG A 139 11.21 11.95 31.38
N LYS A 140 11.13 13.19 31.83
CA LYS A 140 11.75 13.63 33.05
C LYS A 140 11.27 12.78 34.22
N SER A 141 10.02 12.32 34.21
CA SER A 141 9.61 11.48 35.34
C SER A 141 10.23 10.07 35.32
N LYS A 142 10.93 9.72 34.27
CA LYS A 142 11.67 8.45 34.21
C LYS A 142 10.88 7.14 34.44
N GLY A 143 9.57 7.18 34.20
CA GLY A 143 8.68 6.04 34.35
C GLY A 143 8.14 5.87 35.77
N ALA A 144 8.50 6.76 36.69
CA ALA A 144 7.95 6.71 37.98
C ALA A 144 6.43 6.76 37.85
N LEU A 145 5.67 6.15 38.78
CA LEU A 145 4.23 6.29 38.75
C LEU A 145 3.81 7.67 39.15
N LEU A 146 2.98 8.33 38.33
CA LEU A 146 2.42 9.64 38.68
C LEU A 146 0.90 9.58 38.77
N ASP A 147 0.26 10.73 38.96
CA ASP A 147 -1.18 10.85 38.78
C ASP A 147 -1.20 11.79 37.59
N ASN A 148 -1.94 11.47 36.54
CA ASN A 148 -1.82 12.28 35.30
C ASN A 148 -2.72 13.50 35.28
N THR A 149 -3.59 13.63 36.30
CA THR A 149 -4.52 14.80 36.44
C THR A 149 -3.92 16.18 36.10
N LEU A 150 -2.88 16.55 36.85
CA LEU A 150 -2.23 17.84 36.68
C LEU A 150 -1.66 18.07 35.28
N LEU A 151 -0.85 17.14 34.77
CA LEU A 151 -0.32 17.34 33.42
C LEU A 151 -1.39 17.43 32.36
N PHE A 152 -2.48 16.70 32.59
CA PHE A 152 -3.50 16.62 31.59
C PHE A 152 -4.28 17.95 31.51
N HIS A 153 -4.50 18.59 32.67
CA HIS A 153 -4.92 19.99 32.70
C HIS A 153 -3.93 20.97 32.10
N SER A 154 -2.67 20.89 32.53
CA SER A 154 -1.67 21.77 32.00
C SER A 154 -1.73 21.84 30.51
N ILE A 155 -1.90 20.71 29.83
CA ILE A 155 -1.66 20.70 28.39
C ILE A 155 -2.86 21.19 27.60
N THR A 156 -4.05 20.95 28.13
CA THR A 156 -5.25 21.46 27.48
C THR A 156 -5.37 23.02 27.65
N SER A 157 -5.05 23.50 28.87
CA SER A 157 -4.99 24.93 29.19
C SER A 157 -4.05 25.65 28.30
N ASN A 158 -2.81 25.23 28.28
CA ASN A 158 -1.86 25.89 27.47
C ASN A 158 -2.28 26.02 26.01
N ILE A 159 -3.27 25.27 25.56
CA ILE A 159 -3.70 25.43 24.17
C ILE A 159 -4.56 26.66 24.16
N ILE A 160 -5.60 26.62 25.00
CA ILE A 160 -6.52 27.70 25.16
C ILE A 160 -5.84 28.99 25.51
N CYS A 161 -4.98 28.98 26.51
CA CYS A 161 -4.08 30.11 26.77
C CYS A 161 -3.36 30.66 25.59
N SER A 162 -2.77 29.80 24.79
CA SER A 162 -1.99 30.28 23.69
C SER A 162 -2.90 30.93 22.67
N ILE A 163 -4.16 30.54 22.65
CA ILE A 163 -5.11 31.12 21.74
C ILE A 163 -5.57 32.45 22.30
N VAL A 164 -6.15 32.41 23.48
CA VAL A 164 -6.79 33.57 24.09
C VAL A 164 -5.78 34.63 24.61
N PHE A 165 -4.86 34.23 25.48
CA PHE A 165 -3.89 35.14 26.08
C PHE A 165 -2.66 35.24 25.27
N GLY A 166 -2.68 34.72 24.06
CA GLY A 166 -1.50 34.70 23.20
C GLY A 166 -0.21 34.10 23.74
N LYS A 167 -0.25 33.26 24.79
CA LYS A 167 0.98 32.60 25.25
C LYS A 167 0.79 31.33 26.08
N ARG A 168 1.84 30.55 26.28
CA ARG A 168 1.73 29.34 27.08
C ARG A 168 2.53 29.47 28.37
N PHE A 169 2.06 28.83 29.44
CA PHE A 169 2.74 28.88 30.71
C PHE A 169 3.55 27.64 30.90
N ASP A 170 4.69 27.72 31.59
CA ASP A 170 5.49 26.54 31.89
C ASP A 170 4.88 25.65 32.99
N TYR A 171 4.98 24.34 32.85
CA TYR A 171 4.26 23.40 33.76
C TYR A 171 4.43 23.65 35.27
N LYS A 172 5.50 24.33 35.67
CA LYS A 172 5.81 24.51 37.08
C LYS A 172 5.60 25.94 37.58
N ASP A 173 5.37 26.85 36.63
CA ASP A 173 5.07 28.24 36.90
C ASP A 173 3.94 28.33 37.88
N PRO A 174 4.18 28.95 39.06
CA PRO A 174 3.17 28.90 40.14
C PRO A 174 1.96 29.84 39.95
N VAL A 175 2.10 30.85 39.09
CA VAL A 175 0.95 31.68 38.71
C VAL A 175 -0.08 30.74 38.09
N PHE A 176 0.43 29.84 37.25
CA PHE A 176 -0.35 28.98 36.39
C PHE A 176 -0.87 27.77 37.14
N LEU A 177 -0.05 27.18 38.03
CA LEU A 177 -0.46 26.02 38.88
C LEU A 177 -1.62 26.34 39.77
N ARG A 178 -1.68 27.60 40.16
CA ARG A 178 -2.77 28.14 40.90
C ARG A 178 -4.06 28.34 40.05
N LEU A 179 -3.96 28.77 38.79
CA LEU A 179 -5.18 28.81 37.93
C LEU A 179 -5.79 27.41 37.72
N LEU A 180 -4.89 26.44 37.54
CA LEU A 180 -5.27 25.05 37.34
C LEU A 180 -5.97 24.53 38.58
N ASP A 181 -5.50 24.91 39.77
CA ASP A 181 -6.14 24.38 40.94
C ASP A 181 -7.57 24.87 41.01
N LEU A 182 -7.72 26.19 40.99
CA LEU A 182 -9.02 26.85 40.89
C LEU A 182 -9.99 26.20 39.86
N PHE A 183 -9.50 26.03 38.65
CA PHE A 183 -10.29 25.45 37.61
C PHE A 183 -10.78 24.05 37.92
N PHE A 184 -9.86 23.15 38.27
CA PHE A 184 -10.16 21.74 38.66
C PHE A 184 -11.08 21.70 39.90
N GLN A 185 -10.68 22.42 40.94
CA GLN A 185 -11.44 22.53 42.16
C GLN A 185 -12.87 22.96 41.93
N SER A 186 -13.07 23.90 41.01
CA SER A 186 -14.39 24.42 40.73
C SER A 186 -15.23 23.42 39.95
N PHE A 187 -14.65 22.87 38.90
CA PHE A 187 -15.38 22.05 37.96
C PHE A 187 -15.88 20.80 38.64
N SER A 188 -15.21 20.47 39.74
CA SER A 188 -15.60 19.32 40.52
C SER A 188 -16.70 19.71 41.48
N LEU A 189 -16.54 20.83 42.20
CA LEU A 189 -17.65 21.43 42.97
C LEU A 189 -18.87 21.73 42.06
N ILE A 190 -18.63 22.24 40.86
CA ILE A 190 -19.74 22.52 39.96
C ILE A 190 -20.61 21.29 39.80
N SER A 191 -19.98 20.13 39.71
CA SER A 191 -20.72 18.92 39.40
C SER A 191 -20.76 17.96 40.58
N SER A 192 -20.53 18.48 41.78
CA SER A 192 -20.81 17.75 43.00
C SER A 192 -22.30 17.47 43.24
N PHE A 193 -22.56 16.73 44.32
CA PHE A 193 -23.93 16.45 44.68
C PHE A 193 -24.68 17.74 45.09
N SER A 194 -24.14 18.51 46.03
CA SER A 194 -24.78 19.78 46.45
C SER A 194 -25.26 20.71 45.32
N SER A 195 -24.45 20.88 44.28
CA SER A 195 -24.74 21.82 43.16
C SER A 195 -25.95 21.41 42.34
N GLN A 196 -26.34 20.16 42.51
CA GLN A 196 -27.56 19.64 41.92
C GLN A 196 -28.76 19.92 42.83
N VAL A 197 -28.57 19.81 44.15
CA VAL A 197 -29.60 20.23 45.09
C VAL A 197 -29.90 21.70 44.71
N PHE A 198 -28.83 22.51 44.70
CA PHE A 198 -28.83 23.91 44.30
C PHE A 198 -29.53 24.19 42.97
N GLU A 199 -29.34 23.34 41.99
CA GLU A 199 -30.12 23.43 40.76
C GLU A 199 -31.64 23.37 40.96
N LEU A 200 -32.08 23.04 42.16
CA LEU A 200 -33.51 22.89 42.41
C LEU A 200 -34.12 24.02 43.26
N PHE A 201 -33.42 24.37 44.34
CA PHE A 201 -33.88 25.42 45.25
C PHE A 201 -32.87 26.55 45.37
N SER A 202 -32.29 26.94 44.23
CA SER A 202 -31.37 28.07 44.14
C SER A 202 -31.90 29.31 44.85
N GLY A 203 -33.16 29.68 44.54
CA GLY A 203 -33.85 30.80 45.19
C GLY A 203 -33.78 30.82 46.72
N PHE A 204 -34.13 29.70 47.35
CA PHE A 204 -34.05 29.51 48.79
C PHE A 204 -32.57 29.41 49.21
N LEU A 205 -31.82 28.53 48.56
CA LEU A 205 -30.51 28.18 49.07
C LEU A 205 -29.45 29.23 48.92
N LYS A 206 -29.62 30.17 47.99
CA LYS A 206 -28.52 31.09 47.69
C LYS A 206 -28.18 32.04 48.81
N TYR A 207 -28.98 31.99 49.88
CA TYR A 207 -28.65 32.73 51.11
C TYR A 207 -27.57 32.03 51.94
N PHE A 208 -27.86 30.85 52.50
CA PHE A 208 -26.96 30.14 53.44
C PHE A 208 -25.65 29.66 52.84
N PRO A 209 -24.60 29.45 53.67
CA PRO A 209 -23.31 29.03 53.14
C PRO A 209 -23.46 27.72 52.44
N GLY A 210 -22.45 27.38 51.65
CA GLY A 210 -22.59 26.26 50.77
C GLY A 210 -21.52 26.32 49.72
N THR A 211 -21.71 25.47 48.73
CA THR A 211 -20.64 25.11 47.84
C THR A 211 -20.57 26.12 46.68
N HIS A 212 -21.73 26.70 46.33
CA HIS A 212 -21.81 27.81 45.38
C HIS A 212 -21.02 29.10 45.73
N ARG A 213 -20.70 29.31 47.02
CA ARG A 213 -19.93 30.47 47.49
C ARG A 213 -18.53 30.32 46.98
N GLN A 214 -17.91 29.25 47.49
CA GLN A 214 -16.69 28.69 46.96
C GLN A 214 -16.52 28.75 45.41
N ILE A 215 -17.56 28.38 44.65
CA ILE A 215 -17.48 28.39 43.19
C ILE A 215 -17.45 29.81 42.67
N TYR A 216 -18.32 30.63 43.27
CA TYR A 216 -18.37 32.04 42.95
C TYR A 216 -17.01 32.62 43.27
N ARG A 217 -16.50 32.38 44.47
CA ARG A 217 -15.26 33.02 44.87
C ARG A 217 -14.18 32.62 43.91
N ASN A 218 -14.17 31.34 43.53
CA ASN A 218 -13.07 30.76 42.72
C ASN A 218 -13.06 31.35 41.33
N LEU A 219 -14.26 31.49 40.80
CA LEU A 219 -14.46 32.03 39.50
C LEU A 219 -14.14 33.52 39.42
N GLN A 220 -14.55 34.27 40.44
CA GLN A 220 -14.16 35.67 40.56
C GLN A 220 -12.65 35.86 40.60
N GLU A 221 -11.95 34.89 41.17
CA GLU A 221 -10.51 34.96 41.21
C GLU A 221 -9.85 34.69 39.84
N ILE A 222 -10.58 34.08 38.91
CA ILE A 222 -10.08 33.82 37.57
C ILE A 222 -10.34 35.07 36.76
N ASN A 223 -11.55 35.62 36.93
CA ASN A 223 -11.89 36.90 36.35
C ASN A 223 -10.86 37.99 36.67
N THR A 224 -10.41 38.04 37.94
CA THR A 224 -9.29 38.89 38.30
C THR A 224 -8.10 38.68 37.38
N PHE A 225 -7.68 37.43 37.16
CA PHE A 225 -6.52 37.18 36.28
C PHE A 225 -6.85 37.49 34.82
N ILE A 226 -8.08 37.17 34.43
CA ILE A 226 -8.49 37.47 33.06
C ILE A 226 -8.46 38.96 32.87
N GLY A 227 -9.11 39.68 33.81
CA GLY A 227 -9.05 41.14 33.89
C GLY A 227 -7.64 41.70 33.74
N GLN A 228 -6.73 41.30 34.62
CA GLN A 228 -5.43 41.92 34.62
C GLN A 228 -4.55 41.54 33.44
N SER A 229 -5.08 40.72 32.55
CA SER A 229 -4.41 40.32 31.31
C SER A 229 -5.00 41.06 30.12
N VAL A 230 -6.31 41.22 30.10
CA VAL A 230 -6.90 42.22 29.23
C VAL A 230 -6.14 43.56 29.32
N GLU A 231 -5.86 44.05 30.54
CA GLU A 231 -5.18 45.30 30.73
C GLU A 231 -3.81 45.33 30.12
N LYS A 232 -2.97 44.33 30.38
CA LYS A 232 -1.65 44.22 29.74
C LYS A 232 -1.83 44.20 28.23
N HIS A 233 -2.87 43.52 27.78
CA HIS A 233 -3.08 43.42 26.35
C HIS A 233 -3.33 44.79 25.76
N ARG A 234 -4.32 45.48 26.29
CA ARG A 234 -4.67 46.85 25.90
C ARG A 234 -3.53 47.88 25.94
N ALA A 235 -2.79 47.90 27.05
CA ALA A 235 -1.57 48.72 27.17
C ALA A 235 -0.59 48.56 25.97
N THR A 236 -0.10 47.34 25.81
CA THR A 236 0.89 46.99 24.81
C THR A 236 0.25 46.49 23.50
N LEU A 237 -1.00 46.85 23.21
CA LEU A 237 -1.64 46.49 21.91
C LEU A 237 -0.88 47.03 20.69
N ASP A 238 -1.24 46.57 19.49
CA ASP A 238 -0.66 47.08 18.25
C ASP A 238 -1.78 46.72 17.24
N PRO A 239 -2.27 47.74 16.48
CA PRO A 239 -3.39 47.65 15.50
C PRO A 239 -2.97 46.89 14.23
N SER A 240 -1.75 47.16 13.75
CA SER A 240 -1.14 46.46 12.58
C SER A 240 -1.01 44.92 12.68
N ASN A 241 -0.89 44.40 13.90
CA ASN A 241 -0.38 43.05 14.14
C ASN A 241 -1.00 42.35 15.36
N PRO A 242 -2.32 42.06 15.32
CA PRO A 242 -3.01 41.45 16.47
C PRO A 242 -2.41 40.10 16.92
N ARG A 243 -2.04 40.00 18.20
CA ARG A 243 -1.34 38.83 18.75
C ARG A 243 -2.34 37.69 18.81
N ASP A 244 -3.46 37.85 19.52
CA ASP A 244 -4.40 36.75 19.80
C ASP A 244 -5.83 37.18 20.13
N PHE A 245 -6.64 36.23 20.59
CA PHE A 245 -8.08 36.45 20.84
C PHE A 245 -8.53 37.73 21.47
N ILE A 246 -7.73 38.17 22.42
CA ILE A 246 -8.05 39.31 23.21
C ILE A 246 -7.75 40.52 22.39
N ASP A 247 -6.58 40.50 21.73
CA ASP A 247 -6.10 41.58 20.85
C ASP A 247 -7.09 41.86 19.75
N VAL A 248 -7.64 40.79 19.16
CA VAL A 248 -8.59 40.91 18.08
C VAL A 248 -9.88 41.48 18.57
N TYR A 249 -10.25 41.16 19.80
CA TYR A 249 -11.50 41.66 20.33
C TYR A 249 -11.37 43.15 20.54
N LEU A 250 -10.26 43.55 21.15
CA LEU A 250 -9.99 44.98 21.38
C LEU A 250 -10.06 45.82 20.09
N LEU A 251 -9.49 45.31 18.98
CA LEU A 251 -9.54 45.96 17.68
C LEU A 251 -10.97 46.02 17.16
N ARG A 252 -11.75 44.99 17.46
CA ARG A 252 -13.17 45.06 17.18
C ARG A 252 -13.89 46.06 18.10
N MET A 253 -13.41 46.24 19.32
CA MET A 253 -13.95 47.32 20.15
C MET A 253 -13.82 48.69 19.44
N GLU A 254 -12.60 49.01 18.99
CA GLU A 254 -12.31 50.20 18.19
C GLU A 254 -13.13 50.25 16.89
N LYS A 255 -13.22 49.16 16.15
CA LYS A 255 -14.06 49.16 14.94
C LYS A 255 -15.50 49.51 15.29
N ASP A 256 -15.92 49.35 16.55
CA ASP A 256 -17.35 49.48 16.92
C ASP A 256 -17.76 50.69 17.81
N LYS A 257 -16.98 51.78 17.73
CA LYS A 257 -17.09 52.92 18.64
C LYS A 257 -18.39 53.64 18.44
N SER A 258 -18.85 53.58 17.19
CA SER A 258 -20.04 54.25 16.68
C SER A 258 -21.21 53.28 16.53
N ASP A 259 -21.02 52.01 16.90
CA ASP A 259 -22.19 51.13 17.04
C ASP A 259 -22.68 51.00 18.49
N PRO A 260 -23.83 51.63 18.76
CA PRO A 260 -24.47 51.57 20.06
C PRO A 260 -25.02 50.20 20.40
N SER A 261 -25.30 49.40 19.40
CA SER A 261 -25.82 48.08 19.67
C SER A 261 -24.72 47.00 19.57
N SER A 262 -23.46 47.42 19.51
CA SER A 262 -22.35 46.47 19.55
C SER A 262 -22.37 45.73 20.86
N GLU A 263 -22.10 44.43 20.80
CA GLU A 263 -22.06 43.62 21.99
C GLU A 263 -20.62 43.37 22.43
N PHE A 264 -19.67 44.03 21.77
CA PHE A 264 -18.31 43.86 22.14
C PHE A 264 -17.80 44.86 23.18
N HIS A 265 -18.19 44.61 24.42
CA HIS A 265 -17.77 45.40 25.57
C HIS A 265 -17.05 44.54 26.61
N HIS A 266 -16.49 45.20 27.59
CA HIS A 266 -15.78 44.57 28.66
C HIS A 266 -16.46 43.39 29.39
N GLN A 267 -17.79 43.34 29.54
CA GLN A 267 -18.35 42.18 30.24
C GLN A 267 -18.14 40.97 29.36
N ASN A 268 -18.84 40.92 28.24
CA ASN A 268 -18.65 39.87 27.25
C ASN A 268 -17.22 39.48 27.00
N LEU A 269 -16.30 40.42 26.86
CA LEU A 269 -14.92 39.99 26.65
C LEU A 269 -14.39 39.16 27.81
N ILE A 270 -14.57 39.65 29.03
CA ILE A 270 -14.08 38.99 30.23
C ILE A 270 -14.77 37.67 30.35
N LEU A 271 -16.07 37.63 30.15
CA LEU A 271 -16.75 36.39 30.44
C LEU A 271 -16.69 35.42 29.25
N THR A 272 -16.26 35.91 28.09
CA THR A 272 -16.05 34.99 26.94
C THR A 272 -14.74 34.27 27.16
N VAL A 273 -13.68 35.00 27.44
CA VAL A 273 -12.46 34.36 27.85
C VAL A 273 -12.71 33.40 29.01
N LEU A 274 -13.52 33.73 30.01
CA LEU A 274 -13.75 32.74 31.07
C LEU A 274 -14.39 31.46 30.53
N SER A 275 -15.42 31.56 29.68
CA SER A 275 -16.06 30.36 29.11
C SER A 275 -15.04 29.52 28.35
N LEU A 276 -14.33 30.16 27.44
CA LEU A 276 -13.39 29.45 26.62
C LEU A 276 -12.34 28.85 27.50
N PHE A 277 -11.85 29.62 28.44
CA PHE A 277 -10.70 29.21 29.24
C PHE A 277 -11.14 28.05 30.13
N PHE A 278 -12.44 27.95 30.37
CA PHE A 278 -12.95 26.87 31.15
C PHE A 278 -13.06 25.60 30.34
N ALA A 279 -14.00 25.57 29.38
CA ALA A 279 -14.24 24.44 28.46
C ALA A 279 -12.96 23.92 27.77
N GLY A 280 -12.20 24.88 27.25
CA GLY A 280 -10.88 24.63 26.69
C GLY A 280 -10.03 23.72 27.54
N THR A 281 -10.12 23.92 28.87
CA THR A 281 -9.39 23.11 29.88
C THR A 281 -10.07 21.84 30.40
N GLU A 282 -11.25 21.96 30.95
CA GLU A 282 -11.73 20.92 31.85
C GLU A 282 -12.50 19.80 31.17
N THR A 283 -12.59 19.80 29.84
CA THR A 283 -13.21 18.62 29.19
C THR A 283 -12.30 17.86 28.25
N THR A 284 -11.75 18.55 27.28
CA THR A 284 -10.71 17.97 26.49
C THR A 284 -9.72 17.19 27.36
N SER A 285 -9.59 17.55 28.63
CA SER A 285 -8.56 16.93 29.48
C SER A 285 -9.10 15.80 30.36
N THR A 286 -10.29 15.92 30.95
CA THR A 286 -10.75 14.74 31.66
C THR A 286 -10.98 13.63 30.65
N THR A 287 -11.23 13.98 29.39
CA THR A 287 -11.44 12.97 28.34
C THR A 287 -10.20 12.14 28.17
N LEU A 288 -9.09 12.83 27.98
CA LEU A 288 -7.77 12.24 27.97
C LEU A 288 -7.53 11.34 29.18
N ARG A 289 -7.79 11.84 30.38
CA ARG A 289 -7.73 11.03 31.59
C ARG A 289 -8.49 9.74 31.51
N TYR A 290 -9.72 9.82 31.05
CA TYR A 290 -10.55 8.65 30.96
C TYR A 290 -10.04 7.68 29.93
N GLY A 291 -9.73 8.23 28.75
CA GLY A 291 -9.05 7.58 27.65
C GLY A 291 -7.89 6.76 28.13
N PHE A 292 -6.97 7.37 28.89
CA PHE A 292 -5.86 6.54 29.43
C PHE A 292 -6.28 5.53 30.47
N LEU A 293 -7.37 5.78 31.20
CA LEU A 293 -7.83 4.77 32.13
C LEU A 293 -8.28 3.58 31.33
N LEU A 294 -9.15 3.77 30.35
CA LEU A 294 -9.53 2.69 29.40
C LEU A 294 -8.37 1.90 28.74
N MET A 295 -7.33 2.62 28.31
CA MET A 295 -6.15 1.98 27.76
C MET A 295 -5.48 1.11 28.75
N LEU A 296 -5.62 1.37 30.06
CA LEU A 296 -5.08 0.47 31.10
C LEU A 296 -5.93 -0.79 31.33
N LYS A 297 -7.25 -0.65 31.23
CA LYS A 297 -8.14 -1.78 31.24
C LYS A 297 -8.02 -2.62 29.93
N TYR A 298 -7.62 -2.02 28.79
CA TYR A 298 -7.56 -2.75 27.49
C TYR A 298 -6.22 -2.70 26.70
N PRO A 299 -5.18 -3.36 27.25
CA PRO A 299 -3.87 -3.25 26.68
C PRO A 299 -3.91 -3.72 25.24
N HIS A 300 -4.83 -4.64 24.92
CA HIS A 300 -4.96 -5.15 23.55
C HIS A 300 -5.21 -3.96 22.65
N VAL A 301 -6.28 -3.22 22.90
CA VAL A 301 -6.55 -2.04 22.15
C VAL A 301 -5.31 -1.12 22.13
N THR A 302 -4.70 -0.84 23.28
CA THR A 302 -3.54 0.04 23.20
C THR A 302 -2.48 -0.49 22.25
N GLU A 303 -2.24 -1.81 22.23
CA GLU A 303 -1.22 -2.38 21.32
C GLU A 303 -1.69 -2.13 19.87
N ARG A 304 -2.99 -2.27 19.61
CA ARG A 304 -3.42 -2.03 18.24
C ARG A 304 -3.29 -0.55 17.87
N VAL A 305 -3.58 0.39 18.77
CA VAL A 305 -3.40 1.75 18.41
C VAL A 305 -1.93 1.96 18.12
N GLN A 306 -1.10 1.41 18.97
CA GLN A 306 0.31 1.62 18.88
C GLN A 306 0.93 1.03 17.64
N LYS A 307 0.39 -0.10 17.16
CA LYS A 307 0.86 -0.66 15.90
C LYS A 307 0.44 0.23 14.73
N GLU A 308 -0.78 0.78 14.84
CA GLU A 308 -1.36 1.59 13.78
C GLU A 308 -0.56 2.86 13.67
N ILE A 309 0.03 3.31 14.78
CA ILE A 309 0.81 4.55 14.80
C ILE A 309 2.08 4.20 14.13
N GLU A 310 2.59 3.03 14.46
CA GLU A 310 3.85 2.57 13.85
C GLU A 310 3.75 2.47 12.34
N GLN A 311 2.61 2.03 11.79
CA GLN A 311 2.47 1.84 10.36
C GLN A 311 2.32 3.14 9.63
N VAL A 312 1.35 3.95 10.06
CA VAL A 312 0.97 5.12 9.31
C VAL A 312 1.98 6.19 9.61
N ILE A 313 2.26 6.42 10.88
CA ILE A 313 3.11 7.55 11.25
C ILE A 313 4.58 7.21 11.38
N GLY A 314 4.89 6.06 11.97
CA GLY A 314 6.27 5.67 12.18
C GLY A 314 6.78 6.32 13.43
N SER A 315 8.05 6.22 13.69
CA SER A 315 8.43 6.52 15.05
C SER A 315 9.33 7.71 15.11
N HIS A 316 9.54 8.35 13.98
CA HIS A 316 10.37 9.55 14.00
C HIS A 316 9.74 10.94 13.86
N ARG A 317 8.82 11.16 12.91
CA ARG A 317 8.15 12.47 12.74
C ARG A 317 7.05 12.53 13.80
N PRO A 318 6.72 13.72 14.28
CA PRO A 318 5.56 13.80 15.17
C PRO A 318 4.19 13.58 14.48
N PRO A 319 3.18 13.14 15.24
CA PRO A 319 1.88 12.95 14.61
C PRO A 319 1.30 14.23 14.08
N ALA A 320 0.62 14.13 12.96
CA ALA A 320 0.05 15.29 12.29
C ALA A 320 -1.42 14.99 12.12
N LEU A 321 -2.26 16.00 11.99
CA LEU A 321 -3.68 15.76 12.01
C LEU A 321 -4.14 15.09 10.72
N ASP A 322 -3.32 15.07 9.68
CA ASP A 322 -3.83 14.49 8.46
C ASP A 322 -3.70 13.01 8.54
N ASP A 323 -3.05 12.53 9.60
CA ASP A 323 -2.86 11.12 9.84
C ASP A 323 -4.16 10.49 10.29
N ARG A 324 -5.02 11.28 10.89
CA ARG A 324 -6.21 10.70 11.40
C ARG A 324 -6.99 9.95 10.31
N ALA A 325 -7.01 10.46 9.11
CA ALA A 325 -7.88 9.89 8.11
C ALA A 325 -7.30 8.57 7.68
N LYS A 326 -5.98 8.47 7.68
CA LYS A 326 -5.26 7.21 7.45
C LYS A 326 -5.22 6.19 8.63
N MET A 327 -5.89 6.49 9.76
CA MET A 327 -5.78 5.73 11.02
C MET A 327 -7.17 5.47 11.62
N PRO A 328 -8.01 4.74 10.89
CA PRO A 328 -9.38 4.62 11.36
C PRO A 328 -9.50 3.90 12.70
N TYR A 329 -8.50 3.06 13.05
CA TYR A 329 -8.62 2.26 14.26
C TYR A 329 -8.53 3.19 15.44
N THR A 330 -7.48 3.98 15.46
CA THR A 330 -7.28 4.96 16.49
C THR A 330 -8.46 5.88 16.53
N ASP A 331 -8.92 6.31 15.36
CA ASP A 331 -10.00 7.24 15.29
C ASP A 331 -11.24 6.62 15.96
N ALA A 332 -11.52 5.35 15.65
CA ALA A 332 -12.55 4.58 16.43
C ALA A 332 -12.29 4.53 17.94
N VAL A 333 -11.05 4.26 18.33
CA VAL A 333 -10.78 4.21 19.74
C VAL A 333 -11.14 5.54 20.38
N ILE A 334 -10.63 6.65 19.86
CA ILE A 334 -11.07 7.99 20.35
C ILE A 334 -12.60 8.15 20.39
N HIS A 335 -13.30 7.91 19.27
CA HIS A 335 -14.79 7.99 19.28
C HIS A 335 -15.32 7.28 20.49
N GLU A 336 -14.83 6.05 20.68
CA GLU A 336 -15.38 5.19 21.70
C GLU A 336 -15.04 5.61 23.16
N ILE A 337 -13.93 6.33 23.35
CA ILE A 337 -13.62 6.94 24.62
C ILE A 337 -14.62 8.09 24.83
N GLN A 338 -14.83 8.97 23.83
CA GLN A 338 -15.89 10.01 23.97
C GLN A 338 -17.28 9.44 24.27
N ARG A 339 -17.70 8.38 23.57
CA ARG A 339 -19.03 7.85 23.80
C ARG A 339 -19.22 7.27 25.23
N LEU A 340 -18.21 6.58 25.73
CA LEU A 340 -18.39 5.82 26.95
C LEU A 340 -17.97 6.73 28.07
N GLY A 341 -17.02 7.58 27.77
CA GLY A 341 -16.58 8.57 28.75
C GLY A 341 -17.74 9.46 29.11
N ASP A 342 -18.32 10.08 28.09
CA ASP A 342 -19.63 10.72 28.17
C ASP A 342 -19.70 11.89 29.10
N LEU A 343 -18.70 12.74 29.02
CA LEU A 343 -18.49 13.72 30.04
C LEU A 343 -19.48 14.86 30.22
N ILE A 344 -20.48 14.97 29.37
CA ILE A 344 -21.59 15.89 29.67
C ILE A 344 -22.93 15.16 29.56
N PRO A 345 -23.32 14.47 30.64
CA PRO A 345 -24.38 13.51 30.67
C PRO A 345 -25.74 14.07 30.41
N PHE A 346 -25.99 15.35 30.66
CA PHE A 346 -27.27 15.89 30.17
C PHE A 346 -27.20 17.25 29.49
N GLY A 347 -26.17 17.44 28.68
CA GLY A 347 -26.04 18.62 27.83
C GLY A 347 -25.85 19.83 28.68
N VAL A 348 -25.55 20.96 28.07
CA VAL A 348 -25.75 22.22 28.77
C VAL A 348 -27.19 22.63 28.41
N PRO A 349 -27.99 23.02 29.43
CA PRO A 349 -29.42 23.32 29.33
C PRO A 349 -29.70 24.33 28.25
N HIS A 350 -30.77 24.07 27.49
CA HIS A 350 -31.24 24.88 26.39
C HIS A 350 -32.58 25.49 26.86
N THR A 351 -33.13 26.41 26.08
CA THR A 351 -34.52 26.92 26.26
C THR A 351 -35.10 27.09 24.85
N VAL A 352 -36.41 26.92 24.71
CA VAL A 352 -36.99 27.14 23.39
C VAL A 352 -37.13 28.63 23.16
N THR A 353 -36.90 29.09 21.93
CA THR A 353 -36.90 30.54 21.66
C THR A 353 -38.28 31.13 21.33
N LYS A 354 -39.12 30.39 20.64
CA LYS A 354 -40.49 30.82 20.47
C LYS A 354 -41.37 29.69 21.03
N ASP A 355 -42.68 29.88 21.04
CA ASP A 355 -43.57 28.77 21.29
C ASP A 355 -43.39 27.68 20.26
N THR A 356 -43.22 26.45 20.71
CA THR A 356 -42.87 25.39 19.77
C THR A 356 -43.75 24.17 19.85
N GLN A 357 -44.14 23.71 18.67
CA GLN A 357 -44.94 22.50 18.56
C GLN A 357 -44.04 21.28 18.44
N PHE A 358 -43.95 20.50 19.52
CA PHE A 358 -43.02 19.37 19.55
C PHE A 358 -43.66 18.04 19.84
N ARG A 359 -43.70 17.17 18.83
CA ARG A 359 -44.37 15.87 18.94
C ARG A 359 -45.80 16.12 19.36
N GLY A 360 -46.44 17.05 18.65
CA GLY A 360 -47.75 17.57 19.03
C GLY A 360 -47.85 17.97 20.49
N TYR A 361 -47.01 18.88 20.91
CA TYR A 361 -47.07 19.45 22.25
C TYR A 361 -46.76 20.91 22.04
N VAL A 362 -47.13 21.74 23.02
CA VAL A 362 -46.66 23.10 22.95
C VAL A 362 -45.70 23.34 24.11
N ILE A 363 -44.46 23.67 23.72
CA ILE A 363 -43.44 24.12 24.65
C ILE A 363 -43.41 25.65 24.56
N PRO A 364 -43.88 26.29 25.65
CA PRO A 364 -43.99 27.74 25.74
C PRO A 364 -42.61 28.36 25.59
N LYS A 365 -42.59 29.55 24.99
CA LYS A 365 -41.37 30.37 24.87
C LYS A 365 -40.64 30.39 26.22
N ASN A 366 -39.31 30.22 26.19
CA ASN A 366 -38.44 30.25 27.38
C ASN A 366 -38.48 29.08 28.38
N THR A 367 -39.24 28.05 28.07
CA THR A 367 -39.19 26.86 28.91
C THR A 367 -37.87 26.13 28.63
N GLU A 368 -37.23 25.72 29.72
CA GLU A 368 -35.94 25.04 29.73
C GLU A 368 -36.06 23.59 29.18
N VAL A 369 -35.06 23.19 28.41
CA VAL A 369 -35.03 21.90 27.71
C VAL A 369 -33.72 21.25 28.04
N PHE A 370 -33.73 20.02 28.56
CA PHE A 370 -32.49 19.26 28.86
C PHE A 370 -32.18 18.12 27.84
N PRO A 371 -31.37 18.37 26.78
CA PRO A 371 -31.08 17.22 25.89
C PRO A 371 -30.13 16.23 26.59
N VAL A 372 -30.61 15.01 26.86
CA VAL A 372 -29.81 14.14 27.72
C VAL A 372 -28.87 13.38 26.77
N LEU A 373 -27.68 13.94 26.55
CA LEU A 373 -26.81 13.40 25.52
C LEU A 373 -26.42 12.00 25.93
N SER A 374 -26.40 11.70 27.23
CA SER A 374 -25.91 10.42 27.67
C SER A 374 -26.81 9.29 27.24
N SER A 375 -28.09 9.57 27.10
CA SER A 375 -29.03 8.55 26.66
C SER A 375 -29.00 8.36 25.16
N ALA A 376 -28.36 9.27 24.41
CA ALA A 376 -28.03 9.08 22.98
C ALA A 376 -26.74 8.27 22.82
N LEU A 377 -25.75 8.59 23.64
CA LEU A 377 -24.47 7.92 23.57
C LEU A 377 -24.53 6.50 24.13
N HIS A 378 -25.53 6.22 24.98
CA HIS A 378 -25.77 4.88 25.42
C HIS A 378 -27.05 4.28 24.79
N ASP A 379 -27.48 4.82 23.66
CA ASP A 379 -28.79 4.48 23.10
C ASP A 379 -28.81 3.08 22.43
N PRO A 380 -29.55 2.13 23.04
CA PRO A 380 -29.49 0.73 22.57
C PRO A 380 -29.89 0.61 21.11
N ARG A 381 -30.72 1.54 20.66
CA ARG A 381 -31.21 1.49 19.29
C ARG A 381 -30.11 1.74 18.27
N TYR A 382 -28.92 2.12 18.76
CA TYR A 382 -27.81 2.54 17.90
C TYR A 382 -26.48 1.94 18.27
N PHE A 383 -26.30 1.62 19.55
CA PHE A 383 -25.14 0.88 19.95
C PHE A 383 -25.57 -0.40 20.68
N GLU A 384 -25.11 -1.55 20.17
CA GLU A 384 -25.14 -2.80 20.93
C GLU A 384 -24.41 -2.61 22.25
N THR A 385 -24.90 -3.31 23.29
CA THR A 385 -24.12 -3.66 24.48
C THR A 385 -23.40 -2.37 24.94
N PRO A 386 -24.21 -1.31 25.13
CA PRO A 386 -23.76 0.05 25.08
C PRO A 386 -22.97 0.45 26.30
N ASN A 387 -22.91 -0.42 27.29
CA ASN A 387 -22.13 -0.13 28.48
C ASN A 387 -20.75 -0.69 28.46
N THR A 388 -20.39 -1.34 27.36
CA THR A 388 -19.07 -1.93 27.29
C THR A 388 -18.26 -1.17 26.26
N PHE A 389 -16.99 -0.96 26.58
CA PHE A 389 -16.02 -0.41 25.62
C PHE A 389 -15.85 -1.30 24.37
N ASN A 390 -16.01 -0.71 23.20
CA ASN A 390 -15.72 -1.40 21.99
C ASN A 390 -15.48 -0.35 20.97
N PRO A 391 -14.33 -0.44 20.35
CA PRO A 391 -13.96 0.45 19.22
C PRO A 391 -14.75 -0.01 18.03
N GLY A 392 -15.16 -1.26 18.04
CA GLY A 392 -15.98 -1.77 16.97
C GLY A 392 -17.28 -1.05 16.67
N HIS A 393 -17.85 -0.36 17.66
CA HIS A 393 -19.05 0.41 17.31
C HIS A 393 -18.77 1.42 16.23
N PHE A 394 -17.52 1.67 15.88
CA PHE A 394 -17.28 2.65 14.86
C PHE A 394 -16.46 2.08 13.69
N LEU A 395 -16.51 0.75 13.53
CA LEU A 395 -15.78 0.13 12.44
C LEU A 395 -16.64 -0.80 11.57
N ASP A 396 -16.34 -0.97 10.30
CA ASP A 396 -17.14 -1.92 9.55
C ASP A 396 -16.28 -3.16 9.19
N ALA A 397 -16.88 -4.14 8.54
CA ALA A 397 -16.16 -5.33 8.13
C ALA A 397 -14.74 -5.01 7.78
N ASN A 398 -14.53 -3.91 7.09
CA ASN A 398 -13.23 -3.67 6.48
C ASN A 398 -12.26 -2.90 7.30
N GLY A 399 -12.70 -2.47 8.48
CA GLY A 399 -11.86 -1.76 9.42
C GLY A 399 -11.82 -0.28 9.09
N ALA A 400 -12.73 0.14 8.21
CA ALA A 400 -12.97 1.55 7.92
C ALA A 400 -13.81 2.25 9.00
N LEU A 401 -13.64 3.55 9.10
CA LEU A 401 -14.34 4.24 10.17
C LEU A 401 -15.80 4.29 9.77
N LYS A 402 -16.70 4.11 10.71
CA LYS A 402 -18.11 4.03 10.36
C LYS A 402 -18.97 4.91 11.24
N ARG A 403 -19.53 5.96 10.64
CA ARG A 403 -20.33 7.02 11.30
C ARG A 403 -21.49 6.40 12.00
N ASN A 404 -21.96 7.01 13.07
CA ASN A 404 -23.08 6.50 13.80
C ASN A 404 -23.91 7.65 14.32
N GLU A 405 -25.23 7.63 14.07
CA GLU A 405 -26.12 8.77 14.37
C GLU A 405 -26.25 9.01 15.84
N GLY A 406 -26.07 7.98 16.64
CA GLY A 406 -26.20 8.16 18.07
C GLY A 406 -25.03 8.92 18.68
N PHE A 407 -23.97 9.09 17.88
CA PHE A 407 -22.74 9.71 18.37
C PHE A 407 -22.76 11.23 18.26
N MET A 408 -23.11 11.88 19.35
CA MET A 408 -23.19 13.34 19.42
C MET A 408 -22.56 13.85 20.75
N PRO A 409 -21.27 13.51 21.03
CA PRO A 409 -20.78 13.80 22.39
C PRO A 409 -20.60 15.32 22.61
N PHE A 410 -20.68 16.08 21.50
CA PHE A 410 -20.48 17.49 21.44
C PHE A 410 -21.81 18.19 21.23
N SER A 411 -22.93 17.53 21.54
CA SER A 411 -24.26 18.06 21.22
C SER A 411 -24.46 18.29 19.73
N LEU A 412 -25.61 18.82 19.37
CA LEU A 412 -25.97 19.07 17.99
C LEU A 412 -26.67 20.39 17.82
N GLY A 413 -26.58 20.95 16.62
CA GLY A 413 -27.52 21.98 16.24
C GLY A 413 -26.87 23.32 16.10
N LYS A 414 -27.55 24.35 16.57
CA LYS A 414 -27.08 25.70 16.34
C LYS A 414 -26.18 26.07 17.48
N ARG A 415 -26.28 25.29 18.55
CA ARG A 415 -25.51 25.47 19.77
C ARG A 415 -24.38 24.46 19.92
N ILE A 416 -24.12 23.69 18.87
CA ILE A 416 -23.13 22.61 18.87
C ILE A 416 -21.81 23.17 19.31
N CYS A 417 -21.06 22.35 20.06
CA CYS A 417 -19.78 22.80 20.62
C CYS A 417 -18.99 23.57 19.57
N LEU A 418 -18.63 24.80 19.93
CA LEU A 418 -17.78 25.64 19.12
C LEU A 418 -16.33 25.17 19.06
N GLY A 419 -15.94 24.44 20.10
CA GLY A 419 -14.55 24.05 20.32
C GLY A 419 -14.29 22.75 19.57
N GLU A 420 -15.38 22.13 19.12
CA GLU A 420 -15.33 20.79 18.54
C GLU A 420 -14.08 20.44 17.74
N GLY A 421 -13.71 21.24 16.77
CA GLY A 421 -12.49 21.05 15.98
C GLY A 421 -11.19 21.10 16.76
N ILE A 422 -11.11 21.92 17.82
CA ILE A 422 -9.94 21.96 18.70
C ILE A 422 -9.96 20.70 19.57
N ALA A 423 -11.09 20.48 20.25
CA ALA A 423 -11.23 19.30 21.07
C ALA A 423 -10.70 18.05 20.28
N ARG A 424 -11.22 17.85 19.07
CA ARG A 424 -10.87 16.69 18.26
C ARG A 424 -9.40 16.65 17.86
N THR A 425 -8.77 17.80 17.69
CA THR A 425 -7.37 17.82 17.33
C THR A 425 -6.53 17.50 18.57
N GLU A 426 -6.99 17.98 19.72
CA GLU A 426 -6.23 17.78 20.95
C GLU A 426 -6.28 16.27 21.27
N LEU A 427 -7.49 15.70 21.19
CA LEU A 427 -7.64 14.28 21.45
C LEU A 427 -6.69 13.51 20.58
N PHE A 428 -6.74 13.77 19.28
CA PHE A 428 -6.02 12.89 18.38
C PHE A 428 -4.52 13.05 18.52
N LEU A 429 -4.05 14.29 18.51
CA LEU A 429 -2.62 14.52 18.70
C LEU A 429 -2.09 14.17 20.08
N PHE A 430 -2.81 14.44 21.16
CA PHE A 430 -2.34 14.05 22.49
C PHE A 430 -2.26 12.53 22.80
N PHE A 431 -3.28 11.77 22.40
CA PHE A 431 -3.21 10.31 22.50
CA PHE A 431 -3.28 10.38 22.48
C PHE A 431 -2.29 9.77 21.53
N THR A 432 -2.21 10.15 20.26
CA THR A 432 -1.24 9.48 19.43
C THR A 432 0.15 9.94 19.77
N THR A 433 0.38 11.15 20.27
CA THR A 433 1.78 11.55 20.54
C THR A 433 2.33 10.87 21.79
N ILE A 434 1.53 10.81 22.87
CA ILE A 434 1.90 10.06 24.07
C ILE A 434 2.10 8.61 23.67
N LEU A 435 1.15 8.02 22.94
CA LEU A 435 1.26 6.60 22.64
C LEU A 435 2.36 6.26 21.65
N GLN A 436 2.76 7.19 20.81
CA GLN A 436 3.90 6.99 19.94
C GLN A 436 5.20 6.84 20.75
N ASN A 437 5.28 7.49 21.91
CA ASN A 437 6.54 7.70 22.62
C ASN A 437 6.59 6.98 23.96
N PHE A 438 5.47 6.48 24.44
CA PHE A 438 5.46 5.87 25.74
C PHE A 438 4.64 4.63 25.74
N SER A 439 4.96 3.77 26.67
CA SER A 439 4.12 2.66 26.98
C SER A 439 3.62 2.82 28.40
N ILE A 440 2.38 2.41 28.64
CA ILE A 440 1.76 2.75 29.89
C ILE A 440 1.56 1.48 30.67
N ALA A 441 1.43 1.60 31.99
CA ALA A 441 1.40 0.49 32.95
C ALA A 441 0.87 1.10 34.21
N SER A 442 0.00 0.39 34.91
CA SER A 442 -0.33 0.77 36.28
C SER A 442 -0.04 -0.44 37.15
N PRO A 443 -0.01 -0.27 38.48
CA PRO A 443 -0.01 -1.40 39.42
C PRO A 443 -1.28 -2.27 39.36
N VAL A 444 -2.47 -1.65 39.30
CA VAL A 444 -3.79 -2.32 39.21
C VAL A 444 -3.93 -3.15 37.95
N PRO A 445 -4.30 -4.43 38.10
CA PRO A 445 -4.54 -5.31 36.95
C PRO A 445 -5.80 -4.93 36.19
N PRO A 446 -5.75 -4.95 34.85
CA PRO A 446 -6.88 -4.65 33.94
C PRO A 446 -8.28 -5.05 34.45
N GLU A 447 -8.40 -6.24 35.02
CA GLU A 447 -9.69 -6.82 35.49
C GLU A 447 -10.35 -6.11 36.68
N ASP A 448 -9.60 -5.27 37.39
CA ASP A 448 -10.18 -4.49 38.48
C ASP A 448 -10.03 -3.01 38.31
N ILE A 449 -9.97 -2.55 37.07
CA ILE A 449 -10.04 -1.11 36.88
C ILE A 449 -11.52 -0.72 36.89
N ASP A 450 -11.88 0.23 37.75
CA ASP A 450 -13.26 0.71 37.80
C ASP A 450 -13.42 2.00 37.04
N LEU A 451 -14.44 2.03 36.19
CA LEU A 451 -14.67 3.18 35.34
C LEU A 451 -15.71 4.14 35.92
N THR A 452 -16.21 3.78 37.10
CA THR A 452 -17.17 4.57 37.86
C THR A 452 -16.62 5.92 38.35
N PRO A 453 -17.26 7.02 37.79
CA PRO A 453 -16.89 8.43 38.00
C PRO A 453 -16.71 8.81 39.46
N ARG A 454 -15.70 9.63 39.79
CA ARG A 454 -15.51 10.18 41.16
C ARG A 454 -16.61 11.18 41.47
N GLU A 455 -17.32 11.63 40.42
CA GLU A 455 -18.47 12.55 40.55
C GLU A 455 -19.29 12.45 39.26
N SER A 456 -20.61 12.39 39.39
CA SER A 456 -21.47 12.32 38.20
C SER A 456 -22.46 13.45 38.42
N GLY A 457 -22.37 14.50 37.60
CA GLY A 457 -23.21 15.68 37.74
C GLY A 457 -23.51 16.26 36.38
N VAL A 458 -23.52 17.60 36.32
CA VAL A 458 -23.64 18.34 35.05
C VAL A 458 -22.47 17.99 34.10
N GLY A 459 -21.34 17.61 34.70
CA GLY A 459 -20.30 16.88 33.99
C GLY A 459 -19.91 15.65 34.78
N ASN A 460 -19.29 14.67 34.11
CA ASN A 460 -18.70 13.46 34.74
C ASN A 460 -17.23 13.59 35.01
N VAL A 461 -16.78 13.15 36.18
CA VAL A 461 -15.35 13.20 36.50
C VAL A 461 -14.86 11.81 36.83
N PRO A 462 -13.93 11.26 36.02
CA PRO A 462 -13.31 9.95 36.31
C PRO A 462 -12.49 9.95 37.64
N PRO A 463 -12.33 8.78 38.30
CA PRO A 463 -11.61 8.68 39.58
C PRO A 463 -10.15 8.97 39.36
N SER A 464 -9.41 9.31 40.41
CA SER A 464 -7.97 9.36 40.25
C SER A 464 -7.41 7.97 40.04
N TYR A 465 -6.26 7.88 39.35
CA TYR A 465 -5.56 6.60 39.22
C TYR A 465 -4.10 6.82 38.98
N GLN A 466 -3.28 5.83 39.33
CA GLN A 466 -1.81 5.87 39.11
C GLN A 466 -1.54 5.34 37.70
N ILE A 467 -0.41 5.68 37.10
CA ILE A 467 -0.13 5.27 35.73
C ILE A 467 1.32 5.56 35.54
N ARG A 468 2.00 4.87 34.66
CA ARG A 468 3.39 5.15 34.54
C ARG A 468 3.59 5.25 33.04
N PHE A 469 4.57 6.06 32.62
CA PHE A 469 4.79 6.31 31.20
C PHE A 469 6.18 5.92 30.86
N LEU A 470 6.34 4.76 30.23
CA LEU A 470 7.64 4.23 29.91
C LEU A 470 8.14 4.57 28.50
N ALA A 471 9.25 5.30 28.41
CA ALA A 471 9.84 5.66 27.14
C ALA A 471 10.09 4.47 26.33
N ARG A 472 9.59 4.50 25.10
CA ARG A 472 9.78 3.44 24.08
C ARG A 472 11.03 3.69 23.26
N HIS A 473 11.67 2.60 22.80
CA HIS A 473 12.82 2.74 21.88
C HIS A 473 12.76 1.65 20.80
N GLY B 9 -58.97 -16.91 26.58
CA GLY B 9 -58.59 -15.69 25.80
C GLY B 9 -58.77 -15.86 24.30
N LYS B 10 -57.92 -15.18 23.54
CA LYS B 10 -58.01 -15.19 22.07
C LYS B 10 -56.79 -15.85 21.38
N LEU B 11 -56.87 -15.90 20.05
CA LEU B 11 -55.70 -16.03 19.17
C LEU B 11 -55.08 -14.65 19.23
N PRO B 12 -53.85 -14.48 18.71
CA PRO B 12 -53.22 -13.17 18.76
C PRO B 12 -53.93 -12.37 17.67
N PRO B 13 -53.57 -11.08 17.47
CA PRO B 13 -54.30 -10.16 16.58
C PRO B 13 -53.95 -10.53 15.16
N GLY B 14 -54.63 -9.99 14.16
CA GLY B 14 -54.27 -10.29 12.77
C GLY B 14 -55.42 -9.91 11.90
N PRO B 15 -55.22 -9.92 10.59
CA PRO B 15 -56.28 -9.43 9.71
C PRO B 15 -57.53 -10.33 9.64
N SER B 16 -58.48 -9.96 8.76
CA SER B 16 -59.80 -10.61 8.66
C SER B 16 -59.84 -11.67 7.56
N PRO B 17 -59.86 -12.95 7.97
CA PRO B 17 -59.81 -14.05 7.00
C PRO B 17 -61.07 -14.18 6.16
N LEU B 18 -60.92 -14.26 4.83
CA LEU B 18 -62.05 -14.59 3.97
C LEU B 18 -62.10 -16.10 3.87
N PRO B 19 -63.15 -16.75 4.45
CA PRO B 19 -63.07 -18.22 4.44
C PRO B 19 -62.67 -18.79 3.06
N VAL B 20 -61.92 -19.89 3.14
CA VAL B 20 -61.20 -20.53 2.02
C VAL B 20 -59.97 -19.75 1.46
N LEU B 21 -60.12 -18.45 1.22
CA LEU B 21 -58.98 -17.64 0.73
C LEU B 21 -58.04 -17.18 1.88
N GLY B 22 -58.60 -17.08 3.08
CA GLY B 22 -57.88 -16.70 4.30
C GLY B 22 -57.37 -15.26 4.22
N ASN B 23 -56.06 -15.11 4.05
CA ASN B 23 -55.46 -13.80 3.95
C ASN B 23 -54.76 -13.51 2.67
N LEU B 24 -55.18 -14.19 1.60
CA LEU B 24 -54.55 -14.01 0.28
C LEU B 24 -54.41 -12.53 -0.11
N LEU B 25 -55.33 -11.69 0.33
CA LEU B 25 -55.38 -10.31 -0.13
C LEU B 25 -54.56 -9.35 0.74
N GLN B 26 -54.05 -9.82 1.88
CA GLN B 26 -53.15 -9.02 2.75
C GLN B 26 -51.66 -9.44 2.67
N MET B 27 -51.33 -10.35 1.77
CA MET B 27 -49.98 -10.89 1.67
C MET B 27 -49.12 -10.03 0.76
N ASP B 28 -48.01 -10.57 0.29
CA ASP B 28 -47.15 -9.80 -0.54
C ASP B 28 -46.57 -10.65 -1.66
N ARG B 29 -46.64 -10.16 -2.89
CA ARG B 29 -46.18 -10.92 -4.06
C ARG B 29 -44.71 -11.39 -3.96
N LYS B 30 -43.87 -10.65 -3.21
CA LYS B 30 -42.43 -10.97 -3.04
C LYS B 30 -42.24 -12.36 -2.41
N GLY B 31 -42.88 -12.64 -1.28
CA GLY B 31 -42.93 -14.01 -0.77
C GLY B 31 -43.57 -14.17 0.60
N LEU B 32 -43.57 -15.39 1.10
CA LEU B 32 -44.15 -15.71 2.40
C LEU B 32 -43.45 -15.03 3.58
N LEU B 33 -42.13 -14.80 3.46
CA LEU B 33 -41.36 -14.15 4.55
C LEU B 33 -41.71 -12.68 4.63
N ARG B 34 -41.63 -12.03 3.49
CA ARG B 34 -41.91 -10.61 3.30
C ARG B 34 -43.30 -10.31 3.87
N SER B 35 -44.23 -11.21 3.54
CA SER B 35 -45.62 -11.12 3.94
C SER B 35 -45.70 -10.96 5.41
N PHE B 36 -45.08 -11.89 6.14
CA PHE B 36 -45.06 -11.90 7.62
C PHE B 36 -44.37 -10.67 8.18
N LEU B 37 -43.29 -10.23 7.55
CA LEU B 37 -42.55 -9.12 8.12
C LEU B 37 -43.35 -7.85 7.99
N ARG B 38 -44.10 -7.73 6.89
CA ARG B 38 -45.11 -6.68 6.79
C ARG B 38 -46.20 -6.76 7.90
N LEU B 39 -46.99 -7.82 7.97
CA LEU B 39 -48.01 -7.90 9.01
C LEU B 39 -47.41 -7.65 10.40
N ARG B 40 -46.14 -7.93 10.57
CA ARG B 40 -45.50 -7.60 11.83
C ARG B 40 -45.57 -6.10 12.15
N GLU B 41 -45.34 -5.23 11.15
CA GLU B 41 -45.40 -3.75 11.31
C GLU B 41 -46.64 -3.35 12.07
N LYS B 42 -47.77 -3.77 11.50
CA LYS B 42 -49.14 -3.63 12.02
C LYS B 42 -49.43 -4.34 13.39
N TYR B 43 -49.41 -5.67 13.43
CA TYR B 43 -50.00 -6.35 14.60
C TYR B 43 -49.03 -6.75 15.74
N GLY B 44 -47.80 -6.26 15.63
CA GLY B 44 -46.76 -6.54 16.63
C GLY B 44 -45.96 -7.82 16.41
N ASP B 45 -45.34 -8.28 17.49
CA ASP B 45 -44.42 -9.38 17.44
C ASP B 45 -45.04 -10.76 17.27
N VAL B 46 -46.10 -11.01 18.04
CA VAL B 46 -46.78 -12.29 18.05
C VAL B 46 -48.14 -12.06 17.42
N PHE B 47 -48.50 -12.87 16.43
CA PHE B 47 -49.69 -12.59 15.66
C PHE B 47 -50.14 -13.71 14.73
N THR B 48 -51.39 -13.61 14.27
CA THR B 48 -52.09 -14.71 13.63
C THR B 48 -52.42 -14.38 12.20
N VAL B 49 -52.33 -15.37 11.33
CA VAL B 49 -52.62 -15.18 9.92
C VAL B 49 -53.18 -16.51 9.45
N TYR B 50 -53.82 -16.48 8.28
CA TYR B 50 -54.64 -17.57 7.82
C TYR B 50 -54.20 -18.09 6.46
N LEU B 51 -53.54 -19.23 6.47
CA LEU B 51 -53.02 -19.77 5.25
C LEU B 51 -54.07 -20.76 4.83
N GLY B 52 -54.61 -20.55 3.63
CA GLY B 52 -55.80 -21.29 3.20
C GLY B 52 -56.87 -21.01 4.25
N SER B 53 -57.35 -22.06 4.93
CA SER B 53 -58.32 -21.86 6.04
C SER B 53 -57.71 -22.10 7.42
N ARG B 54 -56.42 -22.46 7.43
CA ARG B 54 -55.68 -22.86 8.63
C ARG B 54 -55.00 -21.66 9.33
N PRO B 55 -55.26 -21.51 10.65
CA PRO B 55 -54.67 -20.40 11.42
C PRO B 55 -53.23 -20.72 11.90
N VAL B 56 -52.30 -19.76 11.72
CA VAL B 56 -50.93 -19.87 12.29
C VAL B 56 -50.54 -18.69 13.13
N VAL B 57 -50.16 -18.95 14.37
CA VAL B 57 -49.52 -17.96 15.22
C VAL B 57 -48.12 -17.70 14.65
N VAL B 58 -47.73 -16.44 14.46
CA VAL B 58 -46.39 -16.16 13.93
C VAL B 58 -45.55 -15.40 14.91
N LEU B 59 -44.33 -15.86 15.18
CA LEU B 59 -43.44 -15.25 16.19
C LEU B 59 -42.29 -14.41 15.59
N CYS B 60 -42.04 -13.24 16.19
CA CYS B 60 -41.02 -12.34 15.69
C CYS B 60 -40.10 -11.75 16.73
N GLY B 61 -38.84 -11.60 16.33
CA GLY B 61 -37.81 -11.04 17.20
C GLY B 61 -37.33 -12.00 18.25
N THR B 62 -36.05 -11.89 18.56
CA THR B 62 -35.39 -12.70 19.57
C THR B 62 -36.30 -13.05 20.75
N ASP B 63 -36.87 -12.02 21.37
CA ASP B 63 -37.64 -12.14 22.62
C ASP B 63 -38.91 -12.96 22.58
N ALA B 64 -39.81 -12.65 21.63
CA ALA B 64 -40.91 -13.58 21.30
C ALA B 64 -40.47 -15.05 21.17
N ILE B 65 -39.62 -15.34 20.17
CA ILE B 65 -39.18 -16.71 19.92
C ILE B 65 -38.64 -17.36 21.18
N ARG B 66 -37.79 -16.66 21.90
CA ARG B 66 -37.11 -17.29 23.03
C ARG B 66 -38.08 -17.66 24.12
N GLU B 67 -39.02 -16.77 24.37
CA GLU B 67 -40.12 -17.02 25.31
C GLU B 67 -40.82 -18.31 24.95
N ALA B 68 -41.29 -18.39 23.71
CA ALA B 68 -41.97 -19.59 23.24
C ALA B 68 -41.08 -20.85 23.31
N LEU B 69 -39.99 -20.88 22.54
CA LEU B 69 -39.27 -22.11 22.35
C LEU B 69 -38.43 -22.50 23.54
N VAL B 70 -38.05 -21.55 24.39
CA VAL B 70 -37.19 -21.92 25.55
C VAL B 70 -37.93 -22.00 26.89
N ASP B 71 -38.65 -20.94 27.21
CA ASP B 71 -39.48 -20.86 28.40
C ASP B 71 -40.69 -21.75 28.47
N GLN B 72 -41.21 -22.16 27.31
CA GLN B 72 -42.34 -23.09 27.25
C GLN B 72 -41.88 -24.10 26.21
N ALA B 73 -40.84 -24.84 26.62
CA ALA B 73 -40.07 -25.70 25.75
C ALA B 73 -40.95 -26.87 25.36
N GLU B 74 -41.48 -27.59 26.36
CA GLU B 74 -42.24 -28.81 26.05
C GLU B 74 -43.48 -28.44 25.28
N ALA B 75 -44.01 -27.25 25.56
CA ALA B 75 -45.28 -26.80 24.98
C ALA B 75 -45.19 -26.50 23.49
N PHE B 76 -44.00 -26.09 23.06
CA PHE B 76 -43.83 -25.69 21.69
C PHE B 76 -43.05 -26.74 20.93
N SER B 77 -42.97 -27.92 21.51
CA SER B 77 -42.16 -28.99 20.97
C SER B 77 -42.74 -29.72 19.72
N GLY B 78 -44.00 -29.47 19.41
CA GLY B 78 -44.63 -30.07 18.24
C GLY B 78 -44.11 -29.59 16.89
N ARG B 79 -44.04 -30.51 15.94
CA ARG B 79 -43.67 -30.21 14.56
C ARG B 79 -44.90 -30.03 13.65
N GLY B 80 -44.92 -29.00 12.79
CA GLY B 80 -45.99 -28.78 11.81
C GLY B 80 -45.50 -29.28 10.47
N LYS B 81 -46.30 -29.25 9.40
CA LYS B 81 -45.82 -29.82 8.10
C LYS B 81 -45.69 -28.92 6.84
N ILE B 82 -44.73 -29.23 5.96
CA ILE B 82 -44.51 -28.51 4.73
C ILE B 82 -45.32 -29.17 3.64
N ALA B 83 -46.32 -28.47 3.15
CA ALA B 83 -47.23 -29.09 2.20
C ALA B 83 -46.52 -29.79 1.07
N VAL B 84 -45.50 -29.17 0.50
CA VAL B 84 -44.92 -29.80 -0.67
C VAL B 84 -44.20 -31.13 -0.41
N VAL B 85 -43.83 -31.42 0.82
CA VAL B 85 -43.14 -32.69 1.05
C VAL B 85 -43.87 -33.60 1.97
N ASP B 86 -44.99 -33.14 2.51
CA ASP B 86 -45.71 -34.00 3.38
C ASP B 86 -46.25 -35.29 2.71
N PRO B 87 -46.69 -35.22 1.44
CA PRO B 87 -46.99 -36.50 0.75
C PRO B 87 -45.91 -37.58 0.98
N ILE B 88 -44.64 -37.16 1.02
CA ILE B 88 -43.49 -38.02 1.22
C ILE B 88 -43.35 -38.48 2.66
N PHE B 89 -43.50 -37.58 3.62
CA PHE B 89 -43.18 -37.95 5.00
C PHE B 89 -44.40 -38.51 5.77
N GLN B 90 -45.52 -37.76 5.73
CA GLN B 90 -46.74 -38.17 6.39
C GLN B 90 -46.45 -38.53 7.84
N GLY B 91 -45.74 -37.68 8.57
CA GLY B 91 -45.50 -37.87 10.00
C GLY B 91 -44.43 -38.92 10.30
N TYR B 92 -43.65 -39.29 9.29
CA TYR B 92 -42.57 -40.27 9.50
C TYR B 92 -41.15 -39.72 9.42
N GLY B 93 -40.24 -40.44 10.05
CA GLY B 93 -38.85 -40.02 10.15
C GLY B 93 -38.69 -38.89 11.16
N VAL B 94 -37.46 -38.64 11.57
CA VAL B 94 -37.20 -37.70 12.62
C VAL B 94 -37.63 -36.25 12.41
N ILE B 95 -37.43 -35.62 11.27
CA ILE B 95 -37.76 -34.19 11.22
C ILE B 95 -39.22 -34.00 11.57
N PHE B 96 -40.08 -34.84 11.00
CA PHE B 96 -41.55 -34.60 11.00
C PHE B 96 -42.41 -35.49 11.91
N ALA B 97 -41.76 -36.29 12.75
CA ALA B 97 -42.41 -37.12 13.76
C ALA B 97 -42.97 -36.22 14.85
N ASN B 98 -43.95 -36.69 15.60
CA ASN B 98 -44.28 -36.01 16.86
C ASN B 98 -44.56 -36.96 18.01
N GLY B 99 -44.79 -36.37 19.18
CA GLY B 99 -44.95 -37.15 20.41
C GLY B 99 -43.95 -38.31 20.53
N GLU B 100 -44.47 -39.51 20.70
CA GLU B 100 -43.59 -40.57 21.06
C GLU B 100 -42.61 -40.96 19.93
N ARG B 101 -43.09 -41.01 18.68
CA ARG B 101 -42.25 -41.36 17.55
C ARG B 101 -41.05 -40.41 17.55
N TRP B 102 -41.36 -39.10 17.63
CA TRP B 102 -40.30 -38.10 17.67
C TRP B 102 -39.28 -38.28 18.82
N ARG B 103 -39.76 -38.26 20.06
CA ARG B 103 -38.87 -38.55 21.19
C ARG B 103 -37.99 -39.73 20.95
N ALA B 104 -38.56 -40.78 20.35
CA ALA B 104 -37.85 -42.02 20.21
C ALA B 104 -36.80 -41.84 19.14
N LEU B 105 -37.16 -41.17 18.06
CA LEU B 105 -36.26 -41.14 16.90
C LEU B 105 -35.15 -40.19 17.13
N ARG B 106 -35.49 -38.98 17.60
CA ARG B 106 -34.50 -37.99 18.01
C ARG B 106 -33.50 -38.60 18.97
N ARG B 107 -33.95 -39.04 20.14
CA ARG B 107 -33.05 -39.71 21.05
C ARG B 107 -32.05 -40.68 20.35
N PHE B 108 -32.54 -41.73 19.73
CA PHE B 108 -31.64 -42.67 19.00
C PHE B 108 -30.73 -41.97 18.04
N SER B 109 -31.24 -40.93 17.37
CA SER B 109 -30.52 -40.17 16.33
C SER B 109 -29.34 -39.35 16.83
N LEU B 110 -29.48 -38.57 17.92
CA LEU B 110 -28.31 -37.98 18.62
C LEU B 110 -27.26 -39.04 18.91
N ALA B 111 -27.67 -40.03 19.69
CA ALA B 111 -26.77 -41.06 20.19
C ALA B 111 -25.98 -41.75 19.10
N THR B 112 -26.48 -41.71 17.87
CA THR B 112 -25.96 -42.59 16.82
C THR B 112 -25.06 -41.82 15.90
N MET B 113 -25.17 -40.51 15.94
CA MET B 113 -24.18 -39.77 15.20
C MET B 113 -22.94 -39.46 16.02
N ARG B 114 -23.12 -39.13 17.31
CA ARG B 114 -21.97 -38.97 18.16
C ARG B 114 -21.00 -40.20 18.06
N ASP B 115 -21.51 -41.43 18.00
CA ASP B 115 -20.62 -42.61 18.09
C ASP B 115 -20.25 -43.57 16.90
N PHE B 116 -21.23 -44.17 16.22
CA PHE B 116 -20.97 -45.27 15.23
C PHE B 116 -20.83 -44.78 13.79
N GLY B 117 -19.91 -45.41 13.05
CA GLY B 117 -19.67 -45.05 11.64
C GLY B 117 -18.37 -45.50 10.90
N MET B 118 -18.36 -45.25 9.59
CA MET B 118 -17.32 -45.73 8.62
C MET B 118 -15.82 -45.56 9.00
N GLY B 119 -15.11 -46.69 9.05
CA GLY B 119 -13.68 -46.70 9.34
C GLY B 119 -13.31 -46.50 10.81
N LYS B 120 -14.26 -46.66 11.74
CA LYS B 120 -13.97 -46.52 13.20
C LYS B 120 -13.57 -45.08 13.53
N ARG B 121 -14.03 -44.15 12.69
CA ARG B 121 -13.52 -42.77 12.68
C ARG B 121 -14.56 -41.84 13.28
N SER B 122 -14.11 -40.73 13.84
CA SER B 122 -14.99 -39.77 14.46
C SER B 122 -15.46 -38.84 13.41
N VAL B 123 -16.61 -38.25 13.63
CA VAL B 123 -17.11 -37.23 12.74
C VAL B 123 -15.99 -36.26 12.29
N GLU B 124 -15.32 -35.59 13.24
CA GLU B 124 -14.18 -34.74 12.90
C GLU B 124 -13.27 -35.40 11.91
N GLU B 125 -12.59 -36.50 12.28
CA GLU B 125 -11.69 -37.24 11.38
C GLU B 125 -12.30 -37.45 10.00
N ARG B 126 -13.59 -37.62 9.95
CA ARG B 126 -14.20 -37.79 8.68
C ARG B 126 -14.26 -36.50 7.90
N ILE B 127 -14.69 -35.44 8.57
CA ILE B 127 -14.75 -34.13 7.93
C ILE B 127 -13.35 -33.71 7.52
N GLN B 128 -12.36 -34.00 8.35
CA GLN B 128 -10.97 -33.82 7.97
C GLN B 128 -10.67 -34.48 6.62
N GLU B 129 -11.03 -35.75 6.47
CA GLU B 129 -10.65 -36.49 5.28
C GLU B 129 -11.43 -36.00 4.08
N GLU B 130 -12.65 -35.55 4.27
CA GLU B 130 -13.37 -35.04 3.14
C GLU B 130 -12.63 -33.82 2.67
N ALA B 131 -12.22 -32.97 3.61
CA ALA B 131 -11.54 -31.73 3.30
C ALA B 131 -10.30 -32.03 2.51
N ARG B 132 -9.51 -32.99 2.96
CA ARG B 132 -8.37 -33.44 2.18
C ARG B 132 -8.72 -33.82 0.73
N CYS B 133 -9.86 -34.42 0.49
CA CYS B 133 -10.23 -34.78 -0.84
C CYS B 133 -10.65 -33.61 -1.64
N LEU B 134 -11.24 -32.62 -0.95
CA LEU B 134 -11.64 -31.35 -1.56
C LEU B 134 -10.45 -30.58 -2.03
N VAL B 135 -9.40 -30.48 -1.22
CA VAL B 135 -8.22 -29.75 -1.61
C VAL B 135 -7.64 -30.36 -2.88
N GLU B 136 -7.53 -31.67 -2.93
CA GLU B 136 -6.92 -32.31 -4.06
C GLU B 136 -7.73 -32.20 -5.35
N GLU B 137 -9.05 -32.21 -5.22
CA GLU B 137 -9.92 -31.95 -6.34
C GLU B 137 -9.73 -30.52 -6.80
N LEU B 138 -9.70 -29.58 -5.86
CA LEU B 138 -9.54 -28.15 -6.17
C LEU B 138 -8.27 -27.91 -6.91
N ARG B 139 -7.18 -28.55 -6.47
CA ARG B 139 -5.87 -28.43 -7.12
C ARG B 139 -5.93 -28.82 -8.56
N LYS B 140 -6.73 -29.85 -8.82
CA LYS B 140 -6.77 -30.45 -10.12
C LYS B 140 -7.17 -29.38 -11.16
N SER B 141 -8.08 -28.49 -10.77
CA SER B 141 -8.57 -27.49 -11.70
C SER B 141 -7.58 -26.37 -11.99
N LYS B 142 -6.46 -26.34 -11.28
CA LYS B 142 -5.37 -25.44 -11.61
C LYS B 142 -5.76 -23.96 -11.55
N GLY B 143 -6.76 -23.61 -10.76
CA GLY B 143 -7.15 -22.21 -10.59
C GLY B 143 -8.09 -21.68 -11.67
N ALA B 144 -8.58 -22.54 -12.56
CA ALA B 144 -9.49 -22.10 -13.58
C ALA B 144 -10.78 -21.68 -12.87
N LEU B 145 -11.63 -20.85 -13.46
CA LEU B 145 -12.87 -20.48 -12.75
C LEU B 145 -13.84 -21.59 -12.87
N LEU B 146 -14.60 -21.78 -11.81
CA LEU B 146 -15.67 -22.76 -11.82
C LEU B 146 -16.84 -22.18 -11.07
N ASP B 147 -17.90 -22.99 -10.94
CA ASP B 147 -19.02 -22.63 -10.09
C ASP B 147 -18.88 -23.60 -8.95
N ASN B 148 -18.89 -23.13 -7.70
CA ASN B 148 -18.52 -24.07 -6.61
C ASN B 148 -19.66 -24.93 -6.12
N THR B 149 -20.86 -24.64 -6.65
CA THR B 149 -22.10 -25.38 -6.36
C THR B 149 -21.97 -26.91 -6.28
N LEU B 150 -21.60 -27.55 -7.36
CA LEU B 150 -21.37 -28.98 -7.34
C LEU B 150 -20.40 -29.48 -6.26
N LEU B 151 -19.21 -28.91 -6.22
CA LEU B 151 -18.25 -29.36 -5.24
C LEU B 151 -18.73 -29.20 -3.81
N PHE B 152 -19.56 -28.18 -3.59
CA PHE B 152 -19.88 -27.83 -2.24
C PHE B 152 -20.98 -28.75 -1.73
N HIS B 153 -21.95 -29.07 -2.60
CA HIS B 153 -22.80 -30.23 -2.37
C HIS B 153 -22.10 -31.58 -2.20
N SER B 154 -21.17 -31.91 -3.07
CA SER B 154 -20.47 -33.16 -2.91
C SER B 154 -19.96 -33.36 -1.50
N ILE B 155 -19.21 -32.40 -0.97
CA ILE B 155 -18.44 -32.62 0.26
C ILE B 155 -19.33 -32.67 1.47
N THR B 156 -20.47 -31.98 1.41
CA THR B 156 -21.43 -32.08 2.51
C THR B 156 -22.09 -33.47 2.54
N SER B 157 -22.65 -33.93 1.40
CA SER B 157 -23.26 -35.27 1.30
C SER B 157 -22.25 -36.25 1.77
N ASN B 158 -21.12 -36.35 1.12
CA ASN B 158 -20.17 -37.32 1.57
C ASN B 158 -19.97 -37.43 3.07
N ILE B 159 -20.22 -36.37 3.81
CA ILE B 159 -20.16 -36.48 5.29
C ILE B 159 -21.33 -37.34 5.76
N ILE B 160 -22.53 -36.92 5.34
CA ILE B 160 -23.73 -37.60 5.70
C ILE B 160 -23.73 -39.07 5.30
N CYS B 161 -23.42 -39.34 4.03
CA CYS B 161 -23.20 -40.68 3.50
C CYS B 161 -22.23 -41.51 4.32
N SER B 162 -21.16 -40.92 4.80
CA SER B 162 -20.19 -41.69 5.59
C SER B 162 -20.77 -42.08 6.94
N ILE B 163 -21.77 -41.35 7.38
CA ILE B 163 -22.36 -41.61 8.66
C ILE B 163 -23.49 -42.58 8.41
N VAL B 164 -24.37 -42.20 7.51
CA VAL B 164 -25.59 -42.99 7.28
C VAL B 164 -25.33 -44.31 6.54
N PHE B 165 -24.77 -44.26 5.33
CA PHE B 165 -24.45 -45.45 4.56
C PHE B 165 -23.07 -45.98 4.79
N GLY B 166 -22.38 -45.50 5.83
CA GLY B 166 -21.01 -45.93 6.09
C GLY B 166 -20.06 -45.95 4.89
N LYS B 167 -20.14 -44.98 3.98
CA LYS B 167 -19.12 -44.85 2.92
C LYS B 167 -19.21 -43.52 2.14
N ARG B 168 -18.17 -43.14 1.41
CA ARG B 168 -18.22 -41.92 0.59
C ARG B 168 -18.16 -42.25 -0.89
N PHE B 169 -18.66 -41.34 -1.72
CA PHE B 169 -18.65 -41.53 -3.16
C PHE B 169 -17.64 -40.65 -3.82
N ASP B 170 -16.92 -41.14 -4.81
CA ASP B 170 -16.04 -40.26 -5.53
C ASP B 170 -16.79 -39.14 -6.31
N TYR B 171 -16.15 -37.99 -6.46
CA TYR B 171 -16.85 -36.80 -6.96
C TYR B 171 -17.37 -36.93 -8.37
N LYS B 172 -16.95 -37.96 -9.09
CA LYS B 172 -17.30 -38.08 -10.49
C LYS B 172 -18.15 -39.33 -10.73
N ASP B 173 -18.43 -40.08 -9.66
CA ASP B 173 -19.26 -41.27 -9.71
C ASP B 173 -20.63 -40.89 -10.18
N PRO B 174 -21.18 -41.58 -11.21
CA PRO B 174 -22.48 -41.10 -11.76
C PRO B 174 -23.69 -41.46 -10.93
N VAL B 175 -23.56 -42.49 -10.09
CA VAL B 175 -24.58 -42.79 -9.08
C VAL B 175 -24.70 -41.52 -8.26
N PHE B 176 -23.54 -41.02 -7.83
CA PHE B 176 -23.50 -39.98 -6.85
C PHE B 176 -23.97 -38.63 -7.35
N LEU B 177 -23.52 -38.25 -8.56
CA LEU B 177 -23.90 -36.99 -9.24
C LEU B 177 -25.38 -36.92 -9.51
N ARG B 178 -25.94 -38.07 -9.88
CA ARG B 178 -27.37 -38.18 -9.98
C ARG B 178 -28.06 -37.76 -8.68
N LEU B 179 -27.75 -38.38 -7.56
CA LEU B 179 -28.40 -38.02 -6.27
C LEU B 179 -28.30 -36.53 -5.95
N LEU B 180 -27.12 -35.96 -6.24
CA LEU B 180 -26.86 -34.56 -5.99
C LEU B 180 -27.74 -33.67 -6.86
N ASP B 181 -28.04 -34.12 -8.09
CA ASP B 181 -28.85 -33.30 -8.93
C ASP B 181 -30.27 -33.25 -8.41
N LEU B 182 -30.85 -34.41 -8.16
CA LEU B 182 -32.13 -34.56 -7.45
C LEU B 182 -32.25 -33.68 -6.19
N PHE B 183 -31.45 -33.99 -5.17
CA PHE B 183 -31.39 -33.20 -3.96
C PHE B 183 -31.42 -31.71 -4.17
N PHE B 184 -30.61 -31.23 -5.12
CA PHE B 184 -30.44 -29.79 -5.36
C PHE B 184 -31.66 -29.22 -6.11
N GLN B 185 -32.16 -29.93 -7.12
CA GLN B 185 -33.28 -29.45 -7.88
C GLN B 185 -34.53 -29.51 -7.05
N SER B 186 -34.58 -30.45 -6.11
CA SER B 186 -35.70 -30.58 -5.17
C SER B 186 -35.71 -29.45 -4.18
N PHE B 187 -34.56 -29.20 -3.56
CA PHE B 187 -34.47 -28.15 -2.56
C PHE B 187 -34.71 -26.76 -3.19
N SER B 188 -34.47 -26.69 -4.49
CA SER B 188 -34.74 -25.49 -5.23
C SER B 188 -36.22 -25.31 -5.59
N LEU B 189 -36.90 -26.42 -5.93
CA LEU B 189 -38.36 -26.37 -6.14
C LEU B 189 -39.09 -26.17 -4.81
N ILE B 190 -38.52 -26.74 -3.74
CA ILE B 190 -39.15 -26.70 -2.43
C ILE B 190 -39.32 -25.25 -2.02
N SER B 191 -38.30 -24.44 -2.32
CA SER B 191 -38.34 -23.07 -1.82
C SER B 191 -38.50 -22.05 -2.93
N SER B 192 -38.82 -22.52 -4.13
CA SER B 192 -39.40 -21.66 -5.15
C SER B 192 -40.77 -21.09 -4.74
N PHE B 193 -41.30 -20.27 -5.63
CA PHE B 193 -42.50 -19.50 -5.36
C PHE B 193 -43.80 -20.36 -5.33
N SER B 194 -43.93 -21.28 -6.29
CA SER B 194 -45.11 -22.15 -6.36
C SER B 194 -45.41 -22.92 -5.08
N SER B 195 -44.36 -23.34 -4.40
CA SER B 195 -44.45 -24.13 -3.17
C SER B 195 -44.90 -23.28 -2.00
N GLN B 196 -44.84 -21.96 -2.18
CA GLN B 196 -45.46 -21.01 -1.28
C GLN B 196 -46.96 -20.87 -1.59
N VAL B 197 -47.34 -20.79 -2.87
CA VAL B 197 -48.76 -20.79 -3.22
C VAL B 197 -49.33 -22.06 -2.59
N PHE B 198 -48.68 -23.17 -2.94
CA PHE B 198 -49.00 -24.50 -2.43
C PHE B 198 -49.11 -24.58 -0.91
N GLU B 199 -48.22 -23.95 -0.17
CA GLU B 199 -48.37 -23.88 1.27
C GLU B 199 -49.72 -23.30 1.72
N LEU B 200 -50.41 -22.61 0.80
CA LEU B 200 -51.68 -21.98 1.09
C LEU B 200 -52.90 -22.82 0.68
N PHE B 201 -52.91 -23.28 -0.56
CA PHE B 201 -54.07 -23.96 -1.11
C PHE B 201 -53.75 -25.37 -1.54
N SER B 202 -53.10 -26.07 -0.61
CA SER B 202 -52.68 -27.45 -0.79
C SER B 202 -53.85 -28.37 -1.10
N GLY B 203 -54.98 -28.13 -0.40
CA GLY B 203 -56.22 -28.88 -0.59
C GLY B 203 -56.73 -28.83 -2.02
N PHE B 204 -56.91 -27.62 -2.54
CA PHE B 204 -57.33 -27.39 -3.91
C PHE B 204 -56.21 -27.80 -4.87
N LEU B 205 -54.98 -27.46 -4.56
CA LEU B 205 -53.96 -27.51 -5.58
C LEU B 205 -53.32 -28.86 -5.85
N LYS B 206 -53.48 -29.80 -4.92
CA LYS B 206 -52.79 -31.10 -5.08
C LYS B 206 -53.32 -31.93 -6.22
N TYR B 207 -54.37 -31.42 -6.86
CA TYR B 207 -54.93 -32.08 -8.03
C TYR B 207 -54.29 -31.73 -9.38
N PHE B 208 -53.75 -30.52 -9.58
CA PHE B 208 -53.28 -30.13 -10.92
C PHE B 208 -51.78 -30.23 -11.02
N PRO B 209 -51.21 -30.29 -12.24
CA PRO B 209 -49.75 -30.33 -12.29
C PRO B 209 -49.12 -29.10 -11.64
N GLY B 210 -47.85 -29.22 -11.28
CA GLY B 210 -47.21 -28.24 -10.41
C GLY B 210 -45.83 -28.76 -10.09
N THR B 211 -45.02 -27.89 -9.49
CA THR B 211 -43.68 -28.30 -9.11
C THR B 211 -43.75 -29.36 -8.02
N HIS B 212 -44.85 -29.39 -7.27
CA HIS B 212 -45.03 -30.36 -6.19
C HIS B 212 -44.98 -31.86 -6.58
N ARG B 213 -45.24 -32.19 -7.84
CA ARG B 213 -45.17 -33.58 -8.36
C ARG B 213 -43.75 -33.89 -8.66
N GLN B 214 -43.12 -32.94 -9.34
CA GLN B 214 -41.70 -32.94 -9.55
C GLN B 214 -40.91 -33.19 -8.25
N ILE B 215 -41.30 -32.55 -7.13
CA ILE B 215 -40.68 -32.73 -5.82
C ILE B 215 -40.93 -34.14 -5.34
N TYR B 216 -42.19 -34.55 -5.42
CA TYR B 216 -42.61 -35.87 -5.02
C TYR B 216 -41.86 -36.91 -5.84
N ARG B 217 -41.79 -36.76 -7.15
CA ARG B 217 -41.20 -37.82 -7.91
C ARG B 217 -39.75 -37.90 -7.58
N ASN B 218 -39.15 -36.75 -7.30
CA ASN B 218 -37.70 -36.67 -7.07
C ASN B 218 -37.29 -37.33 -5.78
N LEU B 219 -38.09 -37.07 -4.75
CA LEU B 219 -37.83 -37.63 -3.47
C LEU B 219 -38.06 -39.13 -3.44
N GLN B 220 -39.03 -39.60 -4.24
CA GLN B 220 -39.19 -41.03 -4.50
C GLN B 220 -37.91 -41.66 -5.00
N GLU B 221 -37.32 -41.09 -6.04
CA GLU B 221 -36.08 -41.65 -6.53
C GLU B 221 -35.01 -41.80 -5.43
N ILE B 222 -34.93 -40.86 -4.50
CA ILE B 222 -33.94 -40.93 -3.43
C ILE B 222 -34.38 -42.05 -2.49
N ASN B 223 -35.67 -42.08 -2.16
CA ASN B 223 -36.16 -43.16 -1.34
C ASN B 223 -35.81 -44.56 -1.91
N THR B 224 -36.05 -44.76 -3.21
CA THR B 224 -35.57 -45.97 -3.89
C THR B 224 -34.12 -46.26 -3.53
N PHE B 225 -33.23 -45.29 -3.77
CA PHE B 225 -31.81 -45.48 -3.50
C PHE B 225 -31.56 -45.77 -2.01
N ILE B 226 -32.32 -45.08 -1.15
CA ILE B 226 -32.19 -45.34 0.28
C ILE B 226 -32.59 -46.78 0.62
N GLY B 227 -33.79 -47.18 0.14
CA GLY B 227 -34.27 -48.58 0.18
C GLY B 227 -33.24 -49.63 -0.30
N GLN B 228 -32.68 -49.45 -1.50
CA GLN B 228 -31.79 -50.47 -2.00
C GLN B 228 -30.48 -50.59 -1.25
N SER B 229 -30.21 -49.61 -0.40
CA SER B 229 -29.02 -49.60 0.46
C SER B 229 -29.31 -50.26 1.81
N VAL B 230 -30.50 -50.00 2.33
CA VAL B 230 -31.00 -50.80 3.42
C VAL B 230 -30.93 -52.30 3.12
N GLU B 231 -31.34 -52.72 1.92
CA GLU B 231 -31.28 -54.14 1.61
C GLU B 231 -29.86 -54.68 1.61
N LYS B 232 -28.89 -53.96 1.08
CA LYS B 232 -27.49 -54.41 1.12
C LYS B 232 -26.98 -54.46 2.54
N HIS B 233 -27.45 -53.55 3.35
CA HIS B 233 -26.96 -53.47 4.68
C HIS B 233 -27.52 -54.65 5.39
N ARG B 234 -28.81 -54.92 5.21
CA ARG B 234 -29.45 -56.09 5.82
C ARG B 234 -28.78 -57.39 5.44
N ALA B 235 -28.62 -57.61 4.14
CA ALA B 235 -27.97 -58.81 3.57
C ALA B 235 -26.53 -59.06 4.02
N THR B 236 -25.80 -58.02 4.38
CA THR B 236 -24.37 -58.16 4.63
C THR B 236 -24.06 -57.63 6.04
N LEU B 237 -25.06 -57.65 6.92
CA LEU B 237 -24.89 -57.18 8.32
C LEU B 237 -24.22 -58.18 9.32
N ASP B 238 -23.83 -57.68 10.50
CA ASP B 238 -22.98 -58.42 11.45
C ASP B 238 -23.24 -57.87 12.85
N PRO B 239 -23.89 -58.68 13.73
CA PRO B 239 -24.33 -58.19 15.05
C PRO B 239 -23.15 -57.74 15.90
N SER B 240 -22.02 -58.44 15.76
CA SER B 240 -20.76 -58.09 16.48
C SER B 240 -20.38 -56.62 16.15
N ASN B 241 -20.31 -56.24 14.88
CA ASN B 241 -19.62 -55.01 14.52
C ASN B 241 -20.29 -54.02 13.54
N PRO B 242 -21.27 -53.23 14.03
CA PRO B 242 -22.11 -52.32 13.27
C PRO B 242 -21.27 -51.32 12.50
N ARG B 243 -21.46 -51.25 11.17
CA ARG B 243 -20.65 -50.35 10.32
C ARG B 243 -21.13 -48.90 10.51
N ASP B 244 -22.43 -48.63 10.43
CA ASP B 244 -22.91 -47.26 10.41
C ASP B 244 -24.39 -47.11 10.75
N PHE B 245 -24.93 -45.90 10.62
CA PHE B 245 -26.30 -45.61 11.03
C PHE B 245 -27.37 -46.61 10.71
N ILE B 246 -27.34 -47.16 9.50
CA ILE B 246 -28.35 -48.10 9.06
C ILE B 246 -28.17 -49.34 9.88
N ASP B 247 -26.93 -49.81 9.94
CA ASP B 247 -26.56 -51.04 10.63
C ASP B 247 -27.02 -51.01 12.07
N VAL B 248 -26.89 -49.86 12.73
CA VAL B 248 -27.27 -49.74 14.11
C VAL B 248 -28.75 -49.76 14.28
N TYR B 249 -29.46 -49.24 13.28
CA TYR B 249 -30.90 -49.19 13.36
C TYR B 249 -31.42 -50.62 13.23
N LEU B 250 -30.99 -51.32 12.19
CA LEU B 250 -31.33 -52.74 12.03
C LEU B 250 -31.03 -53.59 13.28
N LEU B 251 -29.85 -53.40 13.92
CA LEU B 251 -29.54 -54.05 15.19
C LEU B 251 -30.56 -53.68 16.28
N ARG B 252 -30.93 -52.41 16.37
CA ARG B 252 -32.03 -52.01 17.21
C ARG B 252 -33.32 -52.79 16.90
N MET B 253 -33.70 -52.86 15.63
CA MET B 253 -34.90 -53.63 15.25
C MET B 253 -34.96 -55.05 15.86
N GLU B 254 -33.86 -55.79 15.77
CA GLU B 254 -33.69 -57.09 16.42
C GLU B 254 -33.84 -57.08 18.01
N LYS B 255 -33.23 -56.13 18.69
CA LYS B 255 -33.43 -55.99 20.14
C LYS B 255 -34.90 -55.65 20.44
N ASP B 256 -35.65 -55.29 19.41
CA ASP B 256 -37.02 -54.77 19.63
C ASP B 256 -38.15 -55.66 19.07
N LYS B 257 -37.83 -56.93 18.86
CA LYS B 257 -38.72 -57.94 18.24
C LYS B 257 -40.03 -58.15 18.96
N SER B 258 -39.95 -57.99 20.29
CA SER B 258 -41.04 -58.20 21.20
C SER B 258 -41.50 -56.88 21.83
N ASP B 259 -41.18 -55.77 21.16
CA ASP B 259 -41.81 -54.50 21.49
C ASP B 259 -42.85 -54.04 20.45
N PRO B 260 -44.12 -54.17 20.85
CA PRO B 260 -45.28 -53.75 20.08
C PRO B 260 -45.32 -52.23 19.83
N SER B 261 -44.76 -51.45 20.73
CA SER B 261 -44.84 -50.01 20.56
C SER B 261 -43.55 -49.41 19.98
N SER B 262 -42.57 -50.27 19.68
CA SER B 262 -41.29 -49.88 19.05
C SER B 262 -41.50 -49.10 17.76
N GLU B 263 -40.90 -47.91 17.73
CA GLU B 263 -41.09 -47.01 16.63
C GLU B 263 -40.00 -47.24 15.61
N PHE B 264 -39.21 -48.29 15.80
CA PHE B 264 -38.11 -48.50 14.91
C PHE B 264 -38.45 -49.51 13.86
N HIS B 265 -39.17 -49.04 12.85
CA HIS B 265 -39.57 -49.89 11.71
C HIS B 265 -39.09 -49.36 10.38
N HIS B 266 -39.27 -50.15 9.35
CA HIS B 266 -38.91 -49.76 8.00
C HIS B 266 -39.36 -48.36 7.54
N GLN B 267 -40.50 -47.84 8.00
CA GLN B 267 -40.89 -46.51 7.50
C GLN B 267 -39.94 -45.48 7.99
N ASN B 268 -39.95 -45.21 9.29
CA ASN B 268 -38.98 -44.33 9.89
C ASN B 268 -37.56 -44.53 9.42
N LEU B 269 -37.07 -45.75 9.31
CA LEU B 269 -35.71 -45.85 8.85
C LEU B 269 -35.52 -45.19 7.49
N ILE B 270 -36.36 -45.51 6.52
CA ILE B 270 -36.24 -44.86 5.20
C ILE B 270 -36.37 -43.36 5.32
N LEU B 271 -37.37 -42.90 6.03
CA LEU B 271 -37.64 -41.49 6.04
C LEU B 271 -36.74 -40.69 7.00
N THR B 272 -36.12 -41.34 7.98
CA THR B 272 -35.05 -40.70 8.78
C THR B 272 -33.82 -40.54 7.90
N VAL B 273 -33.31 -41.63 7.36
CA VAL B 273 -32.24 -41.53 6.39
C VAL B 273 -32.52 -40.46 5.35
N LEU B 274 -33.73 -40.37 4.79
CA LEU B 274 -33.99 -39.27 3.87
C LEU B 274 -33.80 -37.94 4.56
N SER B 275 -34.54 -37.69 5.64
CA SER B 275 -34.39 -36.46 6.44
C SER B 275 -32.93 -36.06 6.66
N LEU B 276 -32.10 -36.95 7.17
CA LEU B 276 -30.74 -36.62 7.45
C LEU B 276 -29.99 -36.26 6.18
N PHE B 277 -29.92 -37.23 5.28
CA PHE B 277 -29.31 -37.11 3.97
C PHE B 277 -29.68 -35.77 3.33
N PHE B 278 -30.91 -35.29 3.51
CA PHE B 278 -31.28 -34.03 2.95
C PHE B 278 -30.76 -32.77 3.58
N ALA B 279 -31.03 -32.61 4.89
CA ALA B 279 -30.54 -31.51 5.74
C ALA B 279 -28.99 -31.53 5.80
N GLY B 280 -28.47 -32.68 6.16
CA GLY B 280 -27.06 -32.97 6.01
C GLY B 280 -26.47 -32.27 4.83
N THR B 281 -27.00 -32.56 3.64
CA THR B 281 -26.55 -32.00 2.36
C THR B 281 -26.92 -30.51 2.21
N GLU B 282 -28.18 -30.18 2.16
CA GLU B 282 -28.50 -28.82 1.68
C GLU B 282 -28.13 -27.61 2.58
N THR B 283 -27.89 -27.77 3.87
CA THR B 283 -27.81 -26.51 4.60
C THR B 283 -26.35 -26.14 4.86
N THR B 284 -25.53 -27.11 5.28
CA THR B 284 -24.09 -26.83 5.39
C THR B 284 -23.47 -26.38 4.07
N SER B 285 -23.98 -26.85 2.94
CA SER B 285 -23.35 -26.53 1.69
C SER B 285 -23.77 -25.18 1.15
N THR B 286 -25.06 -24.83 1.13
CA THR B 286 -25.32 -23.47 0.66
C THR B 286 -24.72 -22.40 1.57
N THR B 287 -24.55 -22.71 2.86
CA THR B 287 -23.87 -21.80 3.79
C THR B 287 -22.45 -21.55 3.38
N LEU B 288 -21.75 -22.63 3.03
CA LEU B 288 -20.40 -22.55 2.54
C LEU B 288 -20.39 -21.70 1.30
N ARG B 289 -21.31 -21.95 0.37
CA ARG B 289 -21.40 -21.19 -0.86
C ARG B 289 -21.56 -19.72 -0.63
N TYR B 290 -22.33 -19.36 0.37
CA TYR B 290 -22.55 -17.99 0.70
C TYR B 290 -21.35 -17.34 1.37
N GLY B 291 -20.85 -18.00 2.41
CA GLY B 291 -19.57 -17.70 3.06
C GLY B 291 -18.55 -17.32 2.00
N PHE B 292 -18.40 -18.12 0.94
CA PHE B 292 -17.42 -17.79 -0.07
C PHE B 292 -17.76 -16.63 -0.94
N LEU B 293 -19.05 -16.33 -1.07
CA LEU B 293 -19.47 -15.15 -1.83
C LEU B 293 -19.07 -13.93 -1.06
N LEU B 294 -19.33 -13.91 0.28
CA LEU B 294 -18.93 -12.76 1.13
C LEU B 294 -17.42 -12.58 1.23
N MET B 295 -16.68 -13.68 1.18
CA MET B 295 -15.25 -13.62 1.18
C MET B 295 -14.76 -12.97 -0.06
N LEU B 296 -15.55 -13.01 -1.13
CA LEU B 296 -15.22 -12.35 -2.40
C LEU B 296 -15.57 -10.87 -2.33
N LYS B 297 -16.68 -10.55 -1.65
CA LYS B 297 -17.03 -9.19 -1.37
C LYS B 297 -16.08 -8.47 -0.37
N TYR B 298 -15.48 -9.20 0.59
CA TYR B 298 -14.64 -8.62 1.66
C TYR B 298 -13.24 -9.24 1.77
N PRO B 299 -12.39 -8.95 0.77
CA PRO B 299 -11.11 -9.58 0.71
C PRO B 299 -10.41 -9.32 2.01
N HIS B 300 -10.59 -8.10 2.55
CA HIS B 300 -9.90 -7.70 3.79
C HIS B 300 -10.17 -8.75 4.83
N VAL B 301 -11.44 -9.04 5.11
CA VAL B 301 -11.81 -10.13 6.01
C VAL B 301 -11.18 -11.48 5.64
N THR B 302 -11.44 -11.97 4.43
CA THR B 302 -10.68 -13.15 4.00
C THR B 302 -9.22 -13.13 4.51
N GLU B 303 -8.53 -11.99 4.41
CA GLU B 303 -7.07 -11.93 4.59
C GLU B 303 -6.76 -12.06 6.08
N ARG B 304 -7.65 -11.51 6.92
CA ARG B 304 -7.51 -11.66 8.36
C ARG B 304 -7.73 -13.11 8.76
N VAL B 305 -8.75 -13.80 8.22
CA VAL B 305 -8.91 -15.21 8.45
C VAL B 305 -7.67 -16.00 8.04
N GLN B 306 -7.07 -15.65 6.92
CA GLN B 306 -5.89 -16.36 6.50
C GLN B 306 -4.72 -16.11 7.44
N LYS B 307 -4.60 -14.89 7.94
CA LYS B 307 -3.48 -14.61 8.81
C LYS B 307 -3.67 -15.36 10.09
N GLU B 308 -4.92 -15.46 10.55
CA GLU B 308 -5.22 -16.11 11.80
C GLU B 308 -4.99 -17.59 11.64
N ILE B 309 -5.16 -18.12 10.42
CA ILE B 309 -4.92 -19.54 10.19
C ILE B 309 -3.44 -19.71 10.29
N GLU B 310 -2.71 -18.94 9.50
CA GLU B 310 -1.25 -18.94 9.59
C GLU B 310 -0.73 -18.92 11.03
N GLN B 311 -1.29 -18.09 11.92
CA GLN B 311 -0.74 -17.98 13.26
C GLN B 311 -0.96 -19.17 14.08
N VAL B 312 -2.22 -19.60 14.19
CA VAL B 312 -2.64 -20.64 15.08
C VAL B 312 -2.36 -21.97 14.44
N ILE B 313 -2.77 -22.19 13.20
CA ILE B 313 -2.65 -23.51 12.60
C ILE B 313 -1.36 -23.69 11.87
N GLY B 314 -0.89 -22.66 11.18
CA GLY B 314 0.30 -22.85 10.36
C GLY B 314 -0.10 -23.47 9.04
N SER B 315 0.86 -23.82 8.24
CA SER B 315 0.51 -24.07 6.86
C SER B 315 0.81 -25.48 6.54
N HIS B 316 1.31 -26.21 7.52
CA HIS B 316 1.65 -27.60 7.27
C HIS B 316 0.70 -28.66 7.84
N ARG B 317 0.23 -28.57 9.10
CA ARG B 317 -0.73 -29.59 9.62
C ARG B 317 -2.10 -29.15 9.10
N PRO B 318 -3.04 -30.10 8.89
CA PRO B 318 -4.45 -29.73 8.62
C PRO B 318 -5.25 -29.12 9.81
N PRO B 319 -6.28 -28.31 9.52
CA PRO B 319 -7.07 -27.75 10.61
C PRO B 319 -7.82 -28.80 11.36
N ALA B 320 -7.92 -28.63 12.67
CA ALA B 320 -8.55 -29.58 13.55
C ALA B 320 -9.50 -28.77 14.39
N LEU B 321 -10.49 -29.43 14.98
CA LEU B 321 -11.67 -28.70 15.34
C LEU B 321 -11.39 -27.87 16.55
N ASP B 322 -10.29 -28.14 17.22
CA ASP B 322 -10.10 -27.38 18.43
C ASP B 322 -9.19 -26.19 18.23
N ASP B 323 -8.87 -25.90 16.98
CA ASP B 323 -8.28 -24.65 16.61
C ASP B 323 -9.36 -23.59 16.71
N ARG B 324 -10.62 -23.99 16.65
CA ARG B 324 -11.63 -22.99 16.69
C ARG B 324 -11.51 -22.09 17.93
N ALA B 325 -11.29 -22.65 19.11
CA ALA B 325 -11.28 -21.87 20.32
C ALA B 325 -10.11 -20.92 20.35
N LYS B 326 -8.97 -21.33 19.84
CA LYS B 326 -7.85 -20.42 19.60
C LYS B 326 -8.00 -19.38 18.41
N MET B 327 -9.16 -19.33 17.73
CA MET B 327 -9.32 -18.56 16.47
C MET B 327 -10.59 -17.75 16.43
N PRO B 328 -10.79 -16.90 17.42
CA PRO B 328 -12.05 -16.18 17.56
C PRO B 328 -12.48 -15.39 16.32
N TYR B 329 -11.51 -14.99 15.49
CA TYR B 329 -11.83 -14.12 14.37
C TYR B 329 -12.53 -14.92 13.30
N THR B 330 -11.91 -16.00 12.89
CA THR B 330 -12.53 -16.90 11.97
C THR B 330 -13.86 -17.35 12.51
N ASP B 331 -13.90 -17.73 13.79
CA ASP B 331 -15.12 -18.17 14.42
C ASP B 331 -16.17 -17.09 14.26
N ALA B 332 -15.82 -15.84 14.58
CA ALA B 332 -16.72 -14.68 14.29
C ALA B 332 -17.21 -14.59 12.85
N VAL B 333 -16.29 -14.59 11.89
CA VAL B 333 -16.66 -14.61 10.49
C VAL B 333 -17.69 -15.73 10.24
N ILE B 334 -17.37 -16.97 10.62
CA ILE B 334 -18.37 -18.05 10.49
C ILE B 334 -19.75 -17.71 11.08
N HIS B 335 -19.82 -17.28 12.34
CA HIS B 335 -21.11 -16.80 12.89
C HIS B 335 -21.78 -15.83 11.94
N GLU B 336 -21.01 -14.85 11.51
CA GLU B 336 -21.60 -13.74 10.79
C GLU B 336 -22.04 -14.13 9.36
N ILE B 337 -21.43 -15.16 8.78
CA ILE B 337 -21.89 -15.70 7.52
C ILE B 337 -23.26 -16.37 7.79
N GLN B 338 -23.34 -17.23 8.83
CA GLN B 338 -24.63 -17.83 9.28
C GLN B 338 -25.71 -16.80 9.53
N ARG B 339 -25.37 -15.68 10.16
CA ARG B 339 -26.40 -14.77 10.57
C ARG B 339 -27.00 -14.05 9.40
N LEU B 340 -26.17 -13.76 8.41
CA LEU B 340 -26.59 -12.99 7.28
C LEU B 340 -27.01 -13.98 6.22
N GLY B 341 -26.42 -15.16 6.30
CA GLY B 341 -26.73 -16.22 5.33
C GLY B 341 -28.21 -16.41 5.42
N ASP B 342 -28.62 -16.79 6.63
CA ASP B 342 -30.00 -16.76 7.05
C ASP B 342 -30.74 -17.75 6.22
N LEU B 343 -30.32 -19.00 6.26
CA LEU B 343 -30.74 -19.96 5.24
C LEU B 343 -32.09 -20.60 5.52
N ILE B 344 -32.59 -20.51 6.75
CA ILE B 344 -33.97 -20.91 7.08
C ILE B 344 -34.79 -19.74 7.65
N PRO B 345 -35.31 -18.89 6.75
CA PRO B 345 -35.85 -17.59 7.09
C PRO B 345 -37.08 -17.61 7.96
N PHE B 346 -37.91 -18.65 7.91
CA PHE B 346 -38.99 -18.68 8.90
C PHE B 346 -39.20 -19.97 9.68
N GLY B 347 -38.13 -20.72 9.91
CA GLY B 347 -38.13 -21.88 10.79
C GLY B 347 -38.65 -23.08 10.07
N VAL B 348 -38.55 -24.25 10.68
CA VAL B 348 -39.37 -25.39 10.23
C VAL B 348 -40.58 -25.28 11.17
N PRO B 349 -41.82 -25.39 10.62
CA PRO B 349 -42.99 -25.05 11.41
C PRO B 349 -43.12 -25.97 12.59
N HIS B 350 -43.45 -25.38 13.73
CA HIS B 350 -43.75 -26.07 14.97
C HIS B 350 -45.28 -26.13 15.07
N THR B 351 -45.80 -26.95 16.00
CA THR B 351 -47.21 -26.87 16.46
C THR B 351 -47.19 -26.91 17.99
N VAL B 352 -48.20 -26.34 18.65
CA VAL B 352 -48.25 -26.46 20.12
C VAL B 352 -48.82 -27.80 20.57
N THR B 353 -48.27 -28.37 21.63
CA THR B 353 -48.67 -29.72 22.08
C THR B 353 -49.85 -29.80 23.08
N LYS B 354 -50.19 -28.68 23.70
CA LYS B 354 -51.43 -28.56 24.43
C LYS B 354 -52.14 -27.25 24.01
N ASP B 355 -53.13 -26.77 24.76
CA ASP B 355 -53.52 -25.36 24.61
C ASP B 355 -52.54 -24.60 25.45
N THR B 356 -52.08 -23.45 24.96
CA THR B 356 -50.99 -22.77 25.65
C THR B 356 -51.27 -21.34 26.01
N GLN B 357 -50.89 -21.01 27.23
CA GLN B 357 -51.05 -19.67 27.77
C GLN B 357 -49.92 -18.73 27.31
N PHE B 358 -50.08 -18.04 26.19
CA PHE B 358 -48.93 -17.30 25.64
C PHE B 358 -49.05 -15.77 25.51
N ARG B 359 -48.52 -15.07 26.52
CA ARG B 359 -48.61 -13.61 26.57
C ARG B 359 -50.06 -13.20 26.59
N GLY B 360 -50.80 -13.75 27.54
CA GLY B 360 -52.24 -13.51 27.62
C GLY B 360 -53.14 -14.16 26.56
N TYR B 361 -52.56 -14.67 25.48
CA TYR B 361 -53.35 -15.38 24.48
C TYR B 361 -53.49 -16.86 24.79
N VAL B 362 -54.42 -17.47 24.09
CA VAL B 362 -54.54 -18.90 24.14
C VAL B 362 -54.33 -19.46 22.74
N ILE B 363 -53.36 -20.36 22.66
CA ILE B 363 -53.05 -21.05 21.42
C ILE B 363 -53.57 -22.46 21.56
N PRO B 364 -54.69 -22.75 20.84
CA PRO B 364 -55.33 -24.05 20.93
C PRO B 364 -54.40 -25.15 20.48
N LYS B 365 -54.52 -26.33 21.07
CA LYS B 365 -53.70 -27.51 20.71
C LYS B 365 -53.56 -27.68 19.20
N ASN B 366 -52.38 -28.11 18.76
CA ASN B 366 -52.04 -28.36 17.34
C ASN B 366 -52.01 -27.16 16.39
N THR B 367 -52.21 -25.96 16.90
CA THR B 367 -52.10 -24.82 16.03
C THR B 367 -50.63 -24.62 15.67
N GLU B 368 -50.43 -24.45 14.37
CA GLU B 368 -49.11 -24.25 13.80
C GLU B 368 -48.48 -22.94 14.31
N VAL B 369 -47.18 -23.00 14.58
CA VAL B 369 -46.40 -21.83 15.01
C VAL B 369 -45.23 -21.68 14.06
N PHE B 370 -45.05 -20.48 13.51
CA PHE B 370 -43.90 -20.15 12.63
C PHE B 370 -42.85 -19.27 13.34
N PRO B 371 -41.84 -19.84 14.06
CA PRO B 371 -40.83 -18.96 14.65
C PRO B 371 -39.89 -18.44 13.56
N VAL B 372 -39.95 -17.13 13.31
CA VAL B 372 -39.33 -16.54 12.12
C VAL B 372 -37.87 -16.20 12.46
N LEU B 373 -36.97 -17.16 12.25
CA LEU B 373 -35.65 -17.05 12.82
C LEU B 373 -34.97 -15.86 12.22
N SER B 374 -35.34 -15.51 10.97
CA SER B 374 -34.69 -14.45 10.28
C SER B 374 -34.91 -13.15 10.97
N SER B 375 -36.05 -13.01 11.63
CA SER B 375 -36.37 -11.77 12.30
C SER B 375 -35.60 -11.63 13.60
N ALA B 376 -34.95 -12.70 14.06
CA ALA B 376 -34.03 -12.66 15.22
C ALA B 376 -32.58 -12.46 14.76
N LEU B 377 -32.24 -13.08 13.64
CA LEU B 377 -30.89 -12.95 13.11
C LEU B 377 -30.66 -11.57 12.57
N HIS B 378 -31.74 -10.90 12.19
CA HIS B 378 -31.67 -9.50 11.76
C HIS B 378 -32.33 -8.56 12.78
N ASP B 379 -32.36 -8.94 14.06
CA ASP B 379 -33.13 -8.21 15.06
C ASP B 379 -32.36 -7.00 15.69
N PRO B 380 -32.64 -5.76 15.20
CA PRO B 380 -31.92 -4.54 15.57
C PRO B 380 -31.75 -4.35 17.07
N ARG B 381 -32.65 -4.93 17.87
CA ARG B 381 -32.51 -4.86 19.34
C ARG B 381 -31.10 -5.33 19.72
N TYR B 382 -30.60 -6.34 18.99
CA TYR B 382 -29.38 -7.08 19.33
C TYR B 382 -28.23 -7.00 18.34
N PHE B 383 -28.51 -6.59 17.11
CA PHE B 383 -27.46 -6.34 16.15
C PHE B 383 -27.58 -4.92 15.59
N GLU B 384 -26.47 -4.16 15.71
CA GLU B 384 -26.30 -2.90 15.00
C GLU B 384 -26.31 -3.13 13.51
N THR B 385 -26.96 -2.22 12.79
CA THR B 385 -26.83 -2.15 11.33
C THR B 385 -26.91 -3.58 10.70
N PRO B 386 -27.97 -4.28 11.11
CA PRO B 386 -28.16 -5.70 10.96
C PRO B 386 -28.12 -6.27 9.55
N ASN B 387 -28.17 -5.39 8.56
CA ASN B 387 -28.16 -5.87 7.19
C ASN B 387 -26.82 -5.90 6.54
N THR B 388 -25.80 -5.40 7.21
CA THR B 388 -24.45 -5.40 6.65
C THR B 388 -23.63 -6.56 7.19
N PHE B 389 -22.67 -7.02 6.41
CA PHE B 389 -21.72 -7.98 6.94
C PHE B 389 -20.73 -7.36 7.94
N ASN B 390 -20.62 -7.99 9.10
CA ASN B 390 -19.67 -7.54 10.08
C ASN B 390 -19.41 -8.76 10.96
N PRO B 391 -18.16 -9.07 11.08
CA PRO B 391 -17.70 -10.16 11.98
C PRO B 391 -17.69 -9.52 13.34
N GLY B 392 -17.70 -8.20 13.37
CA GLY B 392 -17.59 -7.49 14.63
C GLY B 392 -18.74 -7.71 15.58
N HIS B 393 -19.91 -7.98 15.04
CA HIS B 393 -21.05 -8.34 15.87
C HIS B 393 -20.79 -9.49 16.84
N PHE B 394 -19.68 -10.21 16.71
CA PHE B 394 -19.40 -11.31 17.62
C PHE B 394 -18.06 -11.20 18.31
N LEU B 395 -17.46 -10.01 18.25
CA LEU B 395 -16.14 -9.82 18.84
C LEU B 395 -16.21 -8.72 19.86
N ASP B 396 -15.50 -8.86 20.96
CA ASP B 396 -15.49 -7.81 21.93
C ASP B 396 -14.23 -6.95 21.71
N ALA B 397 -13.98 -5.98 22.59
CA ALA B 397 -12.91 -5.04 22.33
C ALA B 397 -11.57 -5.72 22.22
N ASN B 398 -11.40 -6.85 22.91
CA ASN B 398 -10.13 -7.56 22.89
C ASN B 398 -10.00 -8.59 21.80
N GLY B 399 -11.00 -8.62 20.91
CA GLY B 399 -11.06 -9.59 19.80
C GLY B 399 -11.47 -11.02 20.21
N ALA B 400 -11.96 -11.18 21.45
CA ALA B 400 -12.46 -12.46 21.92
C ALA B 400 -13.86 -12.66 21.37
N LEU B 401 -14.30 -13.89 21.36
CA LEU B 401 -15.56 -14.13 20.73
C LEU B 401 -16.63 -13.73 21.72
N LYS B 402 -17.75 -13.22 21.23
CA LYS B 402 -18.74 -12.68 22.14
C LYS B 402 -20.14 -13.11 21.75
N ARG B 403 -20.78 -13.86 22.67
CA ARG B 403 -22.10 -14.48 22.47
C ARG B 403 -23.10 -13.40 22.19
N ASN B 404 -24.17 -13.72 21.47
CA ASN B 404 -25.23 -12.77 21.18
C ASN B 404 -26.54 -13.50 21.23
N GLU B 405 -27.51 -12.97 21.96
CA GLU B 405 -28.76 -13.71 22.15
C GLU B 405 -29.58 -13.84 20.92
N GLY B 406 -29.37 -12.95 20.01
CA GLY B 406 -30.15 -12.94 18.78
C GLY B 406 -29.74 -14.00 17.80
N PHE B 407 -28.54 -14.57 18.04
CA PHE B 407 -27.96 -15.55 17.17
C PHE B 407 -28.45 -17.01 17.36
N MET B 408 -29.47 -17.37 16.60
CA MET B 408 -30.11 -18.69 16.70
C MET B 408 -30.32 -19.29 15.31
N PRO B 409 -29.24 -19.52 14.53
CA PRO B 409 -29.62 -19.92 13.16
C PRO B 409 -29.98 -21.40 13.07
N PHE B 410 -29.80 -22.14 14.19
CA PHE B 410 -30.11 -23.55 14.31
C PHE B 410 -31.40 -23.71 15.09
N SER B 411 -32.17 -22.62 15.24
CA SER B 411 -33.37 -22.58 16.11
C SER B 411 -33.03 -22.89 17.55
N LEU B 412 -34.05 -22.97 18.40
CA LEU B 412 -33.84 -23.26 19.83
C LEU B 412 -34.78 -24.25 20.44
N GLY B 413 -34.40 -24.75 21.60
CA GLY B 413 -35.32 -25.46 22.46
C GLY B 413 -35.25 -26.96 22.25
N LYS B 414 -36.41 -27.57 22.09
CA LYS B 414 -36.44 -29.02 22.13
C LYS B 414 -36.28 -29.56 20.75
N ARG B 415 -36.62 -28.72 19.78
CA ARG B 415 -36.56 -29.08 18.36
C ARG B 415 -35.28 -28.60 17.66
N ILE B 416 -34.37 -28.05 18.45
CA ILE B 416 -33.09 -27.47 17.99
C ILE B 416 -32.37 -28.41 17.05
N CYS B 417 -31.78 -27.86 16.01
CA CYS B 417 -31.10 -28.69 15.06
C CYS B 417 -30.31 -29.80 15.78
N LEU B 418 -30.58 -31.01 15.32
CA LEU B 418 -29.86 -32.20 15.74
C LEU B 418 -28.46 -32.31 15.15
N GLY B 419 -28.21 -31.51 14.12
CA GLY B 419 -26.98 -31.63 13.33
C GLY B 419 -26.08 -30.46 13.67
N GLU B 420 -26.54 -29.55 14.56
CA GLU B 420 -25.73 -28.40 15.01
C GLU B 420 -24.24 -28.73 15.10
N GLY B 421 -23.85 -29.74 15.87
CA GLY B 421 -22.45 -30.13 15.99
C GLY B 421 -21.75 -30.54 14.67
N ILE B 422 -22.41 -31.39 13.86
CA ILE B 422 -21.87 -31.72 12.55
C ILE B 422 -21.82 -30.47 11.64
N ALA B 423 -22.92 -29.71 11.59
CA ALA B 423 -22.88 -28.52 10.77
C ALA B 423 -21.68 -27.62 11.14
N ARG B 424 -21.47 -27.28 12.40
CA ARG B 424 -20.49 -26.31 12.75
C ARG B 424 -19.11 -26.87 12.50
N THR B 425 -18.94 -28.15 12.74
CA THR B 425 -17.66 -28.74 12.50
C THR B 425 -17.36 -28.69 11.02
N GLU B 426 -18.36 -28.91 10.16
CA GLU B 426 -18.13 -28.83 8.72
C GLU B 426 -17.77 -27.40 8.33
N LEU B 427 -18.63 -26.43 8.70
CA LEU B 427 -18.33 -25.02 8.49
C LEU B 427 -16.89 -24.68 8.82
N PHE B 428 -16.45 -25.06 10.01
CA PHE B 428 -15.16 -24.60 10.45
C PHE B 428 -14.02 -25.28 9.73
N LEU B 429 -14.10 -26.58 9.48
CA LEU B 429 -12.96 -27.23 8.84
C LEU B 429 -12.94 -27.01 7.32
N PHE B 430 -14.11 -27.04 6.67
CA PHE B 430 -14.12 -26.63 5.25
C PHE B 430 -13.66 -25.17 5.00
N PHE B 431 -14.11 -24.20 5.75
CA PHE B 431 -13.61 -22.87 5.49
CA PHE B 431 -13.74 -22.93 5.56
C PHE B 431 -12.17 -22.80 5.79
N THR B 432 -11.69 -23.29 6.92
CA THR B 432 -10.27 -23.00 7.12
C THR B 432 -9.40 -23.90 6.27
N THR B 433 -9.89 -25.09 5.93
CA THR B 433 -9.04 -25.98 5.12
C THR B 433 -8.85 -25.45 3.70
N ILE B 434 -9.95 -25.04 3.05
CA ILE B 434 -9.86 -24.34 1.79
C ILE B 434 -8.94 -23.14 1.97
N LEU B 435 -9.26 -22.27 2.93
CA LEU B 435 -8.55 -20.99 3.08
C LEU B 435 -7.11 -21.15 3.42
N GLN B 436 -6.76 -22.27 4.03
CA GLN B 436 -5.39 -22.53 4.36
C GLN B 436 -4.56 -22.81 3.08
N ASN B 437 -5.19 -23.41 2.06
CA ASN B 437 -4.51 -23.97 0.91
C ASN B 437 -4.81 -23.18 -0.35
N PHE B 438 -5.75 -22.25 -0.33
CA PHE B 438 -6.07 -21.49 -1.53
C PHE B 438 -6.41 -20.06 -1.27
N SER B 439 -6.14 -19.24 -2.26
CA SER B 439 -6.66 -17.90 -2.35
C SER B 439 -7.72 -17.83 -3.43
N ILE B 440 -8.72 -17.00 -3.20
CA ILE B 440 -9.87 -17.05 -4.04
C ILE B 440 -9.93 -15.72 -4.73
N ALA B 441 -10.56 -15.68 -5.90
CA ALA B 441 -10.79 -14.49 -6.71
C ALA B 441 -11.97 -14.72 -7.62
N SER B 442 -12.69 -13.69 -8.00
CA SER B 442 -13.62 -13.80 -9.12
C SER B 442 -13.23 -12.75 -10.12
N PRO B 443 -13.85 -12.78 -11.31
CA PRO B 443 -13.86 -11.61 -12.21
C PRO B 443 -14.60 -10.35 -11.71
N VAL B 444 -15.82 -10.52 -11.18
CA VAL B 444 -16.63 -9.50 -10.52
C VAL B 444 -15.91 -8.76 -9.35
N PRO B 445 -15.77 -7.44 -9.45
CA PRO B 445 -15.20 -6.62 -8.38
C PRO B 445 -16.08 -6.65 -7.13
N PRO B 446 -15.41 -6.52 -5.94
CA PRO B 446 -16.02 -6.53 -4.59
C PRO B 446 -17.33 -5.74 -4.41
N GLU B 447 -17.44 -4.62 -5.10
CA GLU B 447 -18.52 -3.67 -4.86
C GLU B 447 -19.73 -4.01 -5.69
N ASP B 448 -19.52 -4.92 -6.65
CA ASP B 448 -20.58 -5.30 -7.60
C ASP B 448 -21.17 -6.64 -7.29
N ILE B 449 -20.56 -7.36 -6.36
CA ILE B 449 -21.11 -8.59 -5.81
C ILE B 449 -22.48 -8.35 -5.12
N ASP B 450 -23.53 -8.99 -5.65
CA ASP B 450 -24.85 -8.97 -5.03
C ASP B 450 -25.10 -10.17 -4.08
N LEU B 451 -25.69 -9.90 -2.92
CA LEU B 451 -25.96 -10.99 -1.97
C LEU B 451 -27.41 -11.45 -1.98
N THR B 452 -28.14 -10.99 -3.00
CA THR B 452 -29.57 -11.20 -3.17
C THR B 452 -29.91 -12.62 -3.61
N PRO B 453 -30.53 -13.38 -2.69
CA PRO B 453 -30.82 -14.80 -2.83
C PRO B 453 -31.52 -15.09 -4.13
N ARG B 454 -31.04 -16.07 -4.91
CA ARG B 454 -31.71 -16.50 -6.16
C ARG B 454 -33.12 -17.08 -5.92
N GLU B 455 -33.38 -17.55 -4.69
CA GLU B 455 -34.69 -18.04 -4.29
C GLU B 455 -34.92 -17.83 -2.81
N SER B 456 -35.91 -17.01 -2.48
CA SER B 456 -36.22 -16.76 -1.08
C SER B 456 -37.54 -17.47 -0.75
N GLY B 457 -37.43 -18.52 0.06
CA GLY B 457 -38.56 -19.40 0.31
C GLY B 457 -38.50 -19.96 1.70
N VAL B 458 -38.85 -21.25 1.85
CA VAL B 458 -38.69 -21.94 3.14
C VAL B 458 -37.18 -22.05 3.49
N GLY B 459 -36.36 -22.09 2.44
CA GLY B 459 -34.93 -21.82 2.51
C GLY B 459 -34.52 -20.69 1.57
N ASN B 460 -33.37 -20.10 1.86
CA ASN B 460 -32.76 -19.11 0.98
C ASN B 460 -31.69 -19.75 0.15
N VAL B 461 -31.71 -19.49 -1.14
CA VAL B 461 -30.68 -20.05 -1.98
C VAL B 461 -29.88 -18.94 -2.59
N PRO B 462 -28.56 -18.90 -2.32
CA PRO B 462 -27.67 -17.86 -2.87
C PRO B 462 -27.64 -17.97 -4.37
N PRO B 463 -27.35 -16.86 -5.07
CA PRO B 463 -27.20 -16.84 -6.53
C PRO B 463 -25.99 -17.61 -6.93
N SER B 464 -26.05 -18.18 -8.12
CA SER B 464 -24.91 -18.83 -8.71
C SER B 464 -23.82 -17.79 -9.06
N TYR B 465 -22.53 -18.16 -8.91
CA TYR B 465 -21.40 -17.21 -9.12
C TYR B 465 -20.11 -17.92 -9.46
N GLN B 466 -19.13 -17.19 -9.98
CA GLN B 466 -17.86 -17.80 -10.44
C GLN B 466 -16.76 -17.53 -9.43
N ILE B 467 -15.78 -18.41 -9.29
CA ILE B 467 -14.78 -18.21 -8.26
C ILE B 467 -13.62 -19.06 -8.63
N ARG B 468 -12.42 -18.55 -8.46
CA ARG B 468 -11.30 -19.41 -8.71
C ARG B 468 -10.55 -19.73 -7.41
N PHE B 469 -9.88 -20.87 -7.36
CA PHE B 469 -9.17 -21.24 -6.16
C PHE B 469 -7.75 -21.37 -6.54
N LEU B 470 -6.92 -20.39 -6.18
CA LEU B 470 -5.47 -20.48 -6.46
C LEU B 470 -4.61 -21.08 -5.33
N ALA B 471 -3.96 -22.21 -5.64
CA ALA B 471 -3.08 -22.84 -4.70
C ALA B 471 -2.03 -21.92 -4.15
N ARG B 472 -1.86 -21.94 -2.83
CA ARG B 472 -0.89 -21.14 -2.09
C ARG B 472 0.49 -21.79 -1.96
N HIS B 473 1.55 -20.98 -2.01
CA HIS B 473 2.88 -21.59 -2.15
C HIS B 473 4.00 -20.86 -1.40
N GLY C 9 60.86 2.60 -6.01
CA GLY C 9 60.17 2.88 -7.31
C GLY C 9 60.19 4.36 -7.70
N LYS C 10 59.32 4.72 -8.62
CA LYS C 10 59.26 6.11 -9.08
C LYS C 10 58.04 6.91 -8.54
N LEU C 11 57.99 8.19 -8.93
CA LEU C 11 56.75 8.97 -8.94
C LEU C 11 55.93 8.38 -10.09
N PRO C 12 54.65 8.76 -10.23
CA PRO C 12 53.86 8.26 -11.35
C PRO C 12 54.33 8.98 -12.62
N PRO C 13 53.92 8.50 -13.80
CA PRO C 13 54.25 9.07 -15.14
C PRO C 13 53.69 10.36 -15.53
N GLY C 14 54.40 11.33 -16.05
CA GLY C 14 53.75 12.55 -16.53
C GLY C 14 54.83 13.44 -17.12
N PRO C 15 54.43 14.55 -17.76
CA PRO C 15 55.39 15.34 -18.52
C PRO C 15 56.50 15.83 -17.61
N SER C 16 57.66 16.06 -18.22
CA SER C 16 58.87 16.56 -17.55
C SER C 16 58.86 18.09 -17.28
N PRO C 17 59.20 18.49 -16.05
CA PRO C 17 59.13 19.87 -15.61
C PRO C 17 60.34 20.73 -15.94
N LEU C 18 60.12 22.04 -16.11
CA LEU C 18 61.16 23.04 -16.27
C LEU C 18 61.15 23.75 -14.91
N PRO C 19 62.26 23.69 -14.13
CA PRO C 19 62.23 24.12 -12.71
C PRO C 19 61.73 25.57 -12.56
N VAL C 20 61.10 25.86 -11.44
CA VAL C 20 60.39 27.14 -11.23
C VAL C 20 59.07 27.24 -12.00
N LEU C 21 59.12 26.95 -13.30
CA LEU C 21 57.91 26.84 -14.15
C LEU C 21 57.11 25.53 -14.24
N GLY C 22 57.77 24.39 -14.03
CA GLY C 22 57.08 23.08 -13.92
C GLY C 22 56.38 22.53 -15.15
N ASN C 23 55.10 22.83 -15.32
CA ASN C 23 54.32 22.31 -16.43
C ASN C 23 53.47 23.34 -17.11
N LEU C 24 53.68 24.59 -16.79
CA LEU C 24 52.86 25.67 -17.34
C LEU C 24 52.52 25.55 -18.86
N LEU C 25 53.34 24.84 -19.62
CA LEU C 25 53.20 24.81 -21.09
C LEU C 25 52.44 23.58 -21.58
N GLN C 26 52.11 22.68 -20.64
CA GLN C 26 51.25 21.50 -20.87
C GLN C 26 49.83 21.65 -20.25
N MET C 27 49.55 22.82 -19.68
CA MET C 27 48.26 23.04 -19.05
C MET C 27 47.29 23.50 -20.12
N ASP C 28 46.19 24.11 -19.71
CA ASP C 28 45.16 24.47 -20.65
C ASP C 28 44.49 25.72 -20.15
N ARG C 29 44.42 26.73 -21.02
CA ARG C 29 43.88 28.06 -20.69
C ARG C 29 42.50 27.98 -20.04
N LYS C 30 41.84 26.82 -20.19
CA LYS C 30 40.51 26.59 -19.59
C LYS C 30 40.62 26.54 -18.06
N GLY C 31 41.28 25.53 -17.51
CA GLY C 31 41.54 25.55 -16.08
C GLY C 31 42.35 24.40 -15.54
N LEU C 32 42.48 24.36 -14.22
CA LEU C 32 43.11 23.26 -13.56
C LEU C 32 42.49 21.90 -13.89
N LEU C 33 41.17 21.85 -13.97
CA LEU C 33 40.46 20.60 -14.21
C LEU C 33 40.63 20.13 -15.64
N ARG C 34 40.42 21.04 -16.61
CA ARG C 34 40.56 20.69 -18.03
C ARG C 34 41.98 20.19 -18.28
N SER C 35 42.94 20.90 -17.69
CA SER C 35 44.35 20.55 -17.73
C SER C 35 44.61 19.15 -17.24
N PHE C 36 44.15 18.79 -16.04
CA PHE C 36 44.34 17.42 -15.50
C PHE C 36 43.67 16.36 -16.35
N LEU C 37 42.51 16.68 -16.90
CA LEU C 37 41.75 15.66 -17.61
C LEU C 37 42.38 15.50 -18.96
N ARG C 38 42.82 16.61 -19.56
CA ARG C 38 43.57 16.52 -20.82
C ARG C 38 44.85 15.69 -20.72
N LEU C 39 45.54 15.70 -19.59
CA LEU C 39 46.73 14.87 -19.42
C LEU C 39 46.33 13.46 -19.09
N ARG C 40 45.12 13.26 -18.62
CA ARG C 40 44.77 11.91 -18.20
C ARG C 40 44.72 11.00 -19.43
N GLU C 41 44.33 11.59 -20.58
CA GLU C 41 44.40 10.94 -21.91
C GLU C 41 45.75 10.22 -22.11
N LYS C 42 46.81 11.04 -22.07
CA LYS C 42 48.21 10.67 -22.26
C LYS C 42 48.78 9.70 -21.19
N TYR C 43 48.63 10.00 -19.91
CA TYR C 43 49.43 9.26 -18.94
C TYR C 43 48.69 8.22 -18.09
N GLY C 44 47.35 8.26 -18.13
CA GLY C 44 46.51 7.29 -17.41
C GLY C 44 45.83 7.86 -16.18
N ASP C 45 45.50 6.98 -15.24
CA ASP C 45 44.71 7.32 -14.08
C ASP C 45 45.46 7.91 -12.90
N VAL C 46 46.71 7.52 -12.74
CA VAL C 46 47.49 7.95 -11.59
C VAL C 46 48.73 8.63 -12.10
N PHE C 47 48.82 9.95 -12.02
CA PHE C 47 49.93 10.62 -12.70
C PHE C 47 50.47 11.88 -12.01
N THR C 48 51.65 12.35 -12.43
CA THR C 48 52.38 13.42 -11.75
C THR C 48 52.48 14.65 -12.60
N VAL C 49 52.30 15.81 -11.98
CA VAL C 49 52.42 17.08 -12.65
C VAL C 49 52.99 18.10 -11.66
N TYR C 50 53.61 19.16 -12.18
CA TYR C 50 54.38 20.10 -11.39
C TYR C 50 53.79 21.48 -11.36
N LEU C 51 53.31 21.83 -10.19
CA LEU C 51 52.61 23.05 -10.02
C LEU C 51 53.64 23.94 -9.37
N GLY C 52 54.15 24.88 -10.16
CA GLY C 52 55.31 25.69 -9.80
C GLY C 52 56.52 24.77 -9.64
N SER C 53 56.97 24.63 -8.40
CA SER C 53 58.06 23.69 -8.08
C SER C 53 57.57 22.32 -7.58
N ARG C 54 56.43 22.31 -6.86
CA ARG C 54 55.97 21.09 -6.16
C ARG C 54 55.27 20.04 -7.02
N PRO C 55 55.62 18.76 -6.83
CA PRO C 55 54.93 17.69 -7.56
C PRO C 55 53.59 17.33 -6.88
N VAL C 56 52.58 17.01 -7.68
CA VAL C 56 51.32 16.47 -7.17
C VAL C 56 50.96 15.21 -7.93
N VAL C 57 50.75 14.12 -7.22
CA VAL C 57 50.17 12.96 -7.83
C VAL C 57 48.68 13.27 -8.11
N VAL C 58 48.13 12.77 -9.21
CA VAL C 58 46.75 13.05 -9.57
C VAL C 58 45.95 11.77 -9.77
N LEU C 59 44.80 11.66 -9.12
CA LEU C 59 43.99 10.45 -9.16
C LEU C 59 42.70 10.60 -9.98
N CYS C 60 42.44 9.58 -10.80
CA CYS C 60 41.37 9.63 -11.80
C CYS C 60 40.54 8.38 -11.97
N GLY C 61 39.24 8.61 -12.08
CA GLY C 61 38.28 7.53 -12.16
C GLY C 61 38.06 6.89 -10.80
N THR C 62 36.85 6.40 -10.62
CA THR C 62 36.42 5.71 -9.43
C THR C 62 37.53 4.87 -8.81
N ASP C 63 38.04 3.90 -9.56
CA ASP C 63 38.89 2.83 -9.02
C ASP C 63 40.25 3.33 -8.55
N ALA C 64 40.89 4.23 -9.31
CA ALA C 64 42.02 4.97 -8.72
C ALA C 64 41.71 5.64 -7.37
N ILE C 65 40.77 6.57 -7.34
CA ILE C 65 40.43 7.29 -6.12
C ILE C 65 40.10 6.33 -4.98
N ARG C 66 39.34 5.30 -5.30
CA ARG C 66 38.85 4.44 -4.24
C ARG C 66 39.98 3.62 -3.67
N GLU C 67 40.93 3.29 -4.53
CA GLU C 67 42.10 2.51 -4.09
C GLU C 67 42.89 3.29 -3.06
N ALA C 68 43.21 4.54 -3.39
CA ALA C 68 43.90 5.41 -2.48
C ALA C 68 43.07 5.63 -1.19
N LEU C 69 41.93 6.32 -1.30
CA LEU C 69 41.24 6.81 -0.11
C LEU C 69 40.64 5.74 0.77
N VAL C 70 40.29 4.60 0.19
CA VAL C 70 39.63 3.53 0.98
C VAL C 70 40.58 2.41 1.39
N ASP C 71 41.32 1.89 0.42
CA ASP C 71 42.33 0.85 0.63
C ASP C 71 43.49 1.35 1.48
N GLN C 72 44.30 2.27 0.94
CA GLN C 72 45.35 2.95 1.73
C GLN C 72 44.85 4.18 2.52
N ALA C 73 44.01 3.84 3.51
CA ALA C 73 43.11 4.76 4.22
C ALA C 73 43.85 5.78 5.06
N GLU C 74 44.57 5.32 6.08
CA GLU C 74 45.39 6.21 6.88
C GLU C 74 46.45 6.86 6.01
N ALA C 75 46.96 6.08 5.07
CA ALA C 75 48.07 6.51 4.22
C ALA C 75 47.75 7.78 3.49
N PHE C 76 46.45 7.99 3.26
CA PHE C 76 46.05 9.10 2.43
C PHE C 76 45.26 10.14 3.18
N SER C 77 45.25 10.01 4.50
CA SER C 77 44.46 10.81 5.39
C SER C 77 44.90 12.30 5.58
N GLY C 78 46.07 12.65 5.07
CA GLY C 78 46.61 13.97 5.31
C GLY C 78 46.07 14.99 4.35
N ARG C 79 46.04 16.25 4.78
CA ARG C 79 45.51 17.34 3.96
C ARG C 79 46.58 18.29 3.42
N GLY C 80 46.44 18.69 2.14
CA GLY C 80 47.31 19.67 1.48
C GLY C 80 46.80 21.06 1.77
N LYS C 81 47.19 22.05 0.98
CA LYS C 81 46.63 23.40 1.20
C LYS C 81 46.21 24.20 -0.07
N ILE C 82 45.30 25.16 0.13
CA ILE C 82 44.81 25.98 -0.98
C ILE C 82 45.54 27.32 -0.91
N ALA C 83 46.49 27.52 -1.82
CA ALA C 83 47.36 28.71 -1.70
C ALA C 83 46.62 29.99 -1.44
N VAL C 84 45.45 30.15 -2.04
CA VAL C 84 44.71 31.38 -1.86
C VAL C 84 44.19 31.59 -0.45
N VAL C 85 43.98 30.52 0.30
CA VAL C 85 43.48 30.71 1.66
C VAL C 85 44.39 30.25 2.76
N ASP C 86 45.60 29.78 2.43
CA ASP C 86 46.43 29.32 3.53
C ASP C 86 46.89 30.44 4.45
N PRO C 87 47.25 31.61 3.90
CA PRO C 87 47.55 32.74 4.80
C PRO C 87 46.58 32.82 5.97
N ILE C 88 45.31 32.53 5.73
CA ILE C 88 44.28 32.56 6.76
C ILE C 88 44.35 31.36 7.70
N PHE C 89 44.47 30.16 7.16
CA PHE C 89 44.32 28.98 8.02
C PHE C 89 45.64 28.52 8.64
N GLN C 90 46.69 28.44 7.84
CA GLN C 90 48.01 28.09 8.33
C GLN C 90 47.98 26.83 9.15
N GLY C 91 47.31 25.81 8.64
CA GLY C 91 47.31 24.50 9.24
C GLY C 91 46.46 24.45 10.49
N TYR C 92 45.61 25.46 10.67
CA TYR C 92 44.69 25.51 11.81
C TYR C 92 43.19 25.32 11.45
N GLY C 93 42.38 24.91 12.41
CA GLY C 93 40.98 24.60 12.16
C GLY C 93 40.88 23.22 11.56
N VAL C 94 39.69 22.65 11.56
CA VAL C 94 39.47 21.29 11.12
C VAL C 94 39.70 20.93 9.65
N ILE C 95 39.17 21.66 8.70
CA ILE C 95 39.50 21.36 7.28
C ILE C 95 41.00 21.19 7.11
N PHE C 96 41.78 22.17 7.56
CA PHE C 96 43.22 22.23 7.22
C PHE C 96 44.26 21.69 8.20
N ALA C 97 43.81 21.22 9.36
CA ALA C 97 44.63 20.58 10.41
C ALA C 97 45.19 19.27 9.92
N ASN C 98 46.32 18.84 10.48
CA ASN C 98 46.85 17.48 10.19
C ASN C 98 47.32 16.66 11.39
N GLY C 99 47.50 15.36 11.17
CA GLY C 99 47.95 14.47 12.24
C GLY C 99 47.10 14.62 13.51
N GLU C 100 47.72 15.00 14.63
CA GLU C 100 46.99 14.84 15.89
C GLU C 100 45.96 15.94 16.05
N ARG C 101 46.28 17.15 15.60
CA ARG C 101 45.40 18.29 15.78
C ARG C 101 44.11 17.98 15.02
N TRP C 102 44.30 17.48 13.81
CA TRP C 102 43.17 17.02 13.01
C TRP C 102 42.35 15.95 13.80
N ARG C 103 42.96 14.80 14.07
CA ARG C 103 42.30 13.72 14.77
C ARG C 103 41.49 14.21 15.92
N ALA C 104 42.08 15.15 16.65
CA ALA C 104 41.48 15.66 17.86
C ALA C 104 40.31 16.51 17.49
N LEU C 105 40.50 17.41 16.52
CA LEU C 105 39.47 18.41 16.21
C LEU C 105 38.30 17.81 15.50
N ARG C 106 38.54 16.91 14.54
CA ARG C 106 37.48 16.24 13.77
C ARG C 106 36.57 15.53 14.75
N ARG C 107 37.11 14.54 15.44
CA ARG C 107 36.40 13.88 16.50
C ARG C 107 35.47 14.80 17.28
N PHE C 108 35.96 15.93 17.75
CA PHE C 108 35.14 16.87 18.53
C PHE C 108 33.94 17.36 17.75
N SER C 109 34.13 17.65 16.46
CA SER C 109 33.09 18.21 15.62
C SER C 109 32.07 17.17 15.19
N LEU C 110 32.45 15.90 15.01
CA LEU C 110 31.43 14.86 14.82
C LEU C 110 30.48 14.89 16.00
N ALA C 111 31.04 14.69 17.19
CA ALA C 111 30.24 14.66 18.42
C ALA C 111 29.40 15.89 18.58
N THR C 112 29.96 17.06 18.29
CA THR C 112 29.36 18.30 18.78
C THR C 112 28.22 18.78 17.92
N MET C 113 28.22 18.40 16.66
CA MET C 113 27.15 18.91 15.81
C MET C 113 25.79 18.22 15.98
N ARG C 114 25.81 16.89 16.09
CA ARG C 114 24.62 16.10 16.42
C ARG C 114 23.82 16.54 17.67
N ASP C 115 24.50 16.96 18.73
CA ASP C 115 23.80 17.16 19.99
C ASP C 115 23.38 18.59 20.49
N PHE C 116 24.32 19.53 20.58
CA PHE C 116 24.02 20.84 21.17
C PHE C 116 23.82 21.88 20.07
N GLY C 117 22.93 22.85 20.35
CA GLY C 117 22.57 23.96 19.41
C GLY C 117 21.29 24.77 19.77
N MET C 118 20.96 25.81 18.99
CA MET C 118 19.80 26.70 19.25
C MET C 118 18.48 25.97 19.67
N GLY C 119 18.08 26.13 20.93
CA GLY C 119 16.86 25.52 21.47
C GLY C 119 16.83 24.03 21.81
N LYS C 120 17.99 23.32 21.80
CA LYS C 120 18.07 21.90 22.24
C LYS C 120 17.17 21.04 21.31
N ARG C 121 17.35 21.25 20.01
CA ARG C 121 16.53 20.59 19.00
C ARG C 121 17.50 19.79 18.15
N SER C 122 16.98 18.82 17.39
CA SER C 122 17.82 18.05 16.48
C SER C 122 18.12 18.91 15.28
N VAL C 123 19.25 18.65 14.64
CA VAL C 123 19.54 19.25 13.32
C VAL C 123 18.30 19.24 12.37
N GLU C 124 17.72 18.05 12.16
CA GLU C 124 16.49 17.92 11.41
C GLU C 124 15.49 18.99 11.82
N GLU C 125 15.06 19.01 13.07
CA GLU C 125 14.14 20.06 13.52
C GLU C 125 14.60 21.45 13.17
N ARG C 126 15.89 21.71 13.13
CA ARG C 126 16.26 23.06 12.79
C ARG C 126 16.05 23.28 11.35
N ILE C 127 16.46 22.30 10.53
CA ILE C 127 16.27 22.38 9.10
C ILE C 127 14.78 22.50 8.72
N GLN C 128 13.94 21.69 9.34
CA GLN C 128 12.51 21.92 9.24
C GLN C 128 12.11 23.39 9.51
N GLU C 129 12.54 23.98 10.64
CA GLU C 129 12.20 25.37 10.98
C GLU C 129 12.66 26.40 9.96
N GLU C 130 13.88 26.25 9.46
CA GLU C 130 14.43 27.14 8.48
C GLU C 130 13.59 26.99 7.27
N ALA C 131 13.28 25.73 6.90
CA ALA C 131 12.47 25.48 5.71
C ALA C 131 11.11 26.19 5.81
N ARG C 132 10.51 26.18 7.00
CA ARG C 132 9.29 26.93 7.24
C ARG C 132 9.49 28.44 7.09
N CYS C 133 10.69 28.92 7.35
CA CYS C 133 10.89 30.33 7.16
C CYS C 133 11.07 30.66 5.72
N LEU C 134 11.67 29.73 4.96
CA LEU C 134 11.87 29.92 3.53
C LEU C 134 10.54 30.03 2.81
N VAL C 135 9.60 29.15 3.12
CA VAL C 135 8.31 29.15 2.47
C VAL C 135 7.60 30.49 2.69
N GLU C 136 7.47 30.90 3.94
CA GLU C 136 6.85 32.16 4.27
C GLU C 136 7.46 33.37 3.51
N GLU C 137 8.78 33.43 3.39
CA GLU C 137 9.47 34.44 2.63
C GLU C 137 9.15 34.35 1.17
N LEU C 138 9.14 33.13 0.64
CA LEU C 138 8.83 32.93 -0.78
C LEU C 138 7.45 33.40 -1.05
N ARG C 139 6.49 33.00 -0.21
CA ARG C 139 5.10 33.50 -0.32
C ARG C 139 5.05 34.99 -0.46
N LYS C 140 5.89 35.68 0.30
CA LYS C 140 5.87 37.13 0.40
C LYS C 140 6.10 37.80 -0.95
N SER C 141 6.91 37.17 -1.80
CA SER C 141 7.21 37.80 -3.08
C SER C 141 6.20 37.40 -4.16
N LYS C 142 5.08 36.86 -3.73
CA LYS C 142 3.89 36.66 -4.55
C LYS C 142 4.02 36.11 -5.98
N GLY C 143 5.04 35.28 -6.21
CA GLY C 143 5.28 34.66 -7.49
C GLY C 143 6.11 35.50 -8.45
N ALA C 144 6.56 36.67 -8.02
CA ALA C 144 7.35 37.53 -8.88
C ALA C 144 8.66 36.85 -9.21
N LEU C 145 9.28 37.17 -10.33
CA LEU C 145 10.59 36.64 -10.69
C LEU C 145 11.69 37.12 -9.76
N LEU C 146 12.51 36.23 -9.27
CA LEU C 146 13.65 36.64 -8.42
C LEU C 146 14.90 35.86 -8.76
N ASP C 147 16.03 36.24 -8.19
CA ASP C 147 17.22 35.40 -8.36
C ASP C 147 17.31 34.64 -7.06
N ASN C 148 17.42 33.33 -7.08
CA ASN C 148 17.36 32.64 -5.79
C ASN C 148 18.68 32.53 -5.02
N THR C 149 19.76 33.12 -5.57
CA THR C 149 21.08 33.16 -4.90
C THR C 149 21.14 33.59 -3.43
N LEU C 150 20.54 34.75 -3.12
CA LEU C 150 20.52 35.22 -1.77
C LEU C 150 19.74 34.34 -0.80
N LEU C 151 18.50 34.05 -1.13
CA LEU C 151 17.77 33.16 -0.25
C LEU C 151 18.46 31.84 -0.06
N PHE C 152 19.08 31.33 -1.11
CA PHE C 152 19.64 30.01 -0.99
C PHE C 152 20.84 29.93 -0.06
N HIS C 153 21.74 30.93 -0.14
CA HIS C 153 22.71 31.22 0.93
C HIS C 153 22.08 31.46 2.30
N SER C 154 21.15 32.39 2.42
CA SER C 154 20.56 32.58 3.75
C SER C 154 20.19 31.31 4.46
N ILE C 155 19.52 30.39 3.80
CA ILE C 155 18.87 29.31 4.57
C ILE C 155 19.89 28.27 4.98
N THR C 156 20.92 28.07 4.16
CA THR C 156 21.94 27.09 4.49
C THR C 156 22.80 27.63 5.65
N SER C 157 22.97 28.95 5.62
CA SER C 157 23.80 29.62 6.56
C SER C 157 23.12 29.63 7.89
N ASN C 158 21.87 30.00 7.92
CA ASN C 158 21.20 29.90 9.18
C ASN C 158 21.23 28.53 9.78
N ILE C 159 21.58 27.50 9.03
CA ILE C 159 21.67 26.19 9.67
C ILE C 159 22.92 26.16 10.54
N ILE C 160 24.07 26.47 9.93
CA ILE C 160 25.36 26.53 10.57
C ILE C 160 25.35 27.50 11.73
N CYS C 161 24.90 28.72 11.49
CA CYS C 161 24.68 29.66 12.59
C CYS C 161 23.89 29.10 13.74
N SER C 162 22.88 28.31 13.45
CA SER C 162 22.09 27.82 14.53
C SER C 162 22.85 26.74 15.31
N ILE C 163 23.76 26.07 14.65
CA ILE C 163 24.56 25.05 15.31
C ILE C 163 25.70 25.71 16.05
N VAL C 164 26.53 26.41 15.29
CA VAL C 164 27.78 27.03 15.74
C VAL C 164 27.61 28.23 16.70
N PHE C 165 26.96 29.30 16.25
CA PHE C 165 26.62 30.44 17.10
C PHE C 165 25.32 30.25 17.81
N GLY C 166 24.74 29.07 17.83
CA GLY C 166 23.47 28.87 18.52
C GLY C 166 22.34 29.86 18.29
N LYS C 167 22.22 30.43 17.11
CA LYS C 167 21.06 31.29 16.78
C LYS C 167 20.92 31.52 15.29
N ARG C 168 19.76 31.94 14.84
CA ARG C 168 19.57 32.17 13.42
C ARG C 168 19.40 33.63 13.22
N PHE C 169 19.85 34.13 12.08
CA PHE C 169 19.61 35.51 11.70
C PHE C 169 18.43 35.66 10.80
N ASP C 170 17.71 36.76 10.93
CA ASP C 170 16.56 36.98 10.08
C ASP C 170 17.00 37.38 8.66
N TYR C 171 16.18 37.11 7.64
CA TYR C 171 16.63 37.27 6.25
C TYR C 171 17.10 38.65 5.78
N LYS C 172 16.66 39.70 6.46
CA LYS C 172 16.88 41.09 6.03
C LYS C 172 17.86 41.85 6.94
N ASP C 173 18.18 41.23 8.09
CA ASP C 173 19.17 41.72 9.02
C ASP C 173 20.47 42.10 8.34
N PRO C 174 20.96 43.34 8.49
CA PRO C 174 22.08 43.71 7.64
C PRO C 174 23.46 43.25 8.17
N VAL C 175 23.55 42.96 9.47
CA VAL C 175 24.72 42.25 9.99
C VAL C 175 24.90 41.00 9.11
N PHE C 176 23.77 40.33 8.87
CA PHE C 176 23.76 39.03 8.24
C PHE C 176 23.88 39.12 6.72
N LEU C 177 23.21 40.09 6.08
CA LEU C 177 23.36 40.31 4.62
C LEU C 177 24.80 40.60 4.24
N ARG C 178 25.54 41.19 5.18
CA ARG C 178 26.93 41.51 4.97
C ARG C 178 27.87 40.29 5.06
N LEU C 179 27.60 39.35 5.95
CA LEU C 179 28.42 38.13 6.02
C LEU C 179 28.18 37.28 4.77
N LEU C 180 26.93 37.33 4.30
CA LEU C 180 26.55 36.53 3.17
C LEU C 180 27.29 37.09 1.97
N ASP C 181 27.42 38.42 1.91
CA ASP C 181 28.16 38.96 0.79
C ASP C 181 29.63 38.55 0.80
N LEU C 182 30.29 38.73 1.94
CA LEU C 182 31.66 38.26 2.10
C LEU C 182 31.83 36.79 1.66
N PHE C 183 31.10 35.90 2.30
CA PHE C 183 31.22 34.50 2.02
C PHE C 183 31.06 34.20 0.53
N PHE C 184 30.10 34.85 -0.13
CA PHE C 184 29.78 34.58 -1.53
C PHE C 184 30.84 35.17 -2.48
N GLN C 185 31.18 36.44 -2.28
CA GLN C 185 32.23 37.08 -3.04
C GLN C 185 33.51 36.27 -2.96
N SER C 186 33.87 35.89 -1.73
CA SER C 186 35.09 35.16 -1.46
C SER C 186 35.08 33.79 -2.14
N PHE C 187 34.02 33.02 -1.92
CA PHE C 187 33.95 31.68 -2.48
C PHE C 187 33.98 31.70 -4.01
N SER C 188 33.58 32.83 -4.57
CA SER C 188 33.69 33.05 -6.00
C SER C 188 35.12 33.37 -6.41
N LEU C 189 35.74 34.33 -5.72
CA LEU C 189 37.17 34.63 -5.88
C LEU C 189 38.05 33.36 -5.73
N ILE C 190 37.76 32.55 -4.73
CA ILE C 190 38.51 31.34 -4.44
C ILE C 190 38.61 30.42 -5.66
N SER C 191 37.54 30.32 -6.43
CA SER C 191 37.60 29.42 -7.57
C SER C 191 37.59 30.15 -8.92
N SER C 192 37.82 31.46 -8.91
CA SER C 192 38.12 32.23 -10.14
C SER C 192 39.43 31.81 -10.83
N PHE C 193 39.68 32.41 -12.00
CA PHE C 193 40.81 31.99 -12.82
C PHE C 193 42.17 32.28 -12.17
N SER C 194 42.33 33.47 -11.60
CA SER C 194 43.55 33.90 -10.93
C SER C 194 44.04 32.98 -9.84
N SER C 195 43.11 32.48 -9.01
CA SER C 195 43.40 31.59 -7.87
C SER C 195 43.88 30.22 -8.30
N GLN C 196 43.65 29.88 -9.57
CA GLN C 196 44.30 28.75 -10.20
C GLN C 196 45.72 29.16 -10.61
N VAL C 197 45.89 30.38 -11.13
CA VAL C 197 47.23 30.85 -11.48
C VAL C 197 48.00 30.90 -10.17
N PHE C 198 47.44 31.63 -9.20
CA PHE C 198 47.92 31.66 -7.82
C PHE C 198 48.26 30.32 -7.18
N GLU C 199 47.47 29.28 -7.43
CA GLU C 199 47.86 27.96 -7.03
C GLU C 199 49.21 27.46 -7.60
N LEU C 200 49.74 28.16 -8.61
CA LEU C 200 50.97 27.73 -9.26
C LEU C 200 52.23 28.51 -8.85
N PHE C 201 52.08 29.83 -8.71
CA PHE C 201 53.21 30.67 -8.39
C PHE C 201 52.86 31.56 -7.22
N SER C 202 52.25 30.94 -6.20
CA SER C 202 51.96 31.59 -4.91
C SER C 202 53.20 32.32 -4.37
N GLY C 203 54.33 31.60 -4.36
CA GLY C 203 55.66 32.15 -3.98
C GLY C 203 56.04 33.47 -4.64
N PHE C 204 56.06 33.49 -5.98
CA PHE C 204 56.27 34.70 -6.78
C PHE C 204 55.12 35.69 -6.58
N LEU C 205 53.89 35.24 -6.77
CA LEU C 205 52.76 36.15 -6.86
C LEU C 205 52.27 36.81 -5.58
N LYS C 206 52.63 36.26 -4.42
CA LYS C 206 52.03 36.75 -3.14
C LYS C 206 52.46 38.14 -2.73
N TYR C 207 53.50 38.64 -3.40
CA TYR C 207 53.93 40.02 -3.24
C TYR C 207 53.11 41.02 -4.04
N PHE C 208 52.58 40.64 -5.19
CA PHE C 208 51.90 41.63 -6.03
C PHE C 208 50.41 41.60 -5.82
N PRO C 209 49.72 42.74 -6.04
CA PRO C 209 48.30 42.85 -5.70
C PRO C 209 47.43 41.96 -6.58
N GLY C 210 46.46 41.30 -5.98
CA GLY C 210 45.69 40.30 -6.66
C GLY C 210 44.39 40.08 -5.93
N THR C 211 43.60 39.14 -6.44
CA THR C 211 42.34 38.85 -5.83
C THR C 211 42.56 38.16 -4.47
N HIS C 212 43.62 37.34 -4.36
CA HIS C 212 44.02 36.73 -3.09
C HIS C 212 44.17 37.68 -1.86
N ARG C 213 44.33 39.00 -2.11
CA ARG C 213 44.35 39.99 -1.02
C ARG C 213 42.93 40.21 -0.57
N GLN C 214 42.09 40.58 -1.53
CA GLN C 214 40.66 40.67 -1.34
C GLN C 214 40.06 39.45 -0.58
N ILE C 215 40.57 38.25 -0.84
CA ILE C 215 40.05 37.03 -0.18
C ILE C 215 40.47 37.07 1.27
N TYR C 216 41.74 37.39 1.46
CA TYR C 216 42.32 37.46 2.76
C TYR C 216 41.55 38.52 3.52
N ARG C 217 41.44 39.71 2.96
CA ARG C 217 40.77 40.78 3.65
C ARG C 217 39.40 40.29 4.06
N ASN C 218 38.72 39.65 3.11
CA ASN C 218 37.31 39.29 3.28
C ASN C 218 37.14 38.28 4.36
N LEU C 219 38.10 37.35 4.43
CA LEU C 219 38.04 36.26 5.38
C LEU C 219 38.33 36.71 6.79
N GLN C 220 39.21 37.70 6.89
CA GLN C 220 39.44 38.40 8.14
C GLN C 220 38.18 39.04 8.66
N GLU C 221 37.48 39.82 7.86
CA GLU C 221 36.26 40.43 8.38
C GLU C 221 35.32 39.43 9.05
N ILE C 222 35.29 38.19 8.54
CA ILE C 222 34.45 37.13 9.09
C ILE C 222 35.07 36.69 10.42
N ASN C 223 36.36 36.38 10.40
CA ASN C 223 37.09 36.09 11.62
C ASN C 223 36.82 37.12 12.73
N THR C 224 36.76 38.42 12.39
CA THR C 224 36.40 39.46 13.35
C THR C 224 35.05 39.17 13.95
N PHE C 225 34.07 38.87 13.10
CA PHE C 225 32.71 38.56 13.56
C PHE C 225 32.73 37.28 14.39
N ILE C 226 33.51 36.31 13.94
CA ILE C 226 33.56 35.05 14.65
C ILE C 226 34.13 35.28 16.03
N GLY C 227 35.29 35.96 16.05
CA GLY C 227 35.97 36.42 17.29
C GLY C 227 35.00 37.12 18.24
N GLN C 228 34.28 38.10 17.74
CA GLN C 228 33.48 38.89 18.62
C GLN C 228 32.27 38.21 19.19
N SER C 229 32.06 36.97 18.72
CA SER C 229 30.89 36.15 19.07
C SER C 229 31.30 35.15 20.16
N VAL C 230 32.47 34.56 19.94
CA VAL C 230 33.15 33.85 21.00
C VAL C 230 33.24 34.70 22.27
N GLU C 231 33.68 35.95 22.17
CA GLU C 231 33.66 36.86 23.33
C GLU C 231 32.32 36.88 24.02
N LYS C 232 31.24 37.28 23.33
CA LYS C 232 29.87 37.20 23.89
C LYS C 232 29.57 35.85 24.53
N HIS C 233 30.01 34.79 23.89
CA HIS C 233 29.61 33.49 24.36
C HIS C 233 30.25 33.24 25.68
N ARG C 234 31.55 33.53 25.74
CA ARG C 234 32.36 33.42 26.94
C ARG C 234 31.79 34.25 28.09
N ALA C 235 31.62 35.55 27.86
CA ALA C 235 30.96 36.45 28.80
C ALA C 235 29.68 35.84 29.42
N THR C 236 28.76 35.45 28.56
CA THR C 236 27.46 34.99 28.99
C THR C 236 27.40 33.46 28.91
N LEU C 237 28.50 32.75 29.22
CA LEU C 237 28.49 31.26 29.28
C LEU C 237 27.91 30.70 30.61
N ASP C 238 27.67 29.40 30.69
CA ASP C 238 26.99 28.75 31.81
C ASP C 238 27.49 27.31 31.66
N PRO C 239 28.12 26.77 32.72
CA PRO C 239 28.80 25.45 32.75
C PRO C 239 27.80 24.30 32.70
N SER C 240 26.67 24.45 33.40
CA SER C 240 25.71 23.39 33.50
C SER C 240 24.97 23.13 32.13
N ASN C 241 24.78 24.14 31.32
CA ASN C 241 23.89 24.17 30.19
C ASN C 241 24.35 24.78 28.83
N PRO C 242 25.32 24.13 28.15
CA PRO C 242 25.94 24.60 26.91
C PRO C 242 24.93 24.80 25.81
N ARG C 243 24.97 25.95 25.15
CA ARG C 243 23.95 26.36 24.20
C ARG C 243 24.27 25.79 22.80
N ASP C 244 25.54 25.75 22.40
CA ASP C 244 25.92 25.40 21.00
C ASP C 244 27.40 25.11 20.82
N PHE C 245 27.84 24.96 19.58
CA PHE C 245 29.23 24.61 19.28
C PHE C 245 30.29 25.37 20.08
N ILE C 246 30.15 26.68 20.12
CA ILE C 246 31.10 27.54 20.76
C ILE C 246 31.17 27.20 22.22
N ASP C 247 30.02 27.28 22.90
CA ASP C 247 29.91 26.97 24.34
C ASP C 247 30.61 25.66 24.65
N VAL C 248 30.38 24.63 23.84
CA VAL C 248 30.89 23.32 24.11
C VAL C 248 32.38 23.28 23.99
N TYR C 249 32.91 23.99 23.01
CA TYR C 249 34.36 24.12 22.88
C TYR C 249 34.92 24.80 24.11
N LEU C 250 34.36 25.95 24.44
CA LEU C 250 34.74 26.65 25.70
C LEU C 250 34.83 25.70 26.94
N LEU C 251 33.76 24.98 27.31
CA LEU C 251 33.81 23.97 28.38
C LEU C 251 34.94 22.95 28.23
N ARG C 252 35.10 22.42 27.02
CA ARG C 252 36.27 21.62 26.73
C ARG C 252 37.59 22.30 27.07
N MET C 253 37.74 23.60 26.82
CA MET C 253 38.93 24.33 27.24
C MET C 253 39.15 24.22 28.78
N GLU C 254 38.15 24.62 29.56
CA GLU C 254 38.13 24.40 31.01
C GLU C 254 38.53 22.96 31.43
N LYS C 255 37.91 21.96 30.83
CA LYS C 255 38.28 20.59 31.12
C LYS C 255 39.75 20.34 30.80
N ASP C 256 40.34 21.10 29.89
CA ASP C 256 41.72 20.79 29.41
C ASP C 256 42.86 21.71 29.90
N LYS C 257 42.61 22.37 31.03
CA LYS C 257 43.49 23.39 31.60
C LYS C 257 44.86 22.83 31.94
N SER C 258 44.84 21.58 32.37
CA SER C 258 46.02 20.86 32.81
C SER C 258 46.56 19.97 31.72
N ASP C 259 46.03 20.10 30.50
CA ASP C 259 46.59 19.34 29.40
C ASP C 259 47.40 20.22 28.46
N PRO C 260 48.72 20.04 28.53
CA PRO C 260 49.57 20.91 27.72
C PRO C 260 49.45 20.63 26.23
N SER C 261 49.17 19.39 25.87
CA SER C 261 49.05 19.04 24.46
C SER C 261 47.63 19.17 23.91
N SER C 262 46.69 19.70 24.70
CA SER C 262 45.37 20.10 24.19
C SER C 262 45.45 20.97 22.93
N GLU C 263 44.54 20.69 22.01
CA GLU C 263 44.45 21.42 20.77
C GLU C 263 43.31 22.38 20.78
N PHE C 264 42.56 22.39 21.85
CA PHE C 264 41.45 23.29 21.92
C PHE C 264 41.82 24.67 22.42
N HIS C 265 42.51 25.41 21.57
CA HIS C 265 42.80 26.81 21.83
C HIS C 265 42.17 27.80 20.86
N HIS C 266 42.38 29.06 21.11
CA HIS C 266 41.63 30.06 20.42
C HIS C 266 41.84 30.08 18.89
N GLN C 267 43.02 29.74 18.37
CA GLN C 267 43.18 29.66 16.91
C GLN C 267 42.28 28.58 16.32
N ASN C 268 42.44 27.34 16.74
CA ASN C 268 41.56 26.29 16.26
C ASN C 268 40.07 26.63 16.40
N LEU C 269 39.65 27.36 17.42
CA LEU C 269 38.22 27.57 17.54
C LEU C 269 37.75 28.55 16.44
N ILE C 270 38.42 29.70 16.38
CA ILE C 270 38.14 30.68 15.34
C ILE C 270 38.34 30.04 14.00
N LEU C 271 39.38 29.28 13.78
CA LEU C 271 39.53 28.81 12.46
C LEU C 271 38.68 27.56 12.14
N THR C 272 38.14 26.90 13.17
CA THR C 272 37.20 25.79 12.94
C THR C 272 35.86 26.38 12.61
N VAL C 273 35.29 27.16 13.52
CA VAL C 273 34.14 27.94 13.16
C VAL C 273 34.19 28.61 11.78
N LEU C 274 35.33 29.16 11.34
CA LEU C 274 35.39 29.68 9.96
C LEU C 274 35.13 28.55 8.95
N SER C 275 35.97 27.51 8.96
CA SER C 275 35.76 26.30 8.11
C SER C 275 34.30 25.87 8.07
N LEU C 276 33.68 25.70 9.23
CA LEU C 276 32.33 25.15 9.31
C LEU C 276 31.29 26.06 8.78
N PHE C 277 31.26 27.28 9.31
CA PHE C 277 30.47 28.41 8.77
C PHE C 277 30.69 28.60 7.26
N PHE C 278 31.85 28.28 6.73
CA PHE C 278 32.06 28.44 5.33
C PHE C 278 31.52 27.40 4.39
N ALA C 279 31.94 26.14 4.58
CA ALA C 279 31.41 24.92 3.92
C ALA C 279 29.88 24.76 4.11
N GLY C 280 29.52 24.71 5.38
CA GLY C 280 28.12 24.81 5.78
C GLY C 280 27.26 25.75 4.96
N THR C 281 27.85 26.87 4.55
CA THR C 281 27.20 27.86 3.68
C THR C 281 27.28 27.67 2.17
N GLU C 282 28.47 27.60 1.61
CA GLU C 282 28.59 27.86 0.18
C GLU C 282 28.50 26.59 -0.63
N THR C 283 28.31 25.43 0.00
CA THR C 283 28.16 24.19 -0.82
C THR C 283 26.74 23.66 -0.91
N THR C 284 26.14 23.37 0.24
CA THR C 284 24.77 22.93 0.30
C THR C 284 23.86 23.87 -0.44
N SER C 285 24.20 25.15 -0.54
CA SER C 285 23.32 26.09 -1.23
C SER C 285 23.53 26.15 -2.75
N THR C 286 24.75 26.28 -3.24
CA THR C 286 24.94 26.13 -4.69
C THR C 286 24.31 24.84 -5.22
N THR C 287 24.35 23.76 -4.44
CA THR C 287 23.81 22.46 -4.90
C THR C 287 22.35 22.64 -5.15
N LEU C 288 21.65 23.18 -4.15
CA LEU C 288 20.30 23.65 -4.30
C LEU C 288 20.04 24.50 -5.54
N ARG C 289 20.83 25.56 -5.72
CA ARG C 289 20.67 26.47 -6.86
C ARG C 289 20.69 25.76 -8.16
N TYR C 290 21.60 24.80 -8.28
CA TYR C 290 21.79 24.10 -9.51
C TYR C 290 20.69 23.12 -9.71
N GLY C 291 20.32 22.44 -8.63
CA GLY C 291 19.14 21.59 -8.60
C GLY C 291 17.93 22.29 -9.15
N PHE C 292 17.54 23.48 -8.65
CA PHE C 292 16.44 24.21 -9.31
C PHE C 292 16.70 24.62 -10.74
N LEU C 293 17.96 24.78 -11.13
CA LEU C 293 18.24 25.08 -12.53
C LEU C 293 17.85 23.88 -13.33
N LEU C 294 18.35 22.68 -12.97
CA LEU C 294 17.85 21.40 -13.58
C LEU C 294 16.34 21.17 -13.61
N MET C 295 15.68 21.50 -12.51
CA MET C 295 14.26 21.35 -12.40
C MET C 295 13.60 22.21 -13.37
N LEU C 296 14.28 23.27 -13.83
CA LEU C 296 13.67 24.20 -14.78
C LEU C 296 13.83 23.69 -16.20
N LYS C 297 14.98 23.06 -16.46
CA LYS C 297 15.24 22.35 -17.70
C LYS C 297 14.37 21.05 -17.83
N TYR C 298 13.98 20.42 -16.70
CA TYR C 298 13.23 19.15 -16.71
C TYR C 298 11.86 19.14 -15.93
N PRO C 299 10.87 19.84 -16.47
CA PRO C 299 9.60 19.95 -15.84
C PRO C 299 9.01 18.57 -15.47
N HIS C 300 9.30 17.55 -16.28
CA HIS C 300 8.68 16.26 -16.14
C HIS C 300 9.23 15.69 -14.88
N VAL C 301 10.56 15.62 -14.77
CA VAL C 301 11.19 15.29 -13.51
C VAL C 301 10.53 16.06 -12.35
N THR C 302 10.58 17.39 -12.32
CA THR C 302 9.90 18.10 -11.25
C THR C 302 8.48 17.56 -10.94
N GLU C 303 7.67 17.26 -11.97
CA GLU C 303 6.28 16.85 -11.78
C GLU C 303 6.29 15.50 -11.10
N ARG C 304 7.22 14.62 -11.49
CA ARG C 304 7.32 13.31 -10.79
C ARG C 304 7.75 13.51 -9.33
N VAL C 305 8.76 14.33 -9.04
CA VAL C 305 9.11 14.57 -7.67
C VAL C 305 7.92 15.10 -6.91
N GLN C 306 7.16 15.97 -7.55
CA GLN C 306 6.03 16.54 -6.90
C GLN C 306 4.90 15.56 -6.69
N LYS C 307 4.77 14.56 -7.55
CA LYS C 307 3.68 13.62 -7.35
C LYS C 307 4.04 12.69 -6.23
N GLU C 308 5.36 12.43 -6.08
CA GLU C 308 5.87 11.49 -5.12
C GLU C 308 5.73 12.14 -3.79
N ILE C 309 5.88 13.46 -3.75
CA ILE C 309 5.68 14.21 -2.49
C ILE C 309 4.25 14.02 -2.12
N GLU C 310 3.37 14.25 -3.08
CA GLU C 310 1.95 14.07 -2.85
C GLU C 310 1.58 12.71 -2.25
N GLN C 311 2.16 11.62 -2.77
CA GLN C 311 1.72 10.30 -2.35
C GLN C 311 2.15 10.01 -0.94
N VAL C 312 3.44 10.20 -0.69
CA VAL C 312 4.06 9.81 0.56
C VAL C 312 3.90 10.85 1.63
N ILE C 313 4.10 12.10 1.32
CA ILE C 313 4.05 13.13 2.35
C ILE C 313 2.68 13.72 2.46
N GLY C 314 2.11 14.11 1.33
CA GLY C 314 0.82 14.80 1.33
C GLY C 314 1.05 16.28 1.35
N SER C 315 0.05 17.05 1.68
CA SER C 315 0.20 18.47 1.39
C SER C 315 0.00 19.30 2.61
N HIS C 316 -0.23 18.63 3.75
CA HIS C 316 -0.40 19.36 5.01
C HIS C 316 0.70 19.28 6.07
N ARG C 317 1.29 18.11 6.31
CA ARG C 317 2.39 18.01 7.30
C ARG C 317 3.66 18.41 6.56
N PRO C 318 4.62 19.03 7.23
CA PRO C 318 5.90 19.32 6.60
C PRO C 318 6.78 18.09 6.30
N PRO C 319 7.65 18.17 5.29
CA PRO C 319 8.44 16.96 5.11
C PRO C 319 9.38 16.70 6.28
N ALA C 320 9.54 15.43 6.60
CA ALA C 320 10.41 15.02 7.67
C ALA C 320 11.38 14.06 7.07
N LEU C 321 12.58 13.97 7.63
CA LEU C 321 13.66 13.30 6.93
C LEU C 321 13.45 11.84 6.66
N ASP C 322 12.55 11.16 7.34
CA ASP C 322 12.50 9.74 7.07
C ASP C 322 11.41 9.44 6.06
N ASP C 323 11.07 10.49 5.33
CA ASP C 323 10.30 10.32 4.15
C ASP C 323 11.26 9.91 3.06
N ARG C 324 12.53 10.22 3.21
CA ARG C 324 13.44 9.94 2.14
C ARG C 324 13.42 8.45 1.70
N ALA C 325 13.14 7.57 2.64
CA ALA C 325 13.39 6.17 2.41
C ALA C 325 12.21 5.65 1.64
N LYS C 326 11.04 6.17 1.96
CA LYS C 326 9.82 6.04 1.16
C LYS C 326 9.75 6.85 -0.19
N MET C 327 10.81 7.59 -0.56
CA MET C 327 10.77 8.48 -1.71
C MET C 327 11.95 8.25 -2.66
N PRO C 328 12.09 7.01 -3.14
CA PRO C 328 13.26 6.65 -3.92
C PRO C 328 13.50 7.57 -5.09
N TYR C 329 12.43 8.15 -5.67
CA TYR C 329 12.55 8.91 -6.91
C TYR C 329 13.23 10.20 -6.57
N THR C 330 12.64 10.94 -5.63
CA THR C 330 13.16 12.21 -5.19
C THR C 330 14.57 11.99 -4.79
N ASP C 331 14.79 10.90 -4.07
CA ASP C 331 16.10 10.60 -3.56
C ASP C 331 17.06 10.46 -4.71
N ALA C 332 16.71 9.69 -5.76
CA ALA C 332 17.52 9.68 -7.03
C ALA C 332 17.70 11.08 -7.66
N VAL C 333 16.60 11.81 -7.83
CA VAL C 333 16.74 13.12 -8.36
C VAL C 333 17.81 13.88 -7.59
N ILE C 334 17.72 13.96 -6.27
CA ILE C 334 18.81 14.61 -5.51
C ILE C 334 20.22 14.07 -5.85
N HIS C 335 20.42 12.75 -5.73
CA HIS C 335 21.73 12.15 -6.11
C HIS C 335 22.19 12.69 -7.43
N GLU C 336 21.28 12.74 -8.38
CA GLU C 336 21.66 13.04 -9.75
C GLU C 336 22.00 14.53 -9.96
N ILE C 337 21.36 15.42 -9.19
CA ILE C 337 21.73 16.83 -9.13
C ILE C 337 23.16 16.95 -8.61
N GLN C 338 23.48 16.28 -7.49
CA GLN C 338 24.83 16.23 -6.93
C GLN C 338 25.82 15.64 -7.91
N ARG C 339 25.44 14.59 -8.63
CA ARG C 339 26.45 13.95 -9.44
C ARG C 339 26.87 14.88 -10.57
N LEU C 340 25.89 15.49 -11.23
CA LEU C 340 26.13 16.26 -12.42
C LEU C 340 26.45 17.62 -11.93
N GLY C 341 25.96 17.91 -10.75
CA GLY C 341 26.22 19.21 -10.13
C GLY C 341 27.71 19.39 -9.99
N ASP C 342 28.31 18.45 -9.25
CA ASP C 342 29.76 18.24 -9.21
C ASP C 342 30.52 19.39 -8.67
N LEU C 343 30.04 19.92 -7.55
CA LEU C 343 30.52 21.19 -7.05
C LEU C 343 31.97 21.29 -6.56
N ILE C 344 32.62 20.15 -6.28
CA ILE C 344 34.08 20.13 -6.03
C ILE C 344 34.81 19.22 -7.03
N PRO C 345 35.18 19.79 -8.19
CA PRO C 345 35.75 19.01 -9.28
C PRO C 345 37.04 18.31 -8.96
N PHE C 346 37.90 18.87 -8.12
CA PHE C 346 39.10 18.09 -7.84
C PHE C 346 39.45 17.96 -6.36
N GLY C 347 38.43 17.65 -5.56
CA GLY C 347 38.62 17.31 -4.15
C GLY C 347 39.13 18.54 -3.47
N VAL C 348 39.27 18.48 -2.16
CA VAL C 348 40.15 19.41 -1.46
C VAL C 348 41.45 18.59 -1.45
N PRO C 349 42.63 19.25 -1.57
CA PRO C 349 43.81 18.47 -1.82
C PRO C 349 44.26 17.74 -0.57
N HIS C 350 44.69 16.51 -0.79
CA HIS C 350 45.17 15.56 0.19
C HIS C 350 46.71 15.57 0.15
N THR C 351 47.34 15.06 1.20
CA THR C 351 48.77 14.69 1.15
C THR C 351 48.93 13.26 1.68
N VAL C 352 49.99 12.58 1.25
CA VAL C 352 50.27 11.25 1.81
C VAL C 352 51.05 11.40 3.11
N THR C 353 50.76 10.52 4.06
CA THR C 353 51.29 10.69 5.40
C THR C 353 52.52 9.84 5.75
N LYS C 354 52.79 8.81 4.97
CA LYS C 354 54.08 8.15 5.01
C LYS C 354 54.60 8.07 3.59
N ASP C 355 55.72 7.39 3.37
CA ASP C 355 56.08 7.01 2.02
C ASP C 355 55.11 5.97 1.56
N THR C 356 54.65 6.07 0.32
CA THR C 356 53.55 5.18 -0.04
C THR C 356 53.67 4.41 -1.32
N GLN C 357 53.28 3.15 -1.19
CA GLN C 357 53.41 2.13 -2.19
C GLN C 357 52.17 2.06 -3.04
N PHE C 358 52.13 2.82 -4.15
CA PHE C 358 50.87 2.93 -4.88
C PHE C 358 50.89 2.39 -6.30
N ARG C 359 50.30 1.22 -6.48
CA ARG C 359 50.23 0.61 -7.81
C ARG C 359 51.61 0.62 -8.45
N GLY C 360 52.60 0.10 -7.73
CA GLY C 360 54.00 0.16 -8.17
C GLY C 360 54.54 1.56 -8.37
N TYR C 361 54.40 2.41 -7.36
CA TYR C 361 55.05 3.71 -7.38
C TYR C 361 55.41 4.03 -5.95
N VAL C 362 56.25 5.05 -5.80
CA VAL C 362 56.51 5.57 -4.49
C VAL C 362 56.13 7.03 -4.41
N ILE C 363 55.18 7.31 -3.52
CA ILE C 363 54.80 8.67 -3.25
C ILE C 363 55.47 9.08 -1.93
N PRO C 364 56.47 9.98 -2.02
CA PRO C 364 57.24 10.31 -0.83
C PRO C 364 56.26 10.88 0.17
N LYS C 365 56.58 10.71 1.45
CA LYS C 365 55.81 11.30 2.54
C LYS C 365 55.59 12.76 2.17
N ASN C 366 54.36 13.26 2.38
CA ASN C 366 54.01 14.69 2.25
C ASN C 366 53.82 15.26 0.86
N THR C 367 53.73 14.39 -0.14
CA THR C 367 53.45 14.86 -1.47
C THR C 367 51.94 14.96 -1.58
N GLU C 368 51.54 16.07 -2.21
CA GLU C 368 50.16 16.40 -2.51
C GLU C 368 49.50 15.43 -3.54
N VAL C 369 48.28 15.02 -3.20
CA VAL C 369 47.45 14.16 -4.05
C VAL C 369 46.19 14.95 -4.36
N PHE C 370 45.77 14.94 -5.63
CA PHE C 370 44.48 15.50 -6.05
C PHE C 370 43.46 14.42 -6.43
N PRO C 371 42.56 13.97 -5.52
CA PRO C 371 41.55 13.02 -6.03
C PRO C 371 40.54 13.80 -6.87
N VAL C 372 40.51 13.50 -8.16
CA VAL C 372 39.67 14.27 -9.05
C VAL C 372 38.27 13.62 -8.96
N LEU C 373 37.39 14.15 -8.10
CA LEU C 373 36.09 13.54 -7.90
C LEU C 373 35.28 13.70 -9.17
N SER C 374 35.44 14.79 -9.92
CA SER C 374 34.60 14.98 -11.08
C SER C 374 34.81 13.93 -12.16
N SER C 375 35.88 13.18 -12.02
CA SER C 375 36.22 12.15 -12.99
C SER C 375 35.67 10.85 -12.50
N ALA C 376 35.23 10.79 -11.23
CA ALA C 376 34.56 9.62 -10.64
C ALA C 376 33.04 9.76 -10.84
N LEU C 377 32.56 10.98 -10.67
CA LEU C 377 31.15 11.29 -10.81
C LEU C 377 30.75 11.27 -12.27
N HIS C 378 31.73 11.48 -13.16
CA HIS C 378 31.47 11.41 -14.59
C HIS C 378 32.10 10.17 -15.25
N ASP C 379 32.48 9.17 -14.46
CA ASP C 379 33.22 7.96 -14.91
C ASP C 379 32.36 7.00 -15.81
N PRO C 380 32.71 6.89 -17.11
CA PRO C 380 31.85 6.11 -18.00
C PRO C 380 31.79 4.66 -17.59
N ARG C 381 32.78 4.22 -16.84
CA ARG C 381 32.79 2.83 -16.35
C ARG C 381 31.70 2.53 -15.31
N TYR C 382 31.03 3.59 -14.82
CA TYR C 382 29.95 3.48 -13.82
C TYR C 382 28.68 4.22 -14.19
N PHE C 383 28.79 5.24 -15.02
CA PHE C 383 27.60 5.90 -15.49
C PHE C 383 27.54 5.97 -17.03
N GLU C 384 26.45 5.43 -17.61
CA GLU C 384 26.10 5.63 -19.01
C GLU C 384 25.94 7.11 -19.28
N THR C 385 26.40 7.57 -20.45
CA THR C 385 25.97 8.85 -21.06
C THR C 385 26.00 9.92 -19.96
N PRO C 386 27.21 10.12 -19.42
CA PRO C 386 27.37 10.64 -18.09
C PRO C 386 27.25 12.15 -18.04
N ASN C 387 27.19 12.79 -19.20
CA ASN C 387 27.06 14.23 -19.18
C ASN C 387 25.65 14.71 -19.33
N THR C 388 24.71 13.78 -19.22
CA THR C 388 23.29 14.11 -19.21
C THR C 388 22.67 13.80 -17.88
N PHE C 389 21.74 14.66 -17.50
CA PHE C 389 20.94 14.44 -16.33
C PHE C 389 20.03 13.23 -16.50
N ASN C 390 20.14 12.27 -15.62
CA ASN C 390 19.17 11.22 -15.63
C ASN C 390 19.09 10.60 -14.26
N PRO C 391 17.98 10.82 -13.57
CA PRO C 391 17.73 10.19 -12.31
C PRO C 391 17.80 8.69 -12.45
N GLY C 392 17.64 8.21 -13.66
CA GLY C 392 17.79 6.80 -13.94
C GLY C 392 19.04 6.12 -13.40
N HIS C 393 20.17 6.81 -13.50
CA HIS C 393 21.42 6.31 -12.90
C HIS C 393 21.21 5.74 -11.49
N PHE C 394 20.30 6.28 -10.70
CA PHE C 394 20.13 5.71 -9.38
C PHE C 394 18.89 4.89 -9.07
N LEU C 395 18.26 4.36 -10.12
CA LEU C 395 17.03 3.57 -9.96
C LEU C 395 17.10 2.19 -10.64
N ASP C 396 16.59 1.16 -10.00
CA ASP C 396 16.54 -0.11 -10.67
C ASP C 396 15.16 -0.31 -11.39
N ALA C 397 14.88 -1.52 -11.86
CA ALA C 397 13.70 -1.77 -12.65
C ALA C 397 12.48 -1.45 -11.84
N ASN C 398 12.61 -1.55 -10.53
CA ASN C 398 11.41 -1.46 -9.71
C ASN C 398 11.16 -0.09 -9.16
N GLY C 399 12.11 0.80 -9.44
CA GLY C 399 12.01 2.18 -9.03
C GLY C 399 12.54 2.37 -7.62
N ALA C 400 13.23 1.34 -7.13
CA ALA C 400 14.04 1.37 -5.91
C ALA C 400 15.30 2.15 -6.12
N LEU C 401 15.90 2.61 -5.04
CA LEU C 401 17.08 3.40 -5.20
C LEU C 401 18.19 2.42 -5.38
N LYS C 402 19.18 2.72 -6.19
CA LYS C 402 20.22 1.76 -6.49
C LYS C 402 21.57 2.42 -6.29
N ARG C 403 22.35 1.90 -5.34
CA ARG C 403 23.68 2.43 -4.98
C ARG C 403 24.60 2.41 -6.19
N ASN C 404 25.65 3.21 -6.19
CA ASN C 404 26.58 3.23 -7.29
C ASN C 404 27.99 3.62 -6.78
N GLU C 405 29.01 2.82 -7.09
CA GLU C 405 30.37 3.09 -6.55
C GLU C 405 30.93 4.40 -7.02
N GLY C 406 30.56 4.84 -8.21
CA GLY C 406 31.20 6.01 -8.79
C GLY C 406 30.67 7.30 -8.20
N PHE C 407 29.62 7.14 -7.38
CA PHE C 407 28.97 8.27 -6.72
C PHE C 407 29.59 8.59 -5.36
N MET C 408 30.50 9.56 -5.37
CA MET C 408 31.26 10.01 -4.21
C MET C 408 31.36 11.55 -4.12
N PRO C 409 30.22 12.28 -4.10
CA PRO C 409 30.39 13.72 -4.28
C PRO C 409 30.91 14.38 -2.99
N PHE C 410 30.97 13.58 -1.92
CA PHE C 410 31.38 13.99 -0.59
C PHE C 410 32.79 13.47 -0.34
N SER C 411 33.45 12.95 -1.38
CA SER C 411 34.75 12.26 -1.20
C SER C 411 34.61 10.99 -0.39
N LEU C 412 35.73 10.34 -0.07
CA LEU C 412 35.72 9.09 0.68
C LEU C 412 36.88 9.05 1.61
N GLY C 413 36.80 8.20 2.62
CA GLY C 413 37.98 7.77 3.35
C GLY C 413 37.99 8.40 4.71
N LYS C 414 39.18 8.78 5.20
CA LYS C 414 39.26 9.19 6.58
C LYS C 414 38.91 10.64 6.68
N ARG C 415 38.95 11.27 5.51
CA ARG C 415 38.70 12.69 5.37
C ARG C 415 37.30 13.04 4.82
N ILE C 416 36.45 12.02 4.65
CA ILE C 416 35.11 12.20 4.06
C ILE C 416 34.38 13.32 4.76
N CYS C 417 33.63 14.08 3.98
CA CYS C 417 32.99 15.27 4.48
C CYS C 417 32.33 14.96 5.81
N LEU C 418 32.64 15.83 6.77
CA LEU C 418 32.08 15.80 8.11
C LEU C 418 30.65 16.28 8.28
N GLY C 419 30.17 17.02 7.28
CA GLY C 419 28.86 17.65 7.36
C GLY C 419 27.91 16.86 6.46
N GLU C 420 28.40 15.79 5.84
CA GLU C 420 27.58 14.91 5.00
C GLU C 420 26.17 14.61 5.52
N GLY C 421 26.03 14.10 6.72
CA GLY C 421 24.71 13.92 7.34
C GLY C 421 23.85 15.17 7.27
N ILE C 422 24.46 16.34 7.51
CA ILE C 422 23.75 17.63 7.46
C ILE C 422 23.43 18.08 6.02
N ALA C 423 24.45 18.12 5.17
CA ALA C 423 24.26 18.41 3.76
C ALA C 423 23.03 17.67 3.18
N ARG C 424 22.91 16.38 3.48
CA ARG C 424 21.90 15.57 2.82
C ARG C 424 20.52 15.91 3.34
N THR C 425 20.46 16.17 4.64
CA THR C 425 19.23 16.54 5.26
C THR C 425 18.75 17.91 4.74
N GLU C 426 19.69 18.83 4.54
CA GLU C 426 19.35 20.13 3.98
C GLU C 426 18.81 19.93 2.54
N LEU C 427 19.52 19.19 1.68
CA LEU C 427 19.03 18.94 0.33
C LEU C 427 17.61 18.37 0.30
N PHE C 428 17.44 17.24 0.99
CA PHE C 428 16.14 16.57 1.02
C PHE C 428 15.04 17.35 1.75
N LEU C 429 15.33 18.10 2.79
CA LEU C 429 14.25 18.90 3.29
C LEU C 429 14.02 20.23 2.52
N PHE C 430 15.09 20.95 2.15
CA PHE C 430 14.84 22.14 1.29
C PHE C 430 14.15 21.90 -0.09
N PHE C 431 14.64 20.93 -0.77
CA PHE C 431 14.09 20.53 -2.00
CA PHE C 431 14.07 20.61 -1.94
C PHE C 431 12.69 20.00 -1.90
N THR C 432 12.36 19.12 -0.96
CA THR C 432 10.98 18.67 -0.92
C THR C 432 10.09 19.72 -0.30
N THR C 433 10.58 20.61 0.58
CA THR C 433 9.61 21.55 1.18
C THR C 433 9.23 22.64 0.19
N ILE C 434 10.23 23.21 -0.51
CA ILE C 434 9.95 24.15 -1.58
C ILE C 434 9.00 23.43 -2.52
N LEU C 435 9.38 22.23 -2.99
CA LEU C 435 8.60 21.58 -4.05
C LEU C 435 7.20 21.20 -3.62
N GLN C 436 6.99 21.01 -2.32
CA GLN C 436 5.68 20.69 -1.79
C GLN C 436 4.77 21.89 -1.83
N ASN C 437 5.33 23.10 -1.76
CA ASN C 437 4.55 24.33 -1.53
C ASN C 437 4.53 25.25 -2.74
N PHE C 438 5.43 25.03 -3.69
CA PHE C 438 5.54 25.93 -4.78
C PHE C 438 5.71 25.20 -6.06
N SER C 439 5.28 25.84 -7.13
CA SER C 439 5.64 25.43 -8.45
C SER C 439 6.57 26.45 -9.07
N ILE C 440 7.51 25.98 -9.87
CA ILE C 440 8.54 26.86 -10.34
C ILE C 440 8.37 27.11 -11.80
N ALA C 441 9.08 28.11 -12.33
CA ALA C 441 8.88 28.61 -13.71
C ALA C 441 9.98 29.62 -13.99
N SER C 442 10.33 29.82 -15.25
CA SER C 442 11.25 30.86 -15.59
C SER C 442 10.83 31.43 -16.93
N PRO C 443 11.33 32.60 -17.30
CA PRO C 443 11.14 33.09 -18.65
C PRO C 443 11.82 32.19 -19.73
N VAL C 444 13.08 31.81 -19.53
CA VAL C 444 13.83 30.87 -20.40
C VAL C 444 13.15 29.50 -20.54
N PRO C 445 12.79 29.11 -21.76
CA PRO C 445 12.23 27.77 -21.96
C PRO C 445 13.27 26.63 -21.78
N PRO C 446 12.78 25.45 -21.34
CA PRO C 446 13.58 24.27 -20.98
C PRO C 446 14.74 23.93 -21.91
N GLU C 447 14.61 24.22 -23.20
CA GLU C 447 15.57 23.74 -24.20
C GLU C 447 16.84 24.58 -24.19
N ASP C 448 16.75 25.74 -23.53
CA ASP C 448 17.82 26.74 -23.56
C ASP C 448 18.38 27.08 -22.23
N ILE C 449 17.90 26.45 -21.18
CA ILE C 449 18.60 26.55 -19.92
C ILE C 449 19.99 26.01 -20.21
N ASP C 450 21.01 26.80 -19.89
CA ASP C 450 22.36 26.29 -19.93
C ASP C 450 22.90 25.96 -18.54
N LEU C 451 23.58 24.82 -18.47
CA LEU C 451 24.15 24.34 -17.23
C LEU C 451 25.62 24.72 -17.01
N THR C 452 26.16 25.51 -17.94
CA THR C 452 27.58 25.89 -17.98
C THR C 452 27.92 26.87 -16.87
N PRO C 453 28.75 26.38 -15.93
CA PRO C 453 29.14 27.02 -14.67
C PRO C 453 29.75 28.39 -14.90
N ARG C 454 29.30 29.40 -14.16
CA ARG C 454 29.90 30.74 -14.22
C ARG C 454 31.34 30.77 -13.73
N GLU C 455 31.74 29.79 -12.92
CA GLU C 455 33.16 29.60 -12.56
C GLU C 455 33.55 28.17 -12.25
N SER C 456 34.55 27.65 -12.94
CA SER C 456 34.98 26.28 -12.68
C SER C 456 36.37 26.28 -12.08
N GLY C 457 36.45 26.45 -10.77
CA GLY C 457 37.75 26.39 -10.10
C GLY C 457 37.82 25.21 -9.14
N VAL C 458 38.39 25.48 -7.96
CA VAL C 458 38.40 24.54 -6.83
C VAL C 458 36.97 24.06 -6.49
N GLY C 459 36.02 24.97 -6.70
CA GLY C 459 34.61 24.63 -6.77
C GLY C 459 34.00 25.13 -8.07
N ASN C 460 32.83 24.57 -8.41
CA ASN C 460 31.98 25.03 -9.52
C ASN C 460 30.85 25.91 -9.06
N VAL C 461 30.71 27.08 -9.70
CA VAL C 461 29.59 27.97 -9.42
C VAL C 461 28.66 27.97 -10.61
N PRO C 462 27.37 27.66 -10.40
CA PRO C 462 26.42 27.70 -11.52
C PRO C 462 26.08 29.14 -11.91
N PRO C 463 25.65 29.36 -13.17
CA PRO C 463 25.37 30.70 -13.66
C PRO C 463 24.22 31.24 -12.86
N SER C 464 24.07 32.55 -12.80
CA SER C 464 22.89 32.99 -12.10
C SER C 464 21.67 32.99 -13.07
N TYR C 465 20.44 32.81 -12.54
CA TYR C 465 19.21 32.64 -13.37
C TYR C 465 17.99 33.16 -12.65
N GLN C 466 16.97 33.52 -13.42
CA GLN C 466 15.69 34.02 -12.84
C GLN C 466 14.71 32.84 -12.65
N ILE C 467 13.82 32.89 -11.68
CA ILE C 467 12.98 31.73 -11.33
C ILE C 467 11.83 32.20 -10.48
N ARG C 468 10.63 31.74 -10.71
CA ARG C 468 9.56 32.28 -9.88
C ARG C 468 8.98 31.15 -9.06
N PHE C 469 8.50 31.44 -7.85
CA PHE C 469 7.97 30.38 -7.01
C PHE C 469 6.52 30.62 -6.83
N LEU C 470 5.67 29.82 -7.50
CA LEU C 470 4.23 30.03 -7.38
C LEU C 470 3.53 29.13 -6.36
N ALA C 471 2.86 29.75 -5.38
CA ALA C 471 2.14 29.04 -4.36
C ALA C 471 1.15 28.09 -4.90
N ARG C 472 1.11 26.90 -4.29
CA ARG C 472 0.23 25.79 -4.64
C ARG C 472 -0.96 25.73 -3.69
N HIS C 473 -2.11 25.24 -4.16
CA HIS C 473 -3.25 24.94 -3.27
C HIS C 473 -4.14 23.83 -3.79
N GLY D 9 50.62 -9.33 -44.05
CA GLY D 9 49.85 -9.11 -42.79
C GLY D 9 49.63 -10.38 -41.98
N LYS D 10 49.22 -10.19 -40.73
CA LYS D 10 49.00 -11.33 -39.84
C LYS D 10 47.50 -11.65 -39.67
N LEU D 11 47.22 -12.87 -39.20
CA LEU D 11 45.92 -13.20 -38.60
C LEU D 11 45.92 -12.49 -37.23
N PRO D 12 44.74 -12.36 -36.58
CA PRO D 12 44.68 -11.71 -35.27
C PRO D 12 45.37 -12.65 -34.30
N PRO D 13 45.51 -12.26 -33.01
CA PRO D 13 46.26 -12.99 -31.99
C PRO D 13 45.45 -14.22 -31.60
N GLY D 14 45.91 -15.02 -30.64
CA GLY D 14 45.10 -16.16 -30.21
C GLY D 14 45.90 -17.38 -29.87
N PRO D 15 45.30 -18.36 -29.19
CA PRO D 15 46.03 -19.49 -28.64
C PRO D 15 46.54 -20.42 -29.74
N SER D 16 47.52 -21.26 -29.39
CA SER D 16 48.27 -22.15 -30.31
C SER D 16 47.53 -23.41 -30.83
N PRO D 17 47.19 -23.42 -32.14
CA PRO D 17 46.47 -24.55 -32.74
C PRO D 17 47.26 -25.86 -32.73
N LEU D 18 46.56 -26.99 -32.57
CA LEU D 18 47.19 -28.33 -32.61
C LEU D 18 46.50 -28.96 -33.82
N PRO D 19 47.24 -29.18 -34.94
CA PRO D 19 46.55 -29.40 -36.21
C PRO D 19 45.58 -30.54 -35.84
N VAL D 20 44.45 -30.62 -36.54
CA VAL D 20 43.39 -31.58 -36.20
C VAL D 20 42.55 -31.30 -34.94
N LEU D 21 43.20 -31.18 -33.78
CA LEU D 21 42.47 -30.87 -32.51
C LEU D 21 42.25 -29.36 -32.25
N GLY D 22 43.04 -28.52 -32.91
CA GLY D 22 42.77 -27.08 -32.98
C GLY D 22 42.99 -26.25 -31.72
N ASN D 23 41.90 -25.98 -30.99
CA ASN D 23 41.98 -25.20 -29.78
C ASN D 23 41.20 -25.83 -28.67
N LEU D 24 40.85 -27.09 -28.87
CA LEU D 24 40.02 -27.83 -27.93
C LEU D 24 40.46 -27.75 -26.47
N LEU D 25 41.73 -27.51 -26.20
CA LEU D 25 42.24 -27.53 -24.81
C LEU D 25 42.29 -26.13 -24.19
N GLN D 26 41.87 -25.11 -24.95
CA GLN D 26 41.67 -23.73 -24.46
C GLN D 26 40.19 -23.27 -24.47
N MET D 27 39.28 -24.23 -24.26
CA MET D 27 37.84 -23.99 -24.34
C MET D 27 37.19 -24.36 -23.03
N ASP D 28 35.96 -23.92 -22.85
CA ASP D 28 35.28 -24.08 -21.59
C ASP D 28 34.18 -25.14 -21.75
N ARG D 29 34.16 -26.12 -20.84
CA ARG D 29 33.15 -27.20 -20.88
C ARG D 29 31.72 -26.67 -20.92
N LYS D 30 31.55 -25.37 -20.61
CA LYS D 30 30.21 -24.72 -20.66
C LYS D 30 29.67 -24.55 -22.08
N GLY D 31 30.38 -23.85 -22.96
CA GLY D 31 29.96 -23.79 -24.35
C GLY D 31 30.80 -22.91 -25.24
N LEU D 32 30.42 -22.84 -26.51
CA LEU D 32 31.10 -22.01 -27.47
C LEU D 32 31.17 -20.53 -27.07
N LEU D 33 30.13 -20.03 -26.40
CA LEU D 33 30.10 -18.63 -26.00
C LEU D 33 31.08 -18.32 -24.87
N ARG D 34 30.99 -19.11 -23.78
CA ARG D 34 31.84 -18.95 -22.60
C ARG D 34 33.29 -19.04 -23.04
N SER D 35 33.52 -20.05 -23.89
CA SER D 35 34.81 -20.30 -24.48
C SER D 35 35.33 -19.02 -25.03
N PHE D 36 34.59 -18.37 -25.94
CA PHE D 36 35.06 -17.14 -26.58
C PHE D 36 35.23 -15.99 -25.61
N LEU D 37 34.34 -15.85 -24.64
CA LEU D 37 34.40 -14.65 -23.81
C LEU D 37 35.55 -14.72 -22.84
N ARG D 38 35.97 -15.95 -22.49
CA ARG D 38 37.26 -16.14 -21.83
C ARG D 38 38.45 -15.67 -22.75
N LEU D 39 38.67 -16.32 -23.87
CA LEU D 39 39.66 -15.82 -24.83
C LEU D 39 39.55 -14.31 -25.06
N ARG D 40 38.34 -13.76 -25.07
CA ARG D 40 38.22 -12.32 -25.15
C ARG D 40 39.20 -11.65 -24.17
N GLU D 41 39.14 -12.04 -22.90
CA GLU D 41 39.88 -11.33 -21.83
C GLU D 41 41.41 -11.39 -21.97
N LYS D 42 41.92 -12.55 -22.39
CA LYS D 42 43.35 -12.78 -22.72
C LYS D 42 43.83 -12.08 -24.01
N TYR D 43 43.09 -12.19 -25.11
CA TYR D 43 43.64 -11.79 -26.41
C TYR D 43 43.08 -10.49 -27.02
N GLY D 44 42.15 -9.85 -26.32
CA GLY D 44 41.56 -8.60 -26.82
C GLY D 44 40.18 -8.73 -27.47
N ASP D 45 39.82 -7.72 -28.25
CA ASP D 45 38.49 -7.66 -28.86
C ASP D 45 38.34 -8.42 -30.19
N VAL D 46 39.32 -8.29 -31.07
CA VAL D 46 39.44 -9.10 -32.28
C VAL D 46 40.43 -10.24 -32.02
N PHE D 47 40.14 -11.47 -32.47
CA PHE D 47 41.04 -12.58 -32.17
C PHE D 47 40.67 -13.90 -32.85
N THR D 48 41.62 -14.83 -32.90
CA THR D 48 41.53 -15.94 -33.82
C THR D 48 41.59 -17.24 -33.10
N VAL D 49 40.57 -18.05 -33.31
CA VAL D 49 40.53 -19.35 -32.70
C VAL D 49 40.43 -20.39 -33.82
N TYR D 50 40.63 -21.64 -33.44
CA TYR D 50 40.73 -22.75 -34.36
C TYR D 50 39.77 -23.86 -33.95
N LEU D 51 38.76 -24.07 -34.77
CA LEU D 51 37.75 -25.04 -34.43
C LEU D 51 37.95 -26.17 -35.40
N GLY D 52 38.32 -27.34 -34.85
CA GLY D 52 38.86 -28.44 -35.66
C GLY D 52 40.14 -27.95 -36.33
N SER D 53 40.03 -27.53 -37.60
CA SER D 53 41.18 -26.89 -38.31
C SER D 53 40.89 -25.51 -38.92
N ARG D 54 39.60 -25.19 -39.13
CA ARG D 54 39.21 -23.85 -39.63
C ARG D 54 39.58 -22.79 -38.62
N PRO D 55 40.30 -21.74 -39.10
CA PRO D 55 40.49 -20.51 -38.34
C PRO D 55 39.25 -19.60 -38.43
N VAL D 56 38.76 -19.09 -37.30
CA VAL D 56 37.69 -18.07 -37.32
C VAL D 56 38.09 -16.85 -36.53
N VAL D 57 37.94 -15.68 -37.15
CA VAL D 57 38.14 -14.45 -36.41
C VAL D 57 36.91 -14.29 -35.50
N VAL D 58 37.12 -13.82 -34.26
CA VAL D 58 36.02 -13.54 -33.35
C VAL D 58 35.97 -12.07 -32.96
N LEU D 59 34.82 -11.44 -33.14
CA LEU D 59 34.62 -10.02 -32.85
C LEU D 59 33.82 -9.81 -31.56
N CYS D 60 34.29 -8.86 -30.74
CA CYS D 60 33.62 -8.53 -29.47
C CYS D 60 33.45 -7.07 -29.14
N GLY D 61 32.37 -6.82 -28.42
CA GLY D 61 32.05 -5.49 -27.95
C GLY D 61 31.55 -4.67 -29.10
N THR D 62 30.71 -3.71 -28.75
CA THR D 62 30.07 -2.85 -29.71
C THR D 62 31.06 -2.44 -30.82
N ASP D 63 32.12 -1.77 -30.43
CA ASP D 63 32.99 -1.02 -31.36
C ASP D 63 33.74 -1.84 -32.39
N ALA D 64 34.16 -3.07 -31.99
CA ALA D 64 34.70 -4.05 -32.95
C ALA D 64 33.66 -4.50 -34.00
N ILE D 65 32.55 -5.08 -33.51
CA ILE D 65 31.47 -5.50 -34.39
C ILE D 65 31.11 -4.40 -35.38
N ARG D 66 30.98 -3.18 -34.87
CA ARG D 66 30.47 -2.09 -35.69
C ARG D 66 31.47 -1.74 -36.76
N GLU D 67 32.74 -1.78 -36.39
CA GLU D 67 33.82 -1.52 -37.35
C GLU D 67 33.73 -2.51 -38.50
N ALA D 68 33.70 -3.79 -38.19
CA ALA D 68 33.54 -4.81 -39.21
C ALA D 68 32.25 -4.68 -40.03
N LEU D 69 31.09 -4.77 -39.38
CA LEU D 69 29.88 -4.94 -40.15
C LEU D 69 29.37 -3.65 -40.75
N VAL D 70 29.73 -2.49 -40.17
CA VAL D 70 29.23 -1.22 -40.76
C VAL D 70 30.27 -0.50 -41.64
N ASP D 71 31.43 -0.26 -41.06
CA ASP D 71 32.55 0.37 -41.75
C ASP D 71 33.14 -0.43 -42.91
N GLN D 72 33.17 -1.76 -42.79
CA GLN D 72 33.68 -2.61 -43.88
C GLN D 72 32.52 -3.57 -44.09
N ALA D 73 31.47 -3.02 -44.71
CA ALA D 73 30.16 -3.63 -44.82
C ALA D 73 30.14 -4.60 -46.00
N GLU D 74 30.45 -4.17 -47.23
CA GLU D 74 30.43 -5.15 -48.32
C GLU D 74 31.48 -6.18 -48.01
N ALA D 75 32.56 -5.73 -47.39
CA ALA D 75 33.67 -6.64 -47.08
C ALA D 75 33.24 -7.77 -46.15
N PHE D 76 32.31 -7.46 -45.27
CA PHE D 76 31.96 -8.41 -44.25
C PHE D 76 30.61 -9.07 -44.51
N SER D 77 30.15 -8.93 -45.75
CA SER D 77 28.83 -9.40 -46.15
C SER D 77 28.66 -10.93 -46.39
N GLY D 78 29.75 -11.69 -46.40
CA GLY D 78 29.66 -13.11 -46.65
C GLY D 78 29.06 -13.90 -45.51
N ARG D 79 28.55 -15.09 -45.80
CA ARG D 79 27.86 -15.91 -44.81
C ARG D 79 28.54 -17.25 -44.61
N GLY D 80 28.80 -17.63 -43.36
CA GLY D 80 29.45 -18.90 -43.01
C GLY D 80 28.43 -20.01 -42.97
N LYS D 81 28.72 -21.10 -42.25
CA LYS D 81 27.70 -22.19 -42.17
C LYS D 81 27.57 -23.01 -40.83
N ILE D 82 26.35 -23.38 -40.49
CA ILE D 82 26.14 -24.09 -39.26
C ILE D 82 26.32 -25.58 -39.58
N ALA D 83 27.38 -26.16 -39.07
CA ALA D 83 27.70 -27.52 -39.44
C ALA D 83 26.51 -28.47 -39.33
N VAL D 84 25.76 -28.38 -38.24
CA VAL D 84 24.56 -29.20 -38.10
C VAL D 84 23.44 -28.96 -39.13
N VAL D 85 23.46 -27.89 -39.92
CA VAL D 85 22.36 -27.73 -40.90
C VAL D 85 22.82 -27.52 -42.33
N ASP D 86 24.12 -27.44 -42.53
CA ASP D 86 24.58 -27.30 -43.88
C ASP D 86 24.13 -28.50 -44.74
N PRO D 87 24.22 -29.74 -44.22
CA PRO D 87 23.65 -30.81 -45.03
C PRO D 87 22.32 -30.48 -45.69
N ILE D 88 21.43 -29.74 -45.02
CA ILE D 88 20.15 -29.33 -45.63
C ILE D 88 20.21 -28.13 -46.59
N PHE D 89 20.98 -27.10 -46.27
CA PHE D 89 20.98 -25.89 -47.11
C PHE D 89 22.00 -25.99 -48.22
N GLN D 90 23.24 -26.32 -47.87
CA GLN D 90 24.32 -26.42 -48.85
C GLN D 90 24.42 -25.20 -49.72
N GLY D 91 24.33 -24.03 -49.10
CA GLY D 91 24.59 -22.78 -49.78
C GLY D 91 23.36 -22.28 -50.49
N TYR D 92 22.24 -22.99 -50.36
CA TYR D 92 20.93 -22.58 -50.94
C TYR D 92 19.89 -21.94 -50.00
N GLY D 93 18.99 -21.15 -50.56
CA GLY D 93 18.00 -20.44 -49.78
C GLY D 93 18.68 -19.22 -49.19
N VAL D 94 17.86 -18.24 -48.83
CA VAL D 94 18.28 -16.91 -48.43
C VAL D 94 19.18 -16.69 -47.21
N ILE D 95 19.17 -17.53 -46.18
CA ILE D 95 20.01 -17.22 -45.03
C ILE D 95 21.43 -17.48 -45.47
N PHE D 96 21.60 -18.57 -46.23
CA PHE D 96 22.94 -19.19 -46.43
C PHE D 96 23.55 -19.05 -47.83
N ALA D 97 22.84 -18.37 -48.72
CA ALA D 97 23.30 -17.96 -50.03
C ALA D 97 24.46 -17.00 -49.86
N ASN D 98 25.33 -16.92 -50.86
CA ASN D 98 26.33 -15.83 -50.94
C ASN D 98 26.44 -15.23 -52.33
N GLY D 99 27.18 -14.13 -52.42
CA GLY D 99 27.34 -13.44 -53.69
C GLY D 99 26.02 -13.20 -54.44
N GLU D 100 26.02 -13.48 -55.75
CA GLU D 100 24.88 -13.11 -56.55
C GLU D 100 23.62 -13.80 -56.06
N ARG D 101 23.68 -15.10 -55.72
CA ARG D 101 22.48 -15.81 -55.29
C ARG D 101 21.84 -15.07 -54.12
N TRP D 102 22.67 -14.80 -53.10
CA TRP D 102 22.23 -14.03 -51.96
C TRP D 102 21.65 -12.66 -52.39
N ARG D 103 22.49 -11.78 -52.95
CA ARG D 103 22.02 -10.49 -53.43
C ARG D 103 20.70 -10.60 -54.16
N ALA D 104 20.59 -11.63 -54.99
CA ALA D 104 19.43 -11.80 -55.85
C ALA D 104 18.25 -12.09 -55.01
N LEU D 105 18.44 -12.98 -54.01
CA LEU D 105 17.32 -13.57 -53.27
C LEU D 105 16.85 -12.70 -52.17
N ARG D 106 17.77 -11.93 -51.56
CA ARG D 106 17.44 -11.03 -50.46
C ARG D 106 16.60 -9.89 -50.95
N ARG D 107 17.12 -9.20 -51.95
CA ARG D 107 16.35 -8.27 -52.76
C ARG D 107 14.89 -8.75 -52.97
N PHE D 108 14.67 -9.86 -53.65
CA PHE D 108 13.31 -10.47 -53.79
C PHE D 108 12.54 -10.53 -52.49
N SER D 109 13.10 -11.12 -51.43
CA SER D 109 12.39 -11.34 -50.15
C SER D 109 12.00 -10.08 -49.41
N LEU D 110 12.86 -9.05 -49.33
CA LEU D 110 12.39 -7.72 -48.87
C LEU D 110 11.11 -7.29 -49.56
N ALA D 111 11.12 -7.25 -50.88
CA ALA D 111 9.93 -6.79 -51.61
C ALA D 111 8.72 -7.67 -51.39
N THR D 112 8.93 -8.94 -51.07
CA THR D 112 7.81 -9.91 -51.09
C THR D 112 7.13 -9.95 -49.75
N MET D 113 7.87 -9.56 -48.73
CA MET D 113 7.20 -9.42 -47.46
C MET D 113 6.44 -8.10 -47.28
N ARG D 114 7.07 -6.97 -47.60
CA ARG D 114 6.36 -5.69 -47.67
C ARG D 114 4.93 -5.78 -48.27
N ASP D 115 4.71 -6.54 -49.35
CA ASP D 115 3.41 -6.48 -50.03
C ASP D 115 2.34 -7.62 -50.15
N PHE D 116 2.67 -8.79 -50.71
CA PHE D 116 1.65 -9.81 -51.03
C PHE D 116 1.40 -10.75 -49.88
N GLY D 117 0.15 -11.22 -49.80
CA GLY D 117 -0.35 -12.18 -48.76
C GLY D 117 -1.88 -12.44 -48.68
N MET D 118 -2.30 -13.21 -47.64
CA MET D 118 -3.70 -13.64 -47.40
C MET D 118 -4.66 -12.40 -47.29
N GLY D 119 -5.62 -12.31 -48.21
CA GLY D 119 -6.58 -11.18 -48.27
C GLY D 119 -6.09 -9.78 -48.63
N LYS D 120 -4.85 -9.65 -49.13
CA LYS D 120 -4.19 -8.33 -49.39
C LYS D 120 -4.31 -7.48 -48.12
N ARG D 121 -4.12 -8.16 -46.98
CA ARG D 121 -4.10 -7.53 -45.68
C ARG D 121 -2.61 -7.17 -45.47
N SER D 122 -2.33 -6.09 -44.73
CA SER D 122 -0.94 -5.73 -44.47
C SER D 122 -0.32 -6.67 -43.47
N VAL D 123 0.99 -6.78 -43.47
CA VAL D 123 1.65 -7.53 -42.39
C VAL D 123 1.09 -7.17 -41.00
N GLU D 124 1.01 -5.85 -40.70
CA GLU D 124 0.38 -5.39 -39.45
C GLU D 124 -1.00 -5.98 -39.21
N GLU D 125 -1.96 -5.65 -40.06
CA GLU D 125 -3.31 -6.20 -40.07
C GLU D 125 -3.35 -7.71 -39.83
N ARG D 126 -2.35 -8.42 -40.31
CA ARG D 126 -2.31 -9.84 -40.08
C ARG D 126 -1.92 -10.19 -38.70
N ILE D 127 -0.93 -9.47 -38.15
CA ILE D 127 -0.49 -9.68 -36.77
C ILE D 127 -1.58 -9.25 -35.79
N GLN D 128 -2.26 -8.17 -36.11
CA GLN D 128 -3.48 -7.85 -35.40
C GLN D 128 -4.45 -9.05 -35.29
N GLU D 129 -4.72 -9.72 -36.42
CA GLU D 129 -5.65 -10.83 -36.45
C GLU D 129 -5.17 -12.01 -35.65
N GLU D 130 -3.90 -12.35 -35.78
CA GLU D 130 -3.42 -13.44 -35.03
C GLU D 130 -3.64 -13.09 -33.58
N ALA D 131 -3.28 -11.87 -33.18
CA ALA D 131 -3.39 -11.48 -31.76
C ALA D 131 -4.81 -11.64 -31.27
N ARG D 132 -5.77 -11.31 -32.12
CA ARG D 132 -7.16 -11.51 -31.79
C ARG D 132 -7.50 -12.98 -31.58
N CYS D 133 -6.80 -13.87 -32.25
CA CYS D 133 -7.09 -15.26 -32.08
C CYS D 133 -6.44 -15.80 -30.88
N LEU D 134 -5.25 -15.28 -30.55
CA LEU D 134 -4.56 -15.62 -29.29
C LEU D 134 -5.38 -15.28 -28.05
N VAL D 135 -5.94 -14.07 -27.99
CA VAL D 135 -6.75 -13.67 -26.88
C VAL D 135 -7.91 -14.65 -26.69
N GLU D 136 -8.67 -14.94 -27.74
CA GLU D 136 -9.77 -15.87 -27.67
C GLU D 136 -9.36 -17.29 -27.16
N GLU D 137 -8.24 -17.82 -27.64
CA GLU D 137 -7.64 -19.01 -27.10
C GLU D 137 -7.31 -18.89 -25.62
N LEU D 138 -6.73 -17.77 -25.20
CA LEU D 138 -6.34 -17.60 -23.81
C LEU D 138 -7.57 -17.52 -22.98
N ARG D 139 -8.61 -16.81 -23.45
CA ARG D 139 -9.87 -16.73 -22.68
C ARG D 139 -10.38 -18.09 -22.31
N LYS D 140 -10.22 -19.01 -23.25
CA LYS D 140 -10.79 -20.33 -23.19
C LYS D 140 -10.23 -21.12 -22.01
N SER D 141 -8.95 -20.93 -21.70
CA SER D 141 -8.38 -21.66 -20.57
C SER D 141 -8.73 -21.04 -19.21
N LYS D 142 -9.60 -20.05 -19.23
CA LYS D 142 -10.17 -19.53 -18.03
C LYS D 142 -9.23 -19.27 -16.84
N GLY D 143 -7.96 -18.92 -17.12
CA GLY D 143 -6.98 -18.59 -16.07
C GLY D 143 -6.24 -19.80 -15.47
N ALA D 144 -6.55 -21.00 -15.96
CA ALA D 144 -5.84 -22.17 -15.55
C ALA D 144 -4.35 -21.93 -15.80
N LEU D 145 -3.48 -22.57 -15.03
CA LEU D 145 -2.07 -22.55 -15.32
C LEU D 145 -1.71 -23.39 -16.53
N LEU D 146 -0.96 -22.78 -17.45
CA LEU D 146 -0.45 -23.47 -18.64
C LEU D 146 1.03 -23.22 -18.86
N ASP D 147 1.62 -23.94 -19.80
CA ASP D 147 2.96 -23.60 -20.27
C ASP D 147 2.75 -22.82 -21.58
N ASN D 148 3.30 -21.62 -21.73
CA ASN D 148 2.96 -20.84 -22.94
C ASN D 148 3.77 -21.16 -24.20
N THR D 149 4.77 -22.06 -24.06
CA THR D 149 5.62 -22.56 -25.19
C THR D 149 4.83 -22.86 -26.46
N LEU D 150 3.82 -23.70 -26.33
CA LEU D 150 3.03 -24.06 -27.48
C LEU D 150 2.28 -22.91 -28.13
N LEU D 151 1.51 -22.18 -27.35
CA LEU D 151 0.78 -21.11 -27.95
C LEU D 151 1.70 -20.06 -28.56
N PHE D 152 2.87 -19.91 -27.99
CA PHE D 152 3.69 -18.81 -28.40
C PHE D 152 4.28 -19.06 -29.76
N HIS D 153 4.77 -20.30 -29.96
CA HIS D 153 5.05 -20.85 -31.30
C HIS D 153 3.93 -20.75 -32.32
N SER D 154 2.77 -21.28 -31.98
CA SER D 154 1.65 -21.14 -32.86
C SER D 154 1.54 -19.75 -33.42
N ILE D 155 1.50 -18.74 -32.57
CA ILE D 155 1.11 -17.44 -33.09
C ILE D 155 2.20 -16.83 -33.97
N THR D 156 3.47 -17.16 -33.70
CA THR D 156 4.55 -16.68 -34.58
C THR D 156 4.48 -17.38 -35.98
N SER D 157 4.38 -18.72 -36.00
CA SER D 157 4.25 -19.49 -37.26
C SER D 157 3.09 -18.99 -38.09
N ASN D 158 1.91 -18.92 -37.53
CA ASN D 158 0.81 -18.42 -38.29
C ASN D 158 1.10 -17.08 -38.97
N ILE D 159 2.00 -16.27 -38.45
CA ILE D 159 2.35 -15.06 -39.17
C ILE D 159 3.10 -15.42 -40.43
N ILE D 160 4.25 -16.10 -40.28
CA ILE D 160 5.01 -16.59 -41.39
C ILE D 160 4.18 -17.37 -42.40
N CYS D 161 3.47 -18.40 -41.94
CA CYS D 161 2.48 -19.08 -42.77
C CYS D 161 1.53 -18.20 -43.54
N SER D 162 0.98 -17.16 -42.91
CA SER D 162 0.10 -16.27 -43.64
C SER D 162 0.82 -15.57 -44.78
N ILE D 163 2.10 -15.35 -44.60
CA ILE D 163 2.87 -14.62 -45.57
C ILE D 163 3.30 -15.54 -46.66
N VAL D 164 3.99 -16.60 -46.27
CA VAL D 164 4.61 -17.53 -47.21
C VAL D 164 3.60 -18.49 -47.88
N PHE D 165 2.82 -19.23 -47.10
CA PHE D 165 1.77 -20.13 -47.62
C PHE D 165 0.42 -19.47 -47.79
N GLY D 166 0.34 -18.17 -47.54
CA GLY D 166 -0.93 -17.48 -47.66
C GLY D 166 -2.10 -18.05 -46.89
N LYS D 167 -1.86 -18.70 -45.75
CA LYS D 167 -2.99 -19.16 -44.92
C LYS D 167 -2.58 -19.43 -43.47
N ARG D 168 -3.52 -19.40 -42.52
CA ARG D 168 -3.15 -19.69 -41.15
C ARG D 168 -3.72 -21.00 -40.71
N PHE D 169 -3.05 -21.68 -39.80
CA PHE D 169 -3.55 -22.95 -39.31
C PHE D 169 -4.20 -22.83 -37.97
N ASP D 170 -5.41 -23.32 -37.82
CA ASP D 170 -6.03 -23.29 -36.50
C ASP D 170 -5.15 -23.99 -35.44
N TYR D 171 -5.22 -23.53 -34.20
CA TYR D 171 -4.24 -23.93 -33.18
C TYR D 171 -4.23 -25.39 -32.82
N LYS D 172 -5.28 -26.11 -33.17
CA LYS D 172 -5.44 -27.51 -32.76
C LYS D 172 -5.27 -28.52 -33.91
N ASP D 173 -5.16 -27.98 -35.13
CA ASP D 173 -4.92 -28.77 -36.33
C ASP D 173 -3.70 -29.69 -36.14
N PRO D 174 -3.83 -31.02 -36.39
CA PRO D 174 -2.65 -31.85 -36.13
C PRO D 174 -1.57 -31.77 -37.22
N VAL D 175 -1.97 -31.39 -38.45
CA VAL D 175 -0.99 -31.05 -39.47
C VAL D 175 -0.07 -30.03 -38.85
N PHE D 176 -0.68 -29.04 -38.20
CA PHE D 176 0.04 -27.88 -37.71
C PHE D 176 0.89 -28.13 -36.46
N LEU D 177 0.34 -28.84 -35.47
CA LEU D 177 1.06 -29.13 -34.21
C LEU D 177 2.30 -29.96 -34.46
N ARG D 178 2.21 -30.80 -35.50
CA ARG D 178 3.29 -31.63 -35.92
C ARG D 178 4.48 -30.81 -36.41
N LEU D 179 4.22 -29.77 -37.18
CA LEU D 179 5.29 -28.90 -37.69
C LEU D 179 5.92 -28.13 -36.54
N LEU D 180 5.06 -27.59 -35.68
CA LEU D 180 5.47 -26.90 -34.47
C LEU D 180 6.44 -27.81 -33.73
N ASP D 181 6.02 -29.06 -33.53
CA ASP D 181 6.83 -29.95 -32.75
C ASP D 181 8.20 -30.18 -33.34
N LEU D 182 8.23 -30.51 -34.61
CA LEU D 182 9.47 -30.64 -35.36
C LEU D 182 10.36 -29.38 -35.23
N PHE D 183 9.83 -28.24 -35.63
CA PHE D 183 10.54 -26.99 -35.56
C PHE D 183 11.21 -26.75 -34.24
N PHE D 184 10.43 -26.88 -33.16
CA PHE D 184 10.86 -26.64 -31.77
C PHE D 184 11.88 -27.71 -31.34
N GLN D 185 11.50 -28.97 -31.52
CA GLN D 185 12.31 -30.09 -31.15
C GLN D 185 13.66 -29.97 -31.87
N SER D 186 13.65 -29.49 -33.10
CA SER D 186 14.86 -29.29 -33.89
C SER D 186 15.70 -28.18 -33.34
N PHE D 187 15.11 -26.99 -33.27
CA PHE D 187 15.80 -25.78 -32.85
C PHE D 187 16.48 -25.96 -31.49
N SER D 188 15.96 -26.89 -30.71
CA SER D 188 16.60 -27.17 -29.44
C SER D 188 17.81 -28.09 -29.59
N LEU D 189 17.73 -29.12 -30.45
CA LEU D 189 18.96 -29.89 -30.77
C LEU D 189 20.01 -29.00 -31.47
N ILE D 190 19.56 -28.16 -32.40
CA ILE D 190 20.46 -27.28 -33.13
C ILE D 190 21.40 -26.51 -32.22
N SER D 191 20.88 -26.09 -31.07
CA SER D 191 21.71 -25.32 -30.14
C SER D 191 21.94 -26.04 -28.83
N SER D 192 21.64 -27.33 -28.79
CA SER D 192 22.14 -28.21 -27.74
C SER D 192 23.66 -28.29 -27.71
N PHE D 193 24.16 -29.07 -26.76
CA PHE D 193 25.61 -29.10 -26.50
C PHE D 193 26.41 -29.84 -27.59
N SER D 194 25.96 -31.03 -27.93
CA SER D 194 26.59 -31.86 -28.95
C SER D 194 26.81 -31.15 -30.28
N SER D 195 25.85 -30.30 -30.68
CA SER D 195 25.91 -29.52 -31.95
C SER D 195 26.95 -28.41 -31.97
N GLN D 196 27.47 -28.08 -30.80
CA GLN D 196 28.63 -27.21 -30.68
C GLN D 196 29.88 -28.05 -30.88
N VAL D 197 29.88 -29.27 -30.35
CA VAL D 197 30.98 -30.20 -30.57
C VAL D 197 31.06 -30.43 -32.07
N PHE D 198 29.92 -30.84 -32.63
CA PHE D 198 29.73 -31.02 -34.06
C PHE D 198 30.15 -29.81 -34.87
N GLU D 199 30.05 -28.62 -34.31
CA GLU D 199 30.62 -27.47 -34.97
C GLU D 199 32.14 -27.58 -35.14
N LEU D 200 32.81 -28.28 -34.24
CA LEU D 200 34.28 -28.43 -34.31
C LEU D 200 34.78 -29.54 -35.27
N PHE D 201 34.20 -30.74 -35.09
CA PHE D 201 34.69 -31.95 -35.70
C PHE D 201 33.71 -32.52 -36.70
N SER D 202 33.00 -31.61 -37.36
CA SER D 202 32.01 -31.95 -38.40
C SER D 202 32.51 -33.00 -39.39
N GLY D 203 33.72 -32.78 -39.93
CA GLY D 203 34.42 -33.78 -40.75
C GLY D 203 34.40 -35.21 -40.20
N PHE D 204 34.94 -35.38 -38.99
CA PHE D 204 35.10 -36.65 -38.28
C PHE D 204 33.76 -37.23 -37.80
N LEU D 205 32.86 -36.38 -37.35
CA LEU D 205 31.74 -36.85 -36.59
C LEU D 205 30.51 -37.21 -37.39
N LYS D 206 30.41 -36.70 -38.63
CA LYS D 206 29.21 -36.93 -39.46
C LYS D 206 29.01 -38.39 -39.84
N TYR D 207 30.02 -39.20 -39.54
CA TYR D 207 29.95 -40.64 -39.74
C TYR D 207 29.16 -41.38 -38.66
N PHE D 208 29.42 -41.15 -37.37
CA PHE D 208 28.66 -41.88 -36.30
C PHE D 208 27.25 -41.30 -36.10
N PRO D 209 26.41 -41.94 -35.26
CA PRO D 209 25.11 -41.36 -35.00
C PRO D 209 25.22 -40.13 -34.12
N GLY D 210 24.10 -39.47 -33.89
CA GLY D 210 24.15 -38.19 -33.21
C GLY D 210 22.92 -37.36 -33.46
N THR D 211 22.84 -36.24 -32.73
CA THR D 211 21.70 -35.37 -32.81
C THR D 211 21.55 -34.79 -34.22
N HIS D 212 22.67 -34.39 -34.84
CA HIS D 212 22.69 -33.94 -36.25
C HIS D 212 21.86 -34.76 -37.28
N ARG D 213 21.60 -36.05 -37.00
CA ARG D 213 20.84 -36.90 -37.90
C ARG D 213 19.39 -36.67 -37.70
N GLN D 214 19.00 -36.78 -36.44
CA GLN D 214 17.74 -36.29 -35.96
C GLN D 214 17.38 -34.88 -36.53
N ILE D 215 18.36 -33.97 -36.61
CA ILE D 215 18.11 -32.60 -37.14
C ILE D 215 17.84 -32.69 -38.61
N TYR D 216 18.75 -33.39 -39.29
CA TYR D 216 18.59 -33.68 -40.69
C TYR D 216 17.21 -34.28 -40.92
N ARG D 217 16.87 -35.36 -40.23
CA ARG D 217 15.68 -36.07 -40.52
C ARG D 217 14.50 -35.12 -40.42
N ASN D 218 14.56 -34.23 -39.41
CA ASN D 218 13.42 -33.38 -39.07
C ASN D 218 13.22 -32.32 -40.10
N LEU D 219 14.33 -31.79 -40.58
CA LEU D 219 14.25 -30.70 -41.49
C LEU D 219 13.77 -31.14 -42.86
N GLN D 220 14.20 -32.33 -43.27
CA GLN D 220 13.59 -33.00 -44.42
C GLN D 220 12.08 -33.10 -44.26
N GLU D 221 11.56 -33.54 -43.12
CA GLU D 221 10.12 -33.61 -42.98
C GLU D 221 9.41 -32.30 -43.25
N ILE D 222 10.08 -31.17 -42.98
CA ILE D 222 9.47 -29.86 -43.16
C ILE D 222 9.58 -29.55 -44.64
N ASN D 223 10.77 -29.78 -45.21
CA ASN D 223 10.94 -29.67 -46.64
C ASN D 223 9.88 -30.45 -47.44
N THR D 224 9.57 -31.67 -46.99
CA THR D 224 8.48 -32.41 -47.56
C THR D 224 7.19 -31.60 -47.53
N PHE D 225 6.73 -31.22 -46.34
CA PHE D 225 5.59 -30.33 -46.22
C PHE D 225 5.74 -29.05 -47.06
N ILE D 226 6.92 -28.45 -47.05
CA ILE D 226 7.11 -27.25 -47.84
C ILE D 226 6.85 -27.55 -49.31
N GLY D 227 7.60 -28.53 -49.86
CA GLY D 227 7.42 -29.07 -51.22
C GLY D 227 5.96 -29.37 -51.56
N GLN D 228 5.31 -30.12 -50.69
CA GLN D 228 3.96 -30.54 -50.99
C GLN D 228 2.93 -29.39 -51.11
N SER D 229 3.38 -28.16 -50.86
CA SER D 229 2.51 -26.97 -50.80
C SER D 229 2.83 -26.06 -51.98
N VAL D 230 4.11 -26.02 -52.32
CA VAL D 230 4.53 -25.50 -53.60
C VAL D 230 3.74 -26.18 -54.73
N GLU D 231 3.63 -27.51 -54.69
CA GLU D 231 2.79 -28.22 -55.65
C GLU D 231 1.40 -27.65 -55.70
N LYS D 232 0.65 -27.69 -54.60
CA LYS D 232 -0.71 -27.10 -54.55
C LYS D 232 -0.75 -25.68 -55.08
N HIS D 233 0.30 -24.93 -54.83
CA HIS D 233 0.27 -23.55 -55.19
C HIS D 233 0.33 -23.45 -56.69
N ARG D 234 1.27 -24.17 -57.28
CA ARG D 234 1.50 -24.19 -58.70
C ARG D 234 0.29 -24.68 -59.47
N ALA D 235 -0.35 -25.75 -58.99
CA ALA D 235 -1.61 -26.24 -59.58
C ALA D 235 -2.69 -25.15 -59.68
N THR D 236 -2.99 -24.57 -58.52
CA THR D 236 -4.10 -23.64 -58.35
C THR D 236 -3.71 -22.16 -58.65
N LEU D 237 -2.49 -21.91 -59.11
CA LEU D 237 -1.99 -20.53 -59.38
C LEU D 237 -2.84 -19.70 -60.37
N ASP D 238 -2.57 -18.40 -60.46
CA ASP D 238 -3.35 -17.47 -61.30
C ASP D 238 -2.35 -16.31 -61.37
N PRO D 239 -2.11 -15.82 -62.60
CA PRO D 239 -1.02 -14.88 -62.86
C PRO D 239 -1.57 -13.49 -62.56
N SER D 240 -2.88 -13.30 -62.77
CA SER D 240 -3.58 -12.03 -62.45
C SER D 240 -3.55 -11.64 -60.96
N ASN D 241 -3.88 -12.55 -60.04
CA ASN D 241 -3.85 -12.22 -58.59
C ASN D 241 -3.09 -13.14 -57.65
N PRO D 242 -1.75 -12.99 -57.62
CA PRO D 242 -0.78 -13.70 -56.77
C PRO D 242 -1.19 -13.71 -55.31
N ARG D 243 -1.37 -14.88 -54.71
CA ARG D 243 -1.84 -15.00 -53.30
C ARG D 243 -0.79 -14.60 -52.25
N ASP D 244 0.47 -15.00 -52.40
CA ASP D 244 1.45 -14.93 -51.32
C ASP D 244 2.87 -15.20 -51.82
N PHE D 245 3.83 -15.36 -50.91
CA PHE D 245 5.24 -15.54 -51.26
C PHE D 245 5.51 -16.60 -52.32
N ILE D 246 5.01 -17.80 -52.11
CA ILE D 246 5.19 -18.87 -53.07
C ILE D 246 4.74 -18.45 -54.47
N ASP D 247 3.48 -18.02 -54.57
CA ASP D 247 2.89 -17.66 -55.85
C ASP D 247 3.70 -16.59 -56.54
N VAL D 248 4.42 -15.76 -55.80
CA VAL D 248 5.13 -14.64 -56.42
C VAL D 248 6.42 -15.11 -56.94
N TYR D 249 7.02 -16.04 -56.23
CA TYR D 249 8.22 -16.68 -56.70
C TYR D 249 7.88 -17.45 -57.93
N LEU D 250 6.84 -18.27 -57.87
CA LEU D 250 6.39 -18.98 -59.07
C LEU D 250 6.24 -18.05 -60.29
N LEU D 251 5.54 -16.91 -60.16
CA LEU D 251 5.40 -15.90 -61.23
C LEU D 251 6.73 -15.35 -61.73
N ARG D 252 7.65 -15.10 -60.80
CA ARG D 252 9.01 -14.72 -61.13
C ARG D 252 9.72 -15.77 -61.94
N MET D 253 9.50 -17.04 -61.65
CA MET D 253 10.04 -18.10 -62.48
C MET D 253 9.63 -18.00 -63.98
N GLU D 254 8.35 -17.82 -64.23
CA GLU D 254 7.82 -17.57 -65.57
C GLU D 254 8.53 -16.37 -66.27
N LYS D 255 8.61 -15.24 -65.60
CA LYS D 255 9.29 -14.06 -66.13
C LYS D 255 10.76 -14.31 -66.38
N ASP D 256 11.30 -15.36 -65.77
CA ASP D 256 12.74 -15.66 -65.87
C ASP D 256 13.11 -16.90 -66.75
N LYS D 257 12.25 -17.19 -67.73
CA LYS D 257 12.42 -18.33 -68.62
C LYS D 257 13.58 -18.21 -69.62
N SER D 258 13.85 -16.98 -70.03
CA SER D 258 14.94 -16.72 -70.93
C SER D 258 16.15 -16.31 -70.13
N ASP D 259 16.12 -16.49 -68.81
CA ASP D 259 17.28 -16.15 -68.00
C ASP D 259 18.02 -17.33 -67.41
N PRO D 260 19.21 -17.60 -67.99
CA PRO D 260 20.04 -18.71 -67.60
C PRO D 260 20.73 -18.46 -66.30
N SER D 261 20.94 -17.20 -65.95
CA SER D 261 21.63 -16.90 -64.70
C SER D 261 20.66 -16.69 -63.53
N SER D 262 19.35 -16.70 -63.84
CA SER D 262 18.29 -16.64 -62.81
C SER D 262 18.52 -17.62 -61.67
N GLU D 263 18.40 -17.09 -60.47
CA GLU D 263 18.53 -17.87 -59.27
C GLU D 263 17.19 -18.37 -58.71
N PHE D 264 16.11 -18.05 -59.38
CA PHE D 264 14.83 -18.42 -58.88
C PHE D 264 14.39 -19.78 -59.33
N HIS D 265 15.02 -20.78 -58.72
CA HIS D 265 14.69 -22.19 -59.01
C HIS D 265 14.21 -22.97 -57.81
N HIS D 266 13.62 -24.12 -58.07
CA HIS D 266 13.06 -24.95 -57.03
C HIS D 266 13.97 -25.25 -55.81
N GLN D 267 15.30 -25.18 -55.91
CA GLN D 267 16.07 -25.37 -54.69
C GLN D 267 15.99 -24.19 -53.77
N ASN D 268 16.35 -23.00 -54.25
CA ASN D 268 16.18 -21.78 -53.48
C ASN D 268 14.74 -21.58 -53.01
N LEU D 269 13.74 -21.84 -53.82
CA LEU D 269 12.41 -21.61 -53.31
C LEU D 269 12.13 -22.46 -52.04
N ILE D 270 12.44 -23.74 -52.10
CA ILE D 270 12.17 -24.62 -50.97
C ILE D 270 13.00 -24.16 -49.82
N LEU D 271 14.27 -23.87 -50.03
CA LEU D 271 15.09 -23.63 -48.87
C LEU D 271 14.99 -22.19 -48.32
N THR D 272 14.39 -21.30 -49.11
CA THR D 272 14.07 -19.95 -48.64
C THR D 272 12.86 -20.09 -47.76
N VAL D 273 11.81 -20.75 -48.24
CA VAL D 273 10.69 -20.97 -47.36
C VAL D 273 11.08 -21.68 -46.07
N LEU D 274 11.97 -22.68 -46.12
CA LEU D 274 12.49 -23.27 -44.90
C LEU D 274 13.14 -22.22 -44.03
N SER D 275 14.01 -21.37 -44.57
CA SER D 275 14.66 -20.29 -43.79
C SER D 275 13.61 -19.37 -43.16
N LEU D 276 12.69 -18.88 -43.97
CA LEU D 276 11.72 -17.93 -43.46
C LEU D 276 10.77 -18.54 -42.46
N PHE D 277 10.50 -19.83 -42.62
CA PHE D 277 9.46 -20.49 -41.83
C PHE D 277 10.09 -20.76 -40.51
N PHE D 278 11.40 -20.86 -40.50
CA PHE D 278 12.11 -21.21 -39.31
C PHE D 278 12.44 -19.99 -38.49
N ALA D 279 13.34 -19.16 -39.03
CA ALA D 279 13.72 -17.83 -38.52
C ALA D 279 12.51 -17.05 -37.99
N GLY D 280 11.51 -16.94 -38.85
CA GLY D 280 10.18 -16.54 -38.45
C GLY D 280 9.74 -17.07 -37.12
N THR D 281 9.52 -18.38 -37.08
CA THR D 281 9.03 -19.11 -35.89
C THR D 281 9.91 -19.02 -34.67
N GLU D 282 11.13 -19.53 -34.71
CA GLU D 282 11.85 -19.81 -33.44
C GLU D 282 12.32 -18.56 -32.67
N THR D 283 12.50 -17.39 -33.29
CA THR D 283 13.10 -16.31 -32.47
C THR D 283 12.07 -15.36 -31.86
N THR D 284 11.15 -14.88 -32.68
CA THR D 284 10.06 -14.08 -32.16
C THR D 284 9.24 -14.83 -31.10
N SER D 285 9.21 -16.16 -31.18
CA SER D 285 8.56 -16.94 -30.15
C SER D 285 9.28 -16.90 -28.82
N THR D 286 10.50 -17.42 -28.77
CA THR D 286 11.20 -17.48 -27.50
C THR D 286 11.39 -16.10 -26.88
N THR D 287 11.32 -15.04 -27.69
CA THR D 287 11.55 -13.70 -27.13
C THR D 287 10.40 -13.34 -26.27
N LEU D 288 9.21 -13.50 -26.87
CA LEU D 288 7.95 -13.42 -26.16
C LEU D 288 7.96 -14.23 -24.88
N ARG D 289 8.29 -15.51 -25.00
CA ARG D 289 8.40 -16.39 -23.85
C ARG D 289 9.24 -15.84 -22.75
N TYR D 290 10.39 -15.34 -23.11
CA TYR D 290 11.28 -14.78 -22.13
C TYR D 290 10.78 -13.50 -21.57
N GLY D 291 10.27 -12.63 -22.42
CA GLY D 291 9.56 -11.43 -22.03
C GLY D 291 8.57 -11.75 -20.90
N PHE D 292 7.70 -12.75 -21.07
CA PHE D 292 6.77 -13.02 -19.97
C PHE D 292 7.35 -13.58 -18.69
N LEU D 293 8.51 -14.21 -18.79
CA LEU D 293 9.25 -14.62 -17.63
C LEU D 293 9.69 -13.36 -16.94
N LEU D 294 10.41 -12.45 -17.58
CA LEU D 294 10.73 -11.14 -16.96
C LEU D 294 9.55 -10.38 -16.38
N MET D 295 8.46 -10.33 -17.11
CA MET D 295 7.23 -9.71 -16.62
C MET D 295 6.85 -10.33 -15.36
N LEU D 296 7.10 -11.63 -15.17
CA LEU D 296 6.67 -12.34 -13.97
C LEU D 296 7.62 -12.04 -12.82
N LYS D 297 8.91 -11.88 -13.14
CA LYS D 297 9.90 -11.47 -12.15
C LYS D 297 9.73 -9.98 -11.71
N TYR D 298 9.04 -9.16 -12.51
CA TYR D 298 9.00 -7.68 -12.34
C TYR D 298 7.58 -7.08 -12.50
N PRO D 299 6.72 -7.37 -11.52
CA PRO D 299 5.36 -7.01 -11.70
C PRO D 299 5.26 -5.50 -11.73
N HIS D 300 6.19 -4.80 -11.07
CA HIS D 300 6.14 -3.36 -11.12
C HIS D 300 6.24 -2.95 -12.62
N VAL D 301 7.22 -3.47 -13.35
CA VAL D 301 7.25 -3.24 -14.76
C VAL D 301 5.95 -3.66 -15.50
N THR D 302 5.46 -4.89 -15.33
CA THR D 302 4.19 -5.18 -16.00
C THR D 302 3.10 -4.09 -15.80
N GLU D 303 2.98 -3.58 -14.55
CA GLU D 303 1.98 -2.53 -14.18
C GLU D 303 2.24 -1.26 -14.95
N ARG D 304 3.49 -0.84 -15.07
CA ARG D 304 3.71 0.41 -15.77
C ARG D 304 3.40 0.17 -17.23
N VAL D 305 3.70 -0.98 -17.81
CA VAL D 305 3.33 -1.19 -19.21
C VAL D 305 1.80 -1.15 -19.36
N GLN D 306 1.10 -1.76 -18.41
CA GLN D 306 -0.33 -1.86 -18.49
C GLN D 306 -0.99 -0.51 -18.34
N LYS D 307 -0.42 0.38 -17.55
CA LYS D 307 -1.05 1.66 -17.38
C LYS D 307 -0.81 2.48 -18.64
N GLU D 308 0.36 2.29 -19.26
CA GLU D 308 0.73 3.02 -20.42
C GLU D 308 -0.17 2.55 -21.52
N ILE D 309 -0.62 1.29 -21.44
CA ILE D 309 -1.51 0.78 -22.48
C ILE D 309 -2.79 1.49 -22.27
N GLU D 310 -3.28 1.47 -21.05
CA GLU D 310 -4.51 2.19 -20.70
C GLU D 310 -4.54 3.64 -21.21
N GLN D 311 -3.47 4.41 -20.98
CA GLN D 311 -3.50 5.83 -21.30
C GLN D 311 -3.58 6.04 -22.76
N VAL D 312 -2.72 5.34 -23.51
CA VAL D 312 -2.59 5.62 -24.94
C VAL D 312 -3.61 4.82 -25.72
N ILE D 313 -3.69 3.51 -25.49
CA ILE D 313 -4.56 2.66 -26.29
C ILE D 313 -5.94 2.61 -25.73
N GLY D 314 -6.07 2.29 -24.44
CA GLY D 314 -7.40 2.16 -23.83
C GLY D 314 -7.80 0.72 -23.81
N SER D 315 -9.01 0.44 -23.38
CA SER D 315 -9.31 -0.95 -23.13
C SER D 315 -10.24 -1.51 -24.17
N HIS D 316 -10.74 -0.66 -25.05
CA HIS D 316 -11.74 -1.09 -26.02
C HIS D 316 -11.31 -1.18 -27.50
N ARG D 317 -10.04 -1.02 -27.84
CA ARG D 317 -9.61 -1.16 -29.25
C ARG D 317 -8.31 -1.91 -29.35
N PRO D 318 -8.12 -2.70 -30.41
CA PRO D 318 -6.86 -3.39 -30.54
C PRO D 318 -5.60 -2.46 -30.65
N PRO D 319 -4.49 -2.86 -30.01
CA PRO D 319 -3.30 -2.09 -30.24
C PRO D 319 -2.92 -2.09 -31.69
N ALA D 320 -2.42 -0.95 -32.14
CA ALA D 320 -2.05 -0.73 -33.52
C ALA D 320 -0.61 -0.34 -33.48
N LEU D 321 0.11 -0.47 -34.58
CA LEU D 321 1.53 -0.34 -34.49
C LEU D 321 1.94 1.11 -34.26
N ASP D 322 1.09 2.07 -34.50
CA ASP D 322 1.67 3.39 -34.29
C ASP D 322 1.39 3.87 -32.89
N ASP D 323 0.91 2.95 -32.08
CA ASP D 323 0.84 3.22 -30.69
C ASP D 323 2.25 3.16 -30.11
N ARG D 324 3.16 2.44 -30.74
CA ARG D 324 4.50 2.31 -30.19
C ARG D 324 5.21 3.65 -29.94
N ALA D 325 4.90 4.62 -30.78
CA ALA D 325 5.66 5.82 -30.80
C ALA D 325 5.19 6.67 -29.67
N LYS D 326 3.91 6.57 -29.31
CA LYS D 326 3.37 7.25 -28.13
C LYS D 326 3.48 6.41 -26.81
N MET D 327 4.34 5.38 -26.80
CA MET D 327 4.40 4.44 -25.73
C MET D 327 5.85 4.14 -25.46
N PRO D 328 6.62 5.14 -25.07
CA PRO D 328 8.05 4.89 -25.00
C PRO D 328 8.46 3.90 -23.93
N TYR D 329 7.60 3.70 -22.93
CA TYR D 329 7.95 2.83 -21.80
C TYR D 329 7.92 1.39 -22.25
N THR D 330 6.80 1.01 -22.84
CA THR D 330 6.62 -0.33 -23.33
C THR D 330 7.67 -0.61 -24.37
N ASP D 331 7.85 0.36 -25.28
CA ASP D 331 8.87 0.29 -26.28
C ASP D 331 10.22 0.01 -25.62
N ALA D 332 10.53 0.72 -24.53
CA ALA D 332 11.75 0.41 -23.73
C ALA D 332 11.73 -0.98 -23.16
N VAL D 333 10.65 -1.36 -22.48
CA VAL D 333 10.60 -2.70 -21.90
C VAL D 333 10.93 -3.72 -23.00
N ILE D 334 10.28 -3.63 -24.15
CA ILE D 334 10.62 -4.52 -25.30
C ILE D 334 12.13 -4.53 -25.65
N HIS D 335 12.72 -3.35 -25.87
CA HIS D 335 14.19 -3.33 -26.11
C HIS D 335 14.90 -4.14 -25.08
N GLU D 336 14.52 -3.91 -23.83
CA GLU D 336 15.28 -4.45 -22.76
C GLU D 336 15.07 -5.96 -22.59
N ILE D 337 13.90 -6.48 -22.98
CA ILE D 337 13.72 -7.92 -23.05
C ILE D 337 14.64 -8.51 -24.13
N GLN D 338 14.70 -7.86 -25.31
CA GLN D 338 15.57 -8.29 -26.41
C GLN D 338 17.02 -8.26 -26.00
N ARG D 339 17.43 -7.22 -25.29
CA ARG D 339 18.83 -7.11 -24.92
C ARG D 339 19.26 -8.20 -23.91
N LEU D 340 18.46 -8.42 -22.89
CA LEU D 340 18.88 -9.32 -21.83
C LEU D 340 18.59 -10.72 -22.30
N GLY D 341 17.66 -10.79 -23.23
CA GLY D 341 17.12 -12.07 -23.66
C GLY D 341 18.22 -12.75 -24.37
N ASP D 342 18.72 -12.03 -25.38
CA ASP D 342 20.02 -12.29 -26.00
C ASP D 342 19.95 -13.58 -26.75
N LEU D 343 19.03 -13.67 -27.70
CA LEU D 343 18.64 -14.95 -28.23
C LEU D 343 19.56 -15.53 -29.33
N ILE D 344 20.43 -14.70 -29.90
CA ILE D 344 21.52 -15.21 -30.74
C ILE D 344 22.91 -14.76 -30.28
N PRO D 345 23.47 -15.45 -29.26
CA PRO D 345 24.70 -15.10 -28.56
C PRO D 345 25.93 -14.92 -29.42
N PHE D 346 26.15 -15.69 -30.48
CA PHE D 346 27.34 -15.37 -31.27
C PHE D 346 27.08 -15.09 -32.73
N GLY D 347 25.88 -14.63 -33.02
CA GLY D 347 25.56 -14.19 -34.38
C GLY D 347 25.33 -15.39 -35.27
N VAL D 348 24.90 -15.16 -36.49
CA VAL D 348 24.99 -16.22 -37.48
C VAL D 348 26.32 -15.87 -38.12
N PRO D 349 27.15 -16.90 -38.48
CA PRO D 349 28.52 -16.64 -38.82
C PRO D 349 28.66 -16.04 -40.20
N HIS D 350 29.61 -15.13 -40.32
CA HIS D 350 29.88 -14.35 -41.49
C HIS D 350 31.18 -14.92 -42.05
N THR D 351 31.49 -14.60 -43.30
CA THR D 351 32.83 -14.86 -43.87
C THR D 351 33.21 -13.57 -44.59
N VAL D 352 34.50 -13.30 -44.75
CA VAL D 352 34.88 -12.07 -45.50
C VAL D 352 34.88 -12.34 -47.00
N THR D 353 34.44 -11.36 -47.79
CA THR D 353 34.23 -11.63 -49.20
C THR D 353 35.45 -11.33 -50.05
N LYS D 354 36.41 -10.62 -49.49
CA LYS D 354 37.68 -10.46 -50.16
C LYS D 354 38.76 -10.52 -49.07
N ASP D 355 40.00 -10.29 -49.46
CA ASP D 355 41.07 -10.11 -48.48
C ASP D 355 40.91 -8.84 -47.69
N THR D 356 40.78 -8.98 -46.37
CA THR D 356 40.41 -7.81 -45.61
C THR D 356 41.44 -7.35 -44.62
N GLN D 357 41.67 -6.05 -44.67
CA GLN D 357 42.60 -5.36 -43.80
C GLN D 357 41.79 -4.77 -42.65
N PHE D 358 42.05 -5.23 -41.41
CA PHE D 358 41.16 -4.87 -40.29
C PHE D 358 41.87 -4.63 -38.97
N ARG D 359 41.99 -3.35 -38.61
CA ARG D 359 42.78 -2.97 -37.45
C ARG D 359 44.20 -3.44 -37.68
N GLY D 360 44.70 -3.18 -38.89
CA GLY D 360 45.99 -3.68 -39.34
C GLY D 360 46.21 -5.18 -39.21
N TYR D 361 45.18 -5.97 -39.49
CA TYR D 361 45.35 -7.40 -39.57
C TYR D 361 44.91 -7.77 -40.97
N VAL D 362 45.39 -8.91 -41.46
CA VAL D 362 44.86 -9.38 -42.72
C VAL D 362 43.98 -10.61 -42.52
N ILE D 363 42.73 -10.47 -42.93
CA ILE D 363 41.78 -11.57 -42.94
C ILE D 363 41.61 -12.07 -44.37
N PRO D 364 42.17 -13.27 -44.62
CA PRO D 364 42.16 -13.82 -45.97
C PRO D 364 40.75 -14.16 -46.39
N LYS D 365 40.48 -14.04 -47.68
CA LYS D 365 39.17 -14.38 -48.25
C LYS D 365 38.51 -15.68 -47.71
N ASN D 366 37.23 -15.57 -47.33
CA ASN D 366 36.34 -16.70 -46.93
C ASN D 366 36.61 -17.29 -45.56
N THR D 367 37.52 -16.64 -44.84
CA THR D 367 37.70 -16.93 -43.44
C THR D 367 36.42 -16.51 -42.74
N GLU D 368 35.99 -17.39 -41.84
CA GLU D 368 34.84 -17.15 -41.01
C GLU D 368 35.05 -15.99 -39.99
N VAL D 369 34.00 -15.22 -39.76
CA VAL D 369 33.97 -14.17 -38.72
C VAL D 369 32.76 -14.45 -37.88
N PHE D 370 32.92 -14.38 -36.55
CA PHE D 370 31.86 -14.63 -35.57
C PHE D 370 31.48 -13.38 -34.76
N PRO D 371 30.61 -12.46 -35.27
CA PRO D 371 30.34 -11.25 -34.47
C PRO D 371 29.55 -11.62 -33.21
N VAL D 372 30.16 -11.51 -32.03
CA VAL D 372 29.53 -12.10 -30.84
C VAL D 372 28.51 -11.08 -30.30
N LEU D 373 27.28 -11.16 -30.77
CA LEU D 373 26.34 -10.10 -30.50
C LEU D 373 26.15 -9.92 -29.03
N SER D 374 26.20 -11.02 -28.26
CA SER D 374 25.92 -10.94 -26.85
C SER D 374 26.90 -10.02 -26.20
N SER D 375 28.14 -10.03 -26.67
CA SER D 375 29.14 -9.18 -26.07
C SER D 375 28.93 -7.71 -26.36
N ALA D 376 28.05 -7.36 -27.30
CA ALA D 376 27.62 -5.97 -27.51
C ALA D 376 26.40 -5.65 -26.66
N LEU D 377 25.43 -6.57 -26.64
CA LEU D 377 24.21 -6.39 -25.85
C LEU D 377 24.50 -6.37 -24.37
N HIS D 378 25.60 -6.96 -23.92
CA HIS D 378 26.05 -6.86 -22.52
C HIS D 378 27.31 -5.99 -22.35
N ASP D 379 27.65 -5.19 -23.34
CA ASP D 379 28.88 -4.38 -23.33
C ASP D 379 28.84 -3.21 -22.29
N PRO D 380 29.64 -3.32 -21.21
CA PRO D 380 29.64 -2.31 -20.14
C PRO D 380 29.91 -0.89 -20.65
N ARG D 381 30.70 -0.77 -21.70
CA ARG D 381 30.98 0.55 -22.25
C ARG D 381 29.72 1.26 -22.78
N TYR D 382 28.58 0.55 -22.75
CA TYR D 382 27.32 1.07 -23.29
C TYR D 382 26.12 0.81 -22.40
N PHE D 383 26.18 -0.22 -21.57
CA PHE D 383 25.14 -0.46 -20.60
C PHE D 383 25.72 -0.55 -19.20
N GLU D 384 25.14 0.22 -18.28
CA GLU D 384 25.39 0.02 -16.86
C GLU D 384 24.93 -1.37 -16.41
N THR D 385 25.63 -1.95 -15.44
CA THR D 385 25.13 -3.10 -14.60
C THR D 385 24.35 -4.14 -15.53
N PRO D 386 25.05 -4.53 -16.58
CA PRO D 386 24.38 -5.02 -17.81
C PRO D 386 23.73 -6.37 -17.70
N ASN D 387 23.85 -6.99 -16.56
CA ASN D 387 23.27 -8.29 -16.38
C ASN D 387 21.92 -8.25 -15.70
N THR D 388 21.43 -7.04 -15.53
CA THR D 388 20.18 -6.83 -14.80
C THR D 388 19.20 -6.23 -15.74
N PHE D 389 17.97 -6.68 -15.60
CA PHE D 389 16.89 -6.09 -16.32
C PHE D 389 16.67 -4.64 -15.87
N ASN D 390 16.74 -3.71 -16.81
CA ASN D 390 16.34 -2.36 -16.51
C ASN D 390 15.90 -1.64 -17.76
N PRO D 391 14.59 -1.36 -17.89
CA PRO D 391 14.07 -0.68 -19.03
C PRO D 391 14.71 0.65 -19.11
N GLY D 392 15.24 1.10 -17.99
CA GLY D 392 15.86 2.43 -17.93
C GLY D 392 17.06 2.71 -18.83
N HIS D 393 17.72 1.65 -19.27
CA HIS D 393 18.75 1.74 -20.27
C HIS D 393 18.27 2.34 -21.56
N PHE D 394 16.96 2.34 -21.82
CA PHE D 394 16.47 2.92 -23.07
C PHE D 394 15.57 4.16 -22.91
N LEU D 395 15.72 4.87 -21.78
CA LEU D 395 14.83 5.98 -21.49
C LEU D 395 15.65 7.11 -20.95
N ASP D 396 15.35 8.34 -21.32
CA ASP D 396 16.15 9.42 -20.80
C ASP D 396 15.38 10.04 -19.60
N ALA D 397 15.78 11.23 -19.16
CA ALA D 397 15.26 11.78 -17.94
C ALA D 397 13.78 12.06 -18.04
N ASN D 398 13.33 12.35 -19.26
CA ASN D 398 11.95 12.70 -19.49
C ASN D 398 11.06 11.53 -19.83
N GLY D 399 11.64 10.34 -19.87
CA GLY D 399 10.86 9.15 -20.16
C GLY D 399 10.62 8.87 -21.64
N ALA D 400 11.32 9.65 -22.50
CA ALA D 400 11.43 9.45 -23.93
C ALA D 400 12.33 8.27 -24.20
N LEU D 401 12.15 7.66 -25.36
CA LEU D 401 12.93 6.50 -25.66
C LEU D 401 14.32 7.00 -26.00
N LYS D 402 15.35 6.26 -25.62
CA LYS D 402 16.72 6.73 -25.84
C LYS D 402 17.54 5.69 -26.57
N ARG D 403 17.97 6.03 -27.79
CA ARG D 403 18.74 5.12 -28.66
C ARG D 403 20.02 4.71 -28.01
N ASN D 404 20.53 3.53 -28.35
CA ASN D 404 21.75 3.03 -27.77
C ASN D 404 22.55 2.18 -28.76
N GLU D 405 23.84 2.47 -28.91
CA GLU D 405 24.64 1.82 -29.95
C GLU D 405 24.88 0.40 -29.67
N GLY D 406 24.91 0.01 -28.41
CA GLY D 406 25.21 -1.37 -28.08
C GLY D 406 24.05 -2.29 -28.36
N PHE D 407 22.89 -1.69 -28.68
CA PHE D 407 21.67 -2.43 -29.03
C PHE D 407 21.60 -2.83 -30.49
N MET D 408 22.00 -4.07 -30.76
CA MET D 408 22.05 -4.65 -32.12
C MET D 408 21.56 -6.12 -32.05
N PRO D 409 20.35 -6.36 -31.50
CA PRO D 409 20.03 -7.76 -31.23
C PRO D 409 19.61 -8.51 -32.52
N PHE D 410 19.47 -7.72 -33.62
CA PHE D 410 19.17 -8.18 -34.97
C PHE D 410 20.42 -8.09 -35.81
N SER D 411 21.55 -7.77 -35.19
CA SER D 411 22.81 -7.55 -35.90
C SER D 411 22.82 -6.30 -36.79
N LEU D 412 23.81 -6.22 -37.68
CA LEU D 412 24.11 -5.00 -38.39
C LEU D 412 24.62 -5.21 -39.76
N GLY D 413 24.56 -4.15 -40.57
CA GLY D 413 25.27 -4.16 -41.85
C GLY D 413 24.43 -4.80 -42.94
N LYS D 414 25.08 -5.50 -43.85
CA LYS D 414 24.42 -5.90 -45.07
C LYS D 414 23.66 -7.21 -44.90
N ARG D 415 24.02 -7.91 -43.83
CA ARG D 415 23.37 -9.17 -43.44
C ARG D 415 22.29 -9.03 -42.34
N ILE D 416 21.79 -7.82 -42.13
CA ILE D 416 20.96 -7.52 -40.97
C ILE D 416 19.66 -8.28 -41.14
N CYS D 417 19.08 -8.67 -40.01
CA CYS D 417 17.87 -9.47 -40.05
C CYS D 417 16.93 -8.83 -41.07
N LEU D 418 16.50 -9.68 -41.99
CA LEU D 418 15.53 -9.33 -43.01
C LEU D 418 14.13 -9.16 -42.47
N GLY D 419 13.88 -9.83 -41.35
CA GLY D 419 12.55 -9.86 -40.78
C GLY D 419 12.48 -8.78 -39.71
N GLU D 420 13.54 -7.95 -39.56
CA GLU D 420 13.58 -6.94 -38.46
C GLU D 420 12.23 -6.30 -38.23
N GLY D 421 11.65 -5.70 -39.26
CA GLY D 421 10.34 -5.07 -39.17
C GLY D 421 9.21 -5.98 -38.73
N ILE D 422 9.21 -7.22 -39.22
CA ILE D 422 8.17 -8.19 -38.83
C ILE D 422 8.34 -8.60 -37.36
N ALA D 423 9.56 -8.97 -36.97
CA ALA D 423 9.75 -9.39 -35.60
C ALA D 423 9.31 -8.29 -34.62
N ARG D 424 9.74 -7.05 -34.86
CA ARG D 424 9.47 -5.96 -33.95
C ARG D 424 7.99 -5.71 -33.83
N THR D 425 7.30 -5.76 -34.97
CA THR D 425 5.87 -5.57 -35.01
C THR D 425 5.18 -6.68 -34.28
N GLU D 426 5.65 -7.91 -34.39
CA GLU D 426 5.08 -9.02 -33.59
C GLU D 426 5.26 -8.69 -32.09
N LEU D 427 6.52 -8.49 -31.67
CA LEU D 427 6.80 -8.22 -30.26
C LEU D 427 5.88 -7.17 -29.70
N PHE D 428 5.71 -6.09 -30.47
CA PHE D 428 4.92 -4.99 -29.95
C PHE D 428 3.44 -5.30 -29.90
N LEU D 429 2.89 -5.94 -30.90
CA LEU D 429 1.45 -6.11 -30.85
C LEU D 429 1.06 -7.29 -29.98
N PHE D 430 1.89 -8.34 -30.03
CA PHE D 430 1.63 -9.47 -29.12
C PHE D 430 1.70 -9.13 -27.61
N PHE D 431 2.78 -8.44 -27.24
CA PHE D 431 2.99 -8.04 -25.91
CA PHE D 431 2.95 -8.04 -25.90
C PHE D 431 1.94 -7.08 -25.46
N THR D 432 1.56 -6.06 -26.25
CA THR D 432 0.57 -5.14 -25.75
C THR D 432 -0.81 -5.71 -25.89
N THR D 433 -1.06 -6.72 -26.72
CA THR D 433 -2.45 -7.19 -26.84
C THR D 433 -2.76 -8.19 -25.71
N ILE D 434 -1.83 -9.13 -25.46
CA ILE D 434 -1.89 -9.95 -24.26
C ILE D 434 -2.02 -9.04 -23.04
N LEU D 435 -1.15 -8.03 -22.94
CA LEU D 435 -1.15 -7.22 -21.71
C LEU D 435 -2.39 -6.38 -21.52
N GLN D 436 -3.00 -5.94 -22.61
CA GLN D 436 -4.23 -5.18 -22.58
C GLN D 436 -5.44 -6.01 -22.12
N ASN D 437 -5.38 -7.34 -22.23
CA ASN D 437 -6.56 -8.17 -22.00
C ASN D 437 -6.32 -9.14 -20.89
N PHE D 438 -5.09 -9.29 -20.43
CA PHE D 438 -4.87 -10.25 -19.36
C PHE D 438 -3.97 -9.78 -18.28
N SER D 439 -4.18 -10.29 -17.09
CA SER D 439 -3.20 -10.08 -16.08
C SER D 439 -2.53 -11.42 -15.81
N ILE D 440 -1.28 -11.39 -15.40
CA ILE D 440 -0.53 -12.63 -15.37
C ILE D 440 -0.03 -12.95 -13.99
N ALA D 441 0.18 -14.23 -13.71
CA ALA D 441 0.58 -14.74 -12.39
C ALA D 441 1.27 -16.08 -12.56
N SER D 442 2.26 -16.39 -11.74
CA SER D 442 2.74 -17.76 -11.64
C SER D 442 2.72 -18.20 -10.17
N PRO D 443 2.72 -19.51 -9.90
CA PRO D 443 3.03 -20.05 -8.56
C PRO D 443 4.37 -19.55 -7.93
N VAL D 444 5.44 -19.47 -8.75
CA VAL D 444 6.75 -19.00 -8.32
C VAL D 444 6.80 -17.50 -7.98
N PRO D 445 7.31 -17.16 -6.79
CA PRO D 445 7.48 -15.77 -6.36
C PRO D 445 8.56 -15.04 -7.15
N PRO D 446 8.35 -13.73 -7.44
CA PRO D 446 9.25 -12.92 -8.26
C PRO D 446 10.74 -13.12 -8.01
N GLU D 447 11.09 -13.51 -6.80
CA GLU D 447 12.50 -13.55 -6.40
C GLU D 447 13.12 -14.92 -6.57
N ASP D 448 12.35 -15.85 -7.14
CA ASP D 448 12.81 -17.20 -7.33
C ASP D 448 12.78 -17.61 -8.78
N ILE D 449 12.16 -16.77 -9.59
CA ILE D 449 12.25 -16.90 -11.03
C ILE D 449 13.73 -16.92 -11.46
N ASP D 450 14.17 -18.02 -12.06
CA ASP D 450 15.47 -18.05 -12.72
C ASP D 450 15.39 -17.66 -14.22
N LEU D 451 16.35 -16.87 -14.68
CA LEU D 451 16.38 -16.48 -16.07
C LEU D 451 17.36 -17.29 -16.92
N THR D 452 18.20 -18.06 -16.23
CA THR D 452 19.19 -18.98 -16.78
C THR D 452 18.62 -19.93 -17.84
N PRO D 453 19.10 -19.79 -19.09
CA PRO D 453 18.69 -20.50 -20.29
C PRO D 453 18.68 -22.01 -20.10
N ARG D 454 17.64 -22.67 -20.63
CA ARG D 454 17.59 -24.15 -20.61
C ARG D 454 18.61 -24.72 -21.58
N GLU D 455 18.94 -23.94 -22.62
CA GLU D 455 20.04 -24.30 -23.51
C GLU D 455 20.70 -23.09 -24.11
N SER D 456 21.98 -22.95 -23.83
CA SER D 456 22.76 -21.92 -24.48
C SER D 456 23.64 -22.57 -25.56
N GLY D 457 23.26 -22.31 -26.81
CA GLY D 457 24.02 -22.76 -27.98
C GLY D 457 24.06 -21.63 -29.00
N VAL D 458 23.89 -21.98 -30.28
CA VAL D 458 23.82 -20.95 -31.35
C VAL D 458 22.61 -20.03 -31.11
N GLY D 459 21.58 -20.58 -30.49
CA GLY D 459 20.52 -19.82 -29.85
C GLY D 459 20.47 -20.06 -28.35
N ASN D 460 19.87 -19.11 -27.63
CA ASN D 460 19.49 -19.25 -26.23
C ASN D 460 18.04 -19.62 -26.09
N VAL D 461 17.77 -20.62 -25.26
CA VAL D 461 16.41 -21.07 -25.08
C VAL D 461 16.03 -20.97 -23.62
N PRO D 462 14.98 -20.18 -23.31
CA PRO D 462 14.56 -19.97 -21.91
C PRO D 462 14.09 -21.25 -21.24
N PRO D 463 14.19 -21.32 -19.91
CA PRO D 463 13.66 -22.48 -19.22
C PRO D 463 12.17 -22.51 -19.43
N SER D 464 11.58 -23.68 -19.34
CA SER D 464 10.16 -23.72 -19.52
C SER D 464 9.54 -23.43 -18.15
N TYR D 465 8.34 -22.82 -18.10
CA TYR D 465 7.77 -22.26 -16.84
C TYR D 465 6.23 -22.17 -16.93
N GLN D 466 5.56 -22.20 -15.78
CA GLN D 466 4.09 -22.08 -15.71
C GLN D 466 3.65 -20.60 -15.63
N ILE D 467 2.44 -20.27 -16.04
CA ILE D 467 1.98 -18.88 -16.02
C ILE D 467 0.50 -18.89 -16.23
N ARG D 468 -0.22 -17.99 -15.63
CA ARG D 468 -1.62 -18.02 -15.92
C ARG D 468 -2.08 -16.71 -16.49
N PHE D 469 -3.13 -16.70 -17.31
CA PHE D 469 -3.52 -15.45 -17.94
C PHE D 469 -4.89 -15.15 -17.48
N LEU D 470 -5.04 -14.11 -16.66
CA LEU D 470 -6.34 -13.73 -16.11
C LEU D 470 -7.09 -12.62 -16.84
N ALA D 471 -8.29 -12.94 -17.33
CA ALA D 471 -9.07 -11.99 -18.07
C ALA D 471 -9.36 -10.83 -17.21
N ARG D 472 -9.16 -9.65 -17.80
CA ARG D 472 -9.42 -8.33 -17.21
C ARG D 472 -10.78 -7.74 -17.54
N HIS D 473 -11.28 -6.85 -16.68
CA HIS D 473 -12.59 -6.15 -16.84
C HIS D 473 -13.00 -5.57 -15.50
CHA HEM E . -20.61 23.87 24.30
CHB HEM E . -18.85 19.37 24.53
CHC HEM E . -14.36 20.95 24.19
CHD HEM E . -15.96 25.49 23.97
C1A HEM E . -20.53 22.50 24.41
C2A HEM E . -21.61 21.59 24.70
C3A HEM E . -21.11 20.35 24.76
C4A HEM E . -19.69 20.46 24.54
CMA HEM E . -21.85 19.02 25.01
CAA HEM E . -23.10 21.95 24.87
CBA HEM E . -23.68 22.20 23.48
CGA HEM E . -25.13 22.52 23.61
O1A HEM E . -25.64 23.32 22.79
O2A HEM E . -25.78 21.96 24.54
C1B HEM E . -17.49 19.40 24.53
C2B HEM E . -16.62 18.28 24.76
C3B HEM E . -15.38 18.73 24.68
C4B HEM E . -15.44 20.14 24.39
CMB HEM E . -17.04 16.84 25.09
CAB HEM E . -14.07 17.94 24.85
CBB HEM E . -13.84 16.86 24.12
C1C HEM E . -14.40 22.31 24.08
C2C HEM E . -13.26 23.17 23.91
C3C HEM E . -13.69 24.42 23.86
C4C HEM E . -15.13 24.39 23.99
CMC HEM E . -11.81 22.71 23.82
CAC HEM E . -12.82 25.67 23.73
CBC HEM E . -12.77 26.32 22.57
C1D HEM E . -17.35 25.47 24.00
C2D HEM E . -18.17 26.64 23.88
C3D HEM E . -19.60 26.15 23.98
C4D HEM E . -19.53 24.72 24.16
CMD HEM E . -17.65 28.06 23.68
CAD HEM E . -20.86 26.98 23.91
CBD HEM E . -21.43 26.83 22.53
CGD HEM E . -22.60 27.76 22.51
O1D HEM E . -22.82 28.40 21.45
O2D HEM E . -23.28 27.85 23.57
NA HEM E . -19.36 21.78 24.32
NB HEM E . -16.74 20.53 24.29
NC HEM E . -15.55 23.07 24.13
ND HEM E . -18.18 24.36 24.16
FE HEM E . -17.52 22.38 23.98
C CGE F . -18.91 21.24 31.64
N CGE F . -17.63 23.51 31.90
O CGE F . -18.17 20.29 31.38
CL1 CGE F . -20.69 24.35 30.27
CA CGE F . -18.62 22.68 31.18
CAA CGE F . -21.36 21.70 32.32
CAD CGE F . -18.43 23.34 27.01
CAE CGE F . -17.46 22.51 27.56
CAF CGE F . -18.98 27.43 33.84
CAG CGE F . -19.43 23.92 27.79
CAH CGE F . -17.48 22.27 28.93
CAI CGE F . -18.96 26.08 34.15
CAJ CGE F . -16.81 25.59 30.97
CAK CGE F . -16.46 24.11 31.23
CAL CGE F . -18.00 23.80 33.29
OAM CGE F . -20.13 20.95 32.43
SAN CGE F . -18.09 27.69 32.38
CAP CGE F . -19.45 23.67 29.16
CAQ CGE F . -18.24 25.29 33.26
CAR CGE F . -17.66 26.05 32.14
CAS CGE F . -18.50 22.85 29.71
CHA HEM G . -33.75 -29.08 12.15
CHB HEM G . -30.78 -25.47 10.95
CHC HEM G . -27.35 -28.35 9.32
CHD HEM G . -30.17 -32.12 10.70
C1A HEM G . -33.24 -27.82 11.92
C2A HEM G . -33.95 -26.55 12.11
C3A HEM G . -33.09 -25.59 11.76
C4A HEM G . -31.85 -26.20 11.35
CMA HEM G . -33.32 -24.06 11.78
CAA HEM G . -35.42 -26.32 12.60
CBA HEM G . -35.43 -26.45 14.12
CGA HEM G . -36.81 -26.25 14.68
O1A HEM G . -37.58 -27.23 14.83
O2A HEM G . -37.17 -25.08 14.96
C1B HEM G . -29.66 -25.89 10.32
C2B HEM G . -28.75 -25.07 9.55
C3B HEM G . -27.81 -25.87 9.09
C4B HEM G . -28.09 -27.21 9.56
CMB HEM G . -28.88 -23.55 9.31
CAB HEM G . -26.61 -25.43 8.22
CBB HEM G . -25.70 -24.61 8.71
C1C HEM G . -27.84 -29.62 9.57
C2C HEM G . -27.15 -30.85 9.25
C3C HEM G . -27.93 -31.88 9.61
C4C HEM G . -29.13 -31.35 10.20
CMC HEM G . -25.79 -30.94 8.55
CAC HEM G . -27.61 -33.37 9.44
CBC HEM G . -27.44 -34.13 10.51
C1D HEM G . -31.38 -31.69 11.25
C2D HEM G . -32.42 -32.53 11.78
C3D HEM G . -33.52 -31.60 12.22
C4D HEM G . -33.07 -30.27 11.91
CMD HEM G . -32.39 -34.05 11.87
CAD HEM G . -34.83 -31.99 12.88
CBD HEM G . -34.73 -31.79 14.39
CGD HEM G . -36.11 -32.05 14.95
O1D HEM G . -36.23 -32.61 16.07
O2D HEM G . -37.09 -31.67 14.26
NA HEM G . -31.96 -27.56 11.47
NB HEM G . -29.22 -27.19 10.31
NC HEM G . -29.06 -29.95 10.17
ND HEM G . -31.80 -30.36 11.35
FE HEM G . -30.52 -28.73 10.92
C CGE H . -34.57 -26.58 4.66
N CGE H . -34.26 -29.08 4.03
O CGE H . -33.51 -26.03 4.40
CL1 CGE H . -36.69 -29.22 6.60
CA CGE H . -34.63 -28.06 5.04
CAA CGE H . -37.00 -26.05 5.34
CAD CGE H . -33.34 -29.19 8.92
CAE CGE H . -32.40 -28.62 8.08
CAF CGE H . -37.57 -32.00 2.93
CAG CGE H . -34.66 -29.40 8.52
CAH CGE H . -32.78 -28.23 6.80
CAI CGE H . -37.14 -30.74 2.53
CAJ CGE H . -33.94 -31.42 4.61
CAK CGE H . -33.21 -30.10 4.30
CAL CGE H . -35.10 -29.10 2.82
OAM CGE H . -35.80 -25.76 4.60
SAN CGE H . -36.38 -32.72 3.94
CAP CGE H . -35.03 -29.00 7.23
CAQ CGE H . -35.88 -30.37 3.02
CAR CGE H . -35.28 -31.42 3.87
CAS CGE H . -34.11 -28.42 6.40
CHA HEM I . 35.25 18.42 3.23
CHB HEM I . 31.72 17.92 -0.01
CHC HEM I . 28.54 20.21 2.79
CHD HEM I . 31.95 20.51 6.20
C1A HEM I . 34.56 18.13 2.07
C2A HEM I . 35.15 17.58 0.85
C3A HEM I . 34.16 17.43 -0.02
C4A HEM I . 32.94 17.89 0.60
CMA HEM I . 34.31 16.87 -1.46
CAA HEM I . 36.65 17.20 0.61
CBA HEM I . 36.90 15.94 1.44
CGA HEM I . 38.23 15.29 1.18
O1A HEM I . 38.61 14.50 2.07
O2A HEM I . 38.89 15.52 0.11
C1B HEM I . 30.58 18.57 0.43
C2B HEM I . 29.42 18.86 -0.37
C3B HEM I . 28.55 19.47 0.40
C4B HEM I . 29.14 19.62 1.71
CMB HEM I . 29.23 18.49 -1.83
CAB HEM I . 27.15 19.97 -0.01
CBB HEM I . 26.18 19.11 -0.33
C1C HEM I . 29.18 20.45 3.98
C2C HEM I . 28.58 20.99 5.20
C3C HEM I . 29.53 21.07 6.12
C4C HEM I . 30.75 20.57 5.53
CMC HEM I . 27.13 21.40 5.38
CAC HEM I . 29.42 21.61 7.54
CBC HEM I . 28.78 20.97 8.50
C1D HEM I . 33.11 19.92 5.73
C2D HEM I . 34.27 19.72 6.56
C3D HEM I . 35.30 19.07 5.66
C4D HEM I . 34.68 18.95 4.36
CMD HEM I . 34.38 20.11 8.02
CAD HEM I . 36.72 18.64 6.06
CBD HEM I . 36.72 17.22 6.53
CGD HEM I . 38.15 16.93 6.89
O1D HEM I . 38.38 16.05 7.75
O2D HEM I . 39.06 17.60 6.35
NA HEM I . 33.21 18.31 1.88
NB HEM I . 30.37 19.05 1.71
NC HEM I . 30.53 20.19 4.20
ND HEM I . 33.37 19.44 4.44
FE HEM I . 31.89 19.00 3.09
C CGE J . 34.88 24.54 -1.48
N CGE J . 34.74 26.00 0.65
O CGE J . 33.77 24.62 -2.01
CL1 CGE J . 37.42 23.62 1.29
CA CGE J . 35.11 24.73 0.01
CAA CGE J . 37.33 23.89 -1.87
CAD CGE J . 34.18 21.43 2.43
CAE CGE J . 33.12 22.04 1.76
CAF CGE J . 38.17 28.16 2.64
CAG CGE J . 35.50 21.86 2.30
CAH CGE J . 33.40 23.13 0.96
CAI CGE J . 37.61 28.10 1.38
CAJ CGE J . 34.69 26.20 3.06
CAK CGE J . 33.80 26.05 1.80
CAL CGE J . 35.48 27.18 0.16
OAM CGE J . 36.02 24.22 -2.37
SAN CGE J . 37.13 27.38 3.79
CAP CGE J . 35.76 22.96 1.50
CAQ CGE J . 36.38 27.44 1.33
CAR CGE J . 35.94 26.95 2.65
CAS CGE J . 34.72 23.57 0.84
CHA HEM K . 19.16 -13.09 -39.89
CHB HEM K . 17.88 -11.92 -35.39
CHC HEM K . 13.21 -12.50 -36.41
CHD HEM K . 14.35 -13.68 -40.97
C1A HEM K . 19.21 -12.73 -38.57
C2A HEM K . 20.43 -12.54 -37.79
C3A HEM K . 20.06 -12.21 -36.56
C4A HEM K . 18.62 -12.21 -36.50
CMA HEM K . 21.03 -11.90 -35.40
CAA HEM K . 21.90 -12.67 -38.26
CBA HEM K . 22.28 -11.48 -39.09
CGA HEM K . 23.71 -11.61 -39.51
O1A HEM K . 24.03 -12.51 -40.33
O2A HEM K . 24.52 -10.79 -39.00
C1B HEM K . 16.52 -12.03 -35.26
C2B HEM K . 15.78 -11.88 -34.03
C3B HEM K . 14.49 -12.04 -34.32
C4B HEM K . 14.38 -12.31 -35.72
CMB HEM K . 16.41 -11.60 -32.66
CAB HEM K . 13.30 -11.96 -33.32
CBB HEM K . 13.54 -11.78 -32.01
C1C HEM K . 13.13 -12.84 -37.73
C2C HEM K . 11.90 -13.16 -38.40
C3C HEM K . 12.18 -13.51 -39.67
C4C HEM K . 13.62 -13.41 -39.83
CMC HEM K . 10.55 -13.11 -37.69
CAC HEM K . 11.17 -13.95 -40.72
CBC HEM K . 11.00 -13.23 -41.80
C1D HEM K . 15.75 -13.64 -41.09
C2D HEM K . 16.49 -13.96 -42.30
C3D HEM K . 17.96 -13.78 -41.97
C4D HEM K . 18.01 -13.37 -40.59
CMD HEM K . 15.87 -14.40 -43.63
CAD HEM K . 19.15 -13.95 -42.88
CBD HEM K . 19.34 -12.63 -43.62
CGD HEM K . 20.62 -12.71 -44.43
O1D HEM K . 20.70 -11.93 -45.41
O2D HEM K . 21.56 -13.52 -44.11
NA HEM K . 18.13 -12.52 -37.75
NB HEM K . 15.64 -12.30 -36.28
NC HEM K . 14.19 -12.98 -38.62
ND HEM K . 16.69 -13.29 -40.11
FE HEM K . 16.19 -12.63 -38.24
C CGE L . 18.67 -19.19 -34.80
N CGE L . 17.29 -20.29 -36.65
O CGE L . 17.87 -18.96 -33.90
CL1 CGE L . 20.01 -18.75 -38.34
CA CGE L . 18.26 -19.27 -36.26
CAA CGE L . 21.14 -19.43 -35.39
CAD CGE L . 17.43 -15.59 -38.14
CAE CGE L . 16.60 -15.95 -37.08
CAF CGE L . 18.40 -23.64 -39.54
CAG CGE L . 18.49 -16.39 -38.56
CAH CGE L . 16.83 -17.17 -36.43
CAI CGE L . 18.51 -23.37 -38.19
CAJ CGE L . 16.24 -20.33 -38.83
CAK CGE L . 16.05 -19.92 -37.36
CAL CGE L . 17.72 -21.67 -36.37
OAM CGE L . 20.08 -19.37 -34.43
SAN CGE L . 17.39 -22.43 -40.26
CAP CGE L . 18.71 -17.61 -37.91
CAQ CGE L . 17.82 -22.25 -37.75
CAR CGE L . 17.10 -21.56 -38.84
CAS CGE L . 17.90 -17.97 -36.86
#